data_4HLQ
#
_entry.id   4HLQ
#
_cell.length_a   88.170
_cell.length_b   118.640
_cell.length_c   290.110
_cell.angle_alpha   90.00
_cell.angle_beta   90.00
_cell.angle_gamma   90.00
#
_symmetry.space_group_name_H-M   'P 21 21 21'
#
loop_
_entity.id
_entity.type
_entity.pdbx_description
1 polymer 'TBC1 domain family member 20'
2 polymer 'Ras-related protein Rab-1B'
3 non-polymer 'SULFATE ION'
4 non-polymer 'MAGNESIUM ION'
5 non-polymer "GUANOSINE-5'-DIPHOSPHATE"
6 non-polymer 'BERYLLIUM TRIFLUORIDE ION'
7 water water
#
loop_
_entity_poly.entity_id
_entity_poly.type
_entity_poly.pdbx_seq_one_letter_code
_entity_poly.pdbx_strand_id
1 'polypeptide(L)'
;MALRSAQGDGPTSGHWDGGAEKADFNAKRKKKVAEIHQALNSDPTDVAALRRMAISEGGLLTDEIRRKVWPKLLNVNAND
PPPISGKNLRQMSKDYQQVLLDVRRSLRRFPPGMPEEQREGLQEELIDIILLILERNPQLHYYQGYHDIVVTFLLVVGER
LATSLVEKLSTHHLRDFMDPTMDNTKHILNYLMPIIDQVNPELHDFMQSAEVGTIFALSWLITWFGHVLSDFRHVVRLYD
FFLACHPLMPIYFAAVIVLYREQEVLDCDCDMASVHHLLSQIPQDLPYETLISRAGDLFVQFPPS
;
A,C,E,G,I
2 'polypeptide(L)'
;GHMPEYDYLFKLLLIGDSGVGKSCLLLRFADDTYTESYISTIGVDFKIRTIELDGKTIKLQIWDTAGQERFRTITSSYYR
GAHGIIVVYDVTDQESYANVKQWLQEIDRYASENVNKLLVGNKSDLTTKKVVDNTTAKEFADSLGIPFLETSAKNATNVE
QAFMTMAAEIKKRMG
;
B,D,F,H,J
#
loop_
_chem_comp.id
_chem_comp.type
_chem_comp.name
_chem_comp.formula
BEF non-polymer 'BERYLLIUM TRIFLUORIDE ION' 'Be F3 -1'
GDP RNA linking GUANOSINE-5'-DIPHOSPHATE 'C10 H15 N5 O11 P2'
MG non-polymer 'MAGNESIUM ION' 'Mg 2'
SO4 non-polymer 'SULFATE ION' 'O4 S -2'
#
# COMPACT_ATOMS: atom_id res chain seq x y z
N PHE A 25 1.72 28.64 6.81
CA PHE A 25 1.09 27.71 7.79
C PHE A 25 -0.43 27.93 7.93
N ASN A 26 -0.86 29.20 8.00
CA ASN A 26 -2.27 29.56 8.26
C ASN A 26 -3.32 28.90 7.35
N ALA A 27 -3.24 29.18 6.05
CA ALA A 27 -4.14 28.57 5.07
C ALA A 27 -4.01 27.04 5.08
N LYS A 28 -2.77 26.57 5.19
CA LYS A 28 -2.46 25.14 5.27
C LYS A 28 -3.05 24.50 6.53
N ARG A 29 -3.09 25.27 7.61
CA ARG A 29 -3.72 24.83 8.86
C ARG A 29 -5.23 24.90 8.73
N LYS A 30 -5.73 25.97 8.12
CA LYS A 30 -7.16 26.15 7.88
C LYS A 30 -7.74 24.95 7.13
N LYS A 31 -6.99 24.49 6.12
CA LYS A 31 -7.38 23.30 5.36
C LYS A 31 -7.49 22.07 6.24
N LYS A 32 -6.50 21.89 7.12
CA LYS A 32 -6.44 20.73 8.00
C LYS A 32 -7.67 20.62 8.90
N VAL A 33 -8.13 21.75 9.45
CA VAL A 33 -9.31 21.77 10.31
C VAL A 33 -10.54 21.32 9.51
N ALA A 34 -10.62 21.79 8.27
CA ALA A 34 -11.69 21.38 7.36
C ALA A 34 -11.56 19.91 6.97
N GLU A 35 -10.33 19.44 6.77
CA GLU A 35 -10.06 18.03 6.49
C GLU A 35 -10.47 17.15 7.66
N ILE A 36 -10.08 17.53 8.87
CA ILE A 36 -10.38 16.78 10.08
C ILE A 36 -11.88 16.76 10.36
N HIS A 37 -12.56 17.87 10.09
CA HIS A 37 -14.00 17.95 10.31
C HIS A 37 -14.78 17.13 9.29
N GLN A 38 -14.29 17.11 8.05
CA GLN A 38 -14.89 16.30 6.99
C GLN A 38 -14.82 14.81 7.33
N ALA A 39 -13.74 14.40 7.99
CA ALA A 39 -13.51 13.01 8.33
C ALA A 39 -14.39 12.52 9.49
N LEU A 40 -14.70 13.43 10.41
CA LEU A 40 -15.60 13.10 11.53
C LEU A 40 -17.05 12.98 11.08
N ASN A 41 -17.40 13.75 10.05
CA ASN A 41 -18.76 13.77 9.50
C ASN A 41 -19.06 12.66 8.50
N SER A 42 -18.01 12.08 7.91
CA SER A 42 -18.14 11.01 6.91
C SER A 42 -19.09 9.91 7.36
N ASP A 43 -19.84 9.35 6.40
CA ASP A 43 -20.96 8.43 6.66
C ASP A 43 -20.67 7.41 7.78
N PRO A 44 -19.57 6.63 7.64
CA PRO A 44 -18.85 6.16 8.83
C PRO A 44 -17.58 7.00 9.03
N THR A 45 -17.24 7.31 10.28
CA THR A 45 -16.08 8.18 10.56
C THR A 45 -14.82 7.70 9.88
N ASP A 46 -14.23 8.55 9.03
CA ASP A 46 -13.00 8.24 8.31
C ASP A 46 -11.81 8.22 9.26
N VAL A 47 -11.70 7.16 10.05
CA VAL A 47 -10.62 6.99 11.04
C VAL A 47 -9.24 6.99 10.38
N ALA A 48 -9.18 6.44 9.16
CA ALA A 48 -7.95 6.36 8.40
C ALA A 48 -7.36 7.74 8.17
N ALA A 49 -8.21 8.66 7.71
CA ALA A 49 -7.77 10.02 7.44
C ALA A 49 -7.48 10.81 8.72
N LEU A 50 -8.09 10.40 9.83
CA LEU A 50 -7.84 11.03 11.13
C LEU A 50 -6.47 10.63 11.67
N ARG A 51 -6.14 9.35 11.54
CA ARG A 51 -4.80 8.85 11.85
C ARG A 51 -3.79 9.60 11.00
N ARG A 52 -4.08 9.67 9.70
CA ARG A 52 -3.22 10.33 8.73
C ARG A 52 -3.03 11.81 9.06
N MET A 53 -4.11 12.47 9.45
CA MET A 53 -4.05 13.86 9.90
C MET A 53 -3.27 13.99 11.20
N ALA A 54 -3.38 12.98 12.07
CA ALA A 54 -2.67 12.98 13.36
C ALA A 54 -1.15 12.84 13.18
N ILE A 55 -0.74 12.11 12.15
CA ILE A 55 0.68 11.88 11.89
C ILE A 55 1.33 13.07 11.16
N SER A 56 0.52 13.77 10.36
CA SER A 56 1.00 14.90 9.55
C SER A 56 1.36 16.12 10.40
N GLU A 57 2.05 17.08 9.79
CA GLU A 57 2.60 18.23 10.50
C GLU A 57 1.57 19.00 11.32
N GLY A 58 1.80 19.08 12.63
CA GLY A 58 0.99 19.89 13.54
C GLY A 58 0.03 19.11 14.41
N GLY A 59 -0.12 17.82 14.09
CA GLY A 59 -1.04 16.95 14.82
C GLY A 59 -2.51 17.32 14.63
N LEU A 60 -3.27 17.27 15.72
CA LEU A 60 -4.68 17.61 15.68
C LEU A 60 -4.97 19.03 16.15
N LEU A 61 -3.93 19.86 16.19
CA LEU A 61 -4.05 21.32 16.39
C LEU A 61 -4.66 21.73 17.74
N THR A 62 -5.95 22.07 17.77
CA THR A 62 -6.62 22.41 19.03
C THR A 62 -7.02 21.18 19.87
N ASP A 63 -7.02 21.34 21.19
CA ASP A 63 -7.46 20.29 22.12
C ASP A 63 -8.93 19.99 21.92
N GLU A 64 -9.68 20.98 21.44
CA GLU A 64 -11.10 20.84 21.12
C GLU A 64 -11.34 19.83 19.98
N ILE A 65 -10.49 19.89 18.95
CA ILE A 65 -10.51 18.89 17.89
C ILE A 65 -10.23 17.53 18.51
N ARG A 66 -9.31 17.50 19.48
CA ARG A 66 -8.87 16.26 20.11
C ARG A 66 -9.97 15.56 20.91
N ARG A 67 -10.80 16.35 21.60
CA ARG A 67 -11.93 15.82 22.37
C ARG A 67 -12.84 14.95 21.49
N LYS A 68 -12.90 15.29 20.21
CA LYS A 68 -13.69 14.56 19.22
C LYS A 68 -12.88 13.40 18.67
N VAL A 69 -11.65 13.70 18.25
CA VAL A 69 -10.84 12.77 17.47
C VAL A 69 -10.26 11.61 18.29
N TRP A 70 -9.62 11.94 19.42
CA TRP A 70 -8.95 10.94 20.26
C TRP A 70 -9.82 9.72 20.59
N PRO A 71 -11.10 9.95 20.96
CA PRO A 71 -12.00 8.82 21.20
C PRO A 71 -12.18 7.92 19.99
N LYS A 72 -12.32 8.55 18.82
CA LYS A 72 -12.43 7.82 17.56
C LYS A 72 -11.16 6.99 17.35
N LEU A 73 -10.02 7.58 17.67
CA LEU A 73 -8.70 6.95 17.50
C LEU A 73 -8.47 5.74 18.39
N LEU A 74 -9.13 5.72 19.54
CA LEU A 74 -8.99 4.60 20.48
C LEU A 74 -10.17 3.61 20.46
N ASN A 75 -11.20 3.94 19.69
CA ASN A 75 -12.40 3.10 19.55
C ASN A 75 -13.30 3.09 20.79
N VAL A 76 -12.97 3.90 21.78
CA VAL A 76 -13.87 4.17 22.90
C VAL A 76 -14.96 5.13 22.42
N ASN A 77 -16.22 4.84 22.75
CA ASN A 77 -17.32 5.69 22.32
C ASN A 77 -17.39 6.99 23.12
N ALA A 78 -17.34 8.12 22.43
CA ALA A 78 -17.31 9.44 23.07
C ALA A 78 -18.62 9.78 23.79
N ASN A 79 -19.72 9.20 23.34
CA ASN A 79 -21.05 9.50 23.87
C ASN A 79 -21.63 8.44 24.81
N ASP A 80 -20.74 7.66 25.42
CA ASP A 80 -21.11 6.70 26.46
C ASP A 80 -21.33 7.42 27.80
N PRO A 81 -22.16 6.85 28.69
CA PRO A 81 -22.29 7.42 30.04
C PRO A 81 -21.01 7.20 30.85
N PRO A 82 -20.73 8.08 31.83
CA PRO A 82 -19.53 7.95 32.68
C PRO A 82 -19.56 6.70 33.54
N PRO A 83 -18.38 6.16 33.90
CA PRO A 83 -18.32 5.00 34.80
C PRO A 83 -18.68 5.40 36.24
N ILE A 84 -19.28 4.49 36.99
CA ILE A 84 -19.66 4.74 38.39
C ILE A 84 -18.44 4.70 39.32
N SER A 85 -18.15 5.81 39.98
CA SER A 85 -17.08 5.88 40.97
C SER A 85 -17.66 5.61 42.36
N GLY A 86 -17.40 4.40 42.86
CA GLY A 86 -17.99 3.92 44.10
C GLY A 86 -17.65 4.73 45.33
N LYS A 87 -18.32 4.40 46.43
CA LYS A 87 -18.30 5.21 47.66
C LYS A 87 -16.90 5.56 48.17
N ASN A 88 -16.11 4.55 48.57
CA ASN A 88 -14.83 4.83 49.21
C ASN A 88 -13.61 4.52 48.33
N LEU A 89 -13.51 5.18 47.18
CA LEU A 89 -12.50 4.86 46.17
C LEU A 89 -11.08 4.86 46.75
N ARG A 90 -10.69 5.98 47.34
CA ARG A 90 -9.34 6.15 47.88
C ARG A 90 -9.10 5.25 49.08
N GLN A 91 -10.10 5.17 49.96
CA GLN A 91 -10.00 4.45 51.22
C GLN A 91 -9.54 3.00 51.07
N MET A 92 -10.20 2.27 50.17
CA MET A 92 -9.97 0.84 50.01
C MET A 92 -8.89 0.48 49.00
N SER A 93 -8.54 1.43 48.13
CA SER A 93 -7.56 1.17 47.08
C SER A 93 -6.14 1.03 47.65
N LYS A 94 -5.50 -0.08 47.31
CA LYS A 94 -4.13 -0.37 47.75
C LYS A 94 -3.12 0.66 47.24
N ASP A 95 -3.47 1.34 46.16
CA ASP A 95 -2.53 2.25 45.48
C ASP A 95 -2.71 3.72 45.84
N TYR A 96 -3.55 4.02 46.85
CA TYR A 96 -3.79 5.42 47.22
C TYR A 96 -2.53 6.17 47.59
N GLN A 97 -1.76 5.64 48.52
CA GLN A 97 -0.57 6.33 49.04
C GLN A 97 0.43 6.68 47.95
N GLN A 98 0.78 5.69 47.13
CA GLN A 98 1.75 5.89 46.05
C GLN A 98 1.25 6.92 45.03
N VAL A 99 0.02 6.75 44.58
CA VAL A 99 -0.56 7.64 43.58
C VAL A 99 -0.59 9.07 44.10
N LEU A 100 -1.10 9.24 45.32
CA LEU A 100 -1.13 10.54 45.99
C LEU A 100 0.26 11.15 45.96
N LEU A 101 1.25 10.35 46.35
CA LEU A 101 2.62 10.79 46.39
C LEU A 101 3.04 11.37 45.03
N ASP A 102 2.84 10.60 43.96
CA ASP A 102 3.24 11.04 42.63
C ASP A 102 2.50 12.27 42.12
N VAL A 103 1.21 12.35 42.42
CA VAL A 103 0.37 13.47 41.98
C VAL A 103 0.85 14.77 42.62
N ARG A 104 1.17 14.72 43.92
CA ARG A 104 1.72 15.87 44.63
C ARG A 104 2.88 16.47 43.87
N ARG A 105 3.75 15.60 43.37
CA ARG A 105 4.94 15.97 42.61
C ARG A 105 4.68 15.88 41.12
N SER A 106 3.49 16.32 40.70
CA SER A 106 3.15 16.40 39.28
C SER A 106 3.02 17.88 38.90
N LEU A 107 3.25 18.74 39.88
CA LEU A 107 2.99 20.18 39.79
C LEU A 107 3.48 20.85 38.50
N ARG A 108 4.67 20.47 38.03
CA ARG A 108 5.33 21.13 36.91
C ARG A 108 4.68 20.85 35.55
N ARG A 109 3.74 19.91 35.54
CA ARG A 109 3.03 19.54 34.31
C ARG A 109 1.81 20.43 34.06
N PHE A 110 1.45 21.22 35.05
CA PHE A 110 0.37 22.19 34.95
C PHE A 110 0.87 23.53 34.42
N PRO A 111 0.04 24.22 33.60
CA PRO A 111 0.35 25.56 33.13
C PRO A 111 0.75 26.49 34.27
N PRO A 112 1.84 27.27 34.09
CA PRO A 112 2.32 28.20 35.12
C PRO A 112 1.22 29.18 35.55
N GLY A 113 0.34 29.51 34.61
CA GLY A 113 -0.75 30.46 34.81
C GLY A 113 -1.81 30.05 35.80
N MET A 114 -2.35 28.83 35.63
CA MET A 114 -3.53 28.40 36.40
C MET A 114 -3.33 28.46 37.92
N PRO A 115 -4.28 29.09 38.64
CA PRO A 115 -4.17 29.31 40.08
C PRO A 115 -4.19 28.02 40.90
N GLU A 116 -3.71 28.11 42.14
CA GLU A 116 -3.60 26.95 43.04
C GLU A 116 -4.93 26.24 43.26
N GLU A 117 -6.00 27.01 43.49
CA GLU A 117 -7.32 26.44 43.74
C GLU A 117 -7.78 25.53 42.60
N GLN A 118 -7.65 26.01 41.36
CA GLN A 118 -8.01 25.22 40.18
C GLN A 118 -7.09 24.01 40.01
N ARG A 119 -5.80 24.24 40.15
CA ARG A 119 -4.81 23.17 39.95
C ARG A 119 -5.02 22.02 40.92
N GLU A 120 -5.23 22.35 42.19
CA GLU A 120 -5.44 21.34 43.24
C GLU A 120 -6.68 20.52 42.98
N GLY A 121 -7.72 21.16 42.47
CA GLY A 121 -8.96 20.50 42.07
C GLY A 121 -8.69 19.45 41.01
N LEU A 122 -7.92 19.83 39.98
CA LEU A 122 -7.50 18.91 38.92
C LEU A 122 -6.64 17.77 39.46
N GLN A 123 -5.77 18.09 40.41
CA GLN A 123 -4.92 17.09 41.05
C GLN A 123 -5.75 16.06 41.83
N GLU A 124 -6.72 16.55 42.58
CA GLU A 124 -7.69 15.70 43.28
C GLU A 124 -8.49 14.85 42.28
N GLU A 125 -8.77 15.43 41.12
CA GLU A 125 -9.41 14.72 40.04
C GLU A 125 -8.49 13.59 39.55
N LEU A 126 -7.24 13.96 39.24
CA LEU A 126 -6.20 13.06 38.72
C LEU A 126 -6.00 11.79 39.55
N ILE A 127 -5.97 11.95 40.88
CA ILE A 127 -5.85 10.81 41.80
C ILE A 127 -7.03 9.84 41.61
N ASP A 128 -8.23 10.40 41.52
CA ASP A 128 -9.44 9.59 41.39
C ASP A 128 -9.56 8.83 40.05
N ILE A 129 -9.16 9.46 38.94
CA ILE A 129 -9.16 8.76 37.64
C ILE A 129 -8.28 7.51 37.73
N ILE A 130 -7.03 7.71 38.12
CA ILE A 130 -6.04 6.63 38.25
C ILE A 130 -6.55 5.47 39.10
N LEU A 131 -7.04 5.78 40.30
CA LEU A 131 -7.49 4.77 41.27
C LEU A 131 -8.70 3.99 40.80
N LEU A 132 -9.57 4.67 40.05
CA LEU A 132 -10.73 4.04 39.44
C LEU A 132 -10.29 3.05 38.36
N ILE A 133 -9.48 3.52 37.41
CA ILE A 133 -8.99 2.65 36.33
C ILE A 133 -8.34 1.41 36.92
N LEU A 134 -7.53 1.61 37.96
CA LEU A 134 -6.86 0.52 38.66
C LEU A 134 -7.84 -0.42 39.34
N GLU A 135 -8.97 0.11 39.79
CA GLU A 135 -10.04 -0.71 40.37
C GLU A 135 -10.80 -1.47 39.29
N ARG A 136 -11.26 -0.77 38.26
CA ARG A 136 -12.05 -1.38 37.18
C ARG A 136 -11.26 -2.49 36.51
N ASN A 137 -9.94 -2.34 36.48
CA ASN A 137 -9.05 -3.35 35.94
C ASN A 137 -8.05 -3.84 36.99
N PRO A 138 -8.42 -4.92 37.71
CA PRO A 138 -7.61 -5.51 38.77
C PRO A 138 -6.25 -6.06 38.33
N GLN A 139 -6.14 -6.50 37.07
CA GLN A 139 -4.88 -7.08 36.57
C GLN A 139 -3.80 -6.03 36.34
N LEU A 140 -4.21 -4.78 36.16
CA LEU A 140 -3.29 -3.67 35.93
C LEU A 140 -2.57 -3.22 37.21
N HIS A 141 -1.28 -2.96 37.07
CA HIS A 141 -0.44 -2.53 38.18
C HIS A 141 0.06 -1.10 38.01
N TYR A 142 -0.10 -0.30 39.05
CA TYR A 142 0.39 1.07 39.02
C TYR A 142 1.91 1.12 38.98
N TYR A 143 2.44 2.06 38.20
CA TYR A 143 3.87 2.35 38.20
C TYR A 143 4.09 3.86 38.28
N GLN A 144 5.18 4.26 38.95
CA GLN A 144 5.59 5.66 38.96
C GLN A 144 5.79 6.12 37.53
N GLY A 145 4.98 7.09 37.11
CA GLY A 145 5.08 7.61 35.77
C GLY A 145 3.77 7.54 35.02
N TYR A 146 2.96 6.53 35.36
CA TYR A 146 1.60 6.41 34.83
C TYR A 146 0.87 7.74 34.95
N HIS A 147 1.10 8.43 36.08
CA HIS A 147 0.45 9.69 36.37
C HIS A 147 0.75 10.78 35.35
N ASP A 148 1.89 10.65 34.66
CA ASP A 148 2.26 11.63 33.62
C ASP A 148 1.40 11.48 32.38
N ILE A 149 0.96 10.25 32.13
CA ILE A 149 0.05 9.97 31.03
C ILE A 149 -1.35 10.47 31.38
N VAL A 150 -1.86 10.06 32.53
CA VAL A 150 -3.23 10.38 32.88
C VAL A 150 -3.43 11.89 32.91
N VAL A 151 -2.48 12.61 33.48
CA VAL A 151 -2.60 14.07 33.58
C VAL A 151 -2.61 14.74 32.21
N THR A 152 -1.94 14.12 31.23
CA THR A 152 -1.93 14.65 29.88
C THR A 152 -3.33 14.57 29.30
N PHE A 153 -3.95 13.41 29.42
CA PHE A 153 -5.34 13.23 28.99
C PHE A 153 -6.29 14.15 29.74
N LEU A 154 -6.15 14.22 31.07
CA LEU A 154 -7.00 15.06 31.92
C LEU A 154 -7.03 16.51 31.45
N LEU A 155 -5.90 17.00 30.93
CA LEU A 155 -5.82 18.39 30.49
C LEU A 155 -6.25 18.63 29.03
N VAL A 156 -6.50 17.55 28.30
CA VAL A 156 -7.01 17.63 26.92
C VAL A 156 -8.48 17.18 26.86
N VAL A 157 -8.69 15.88 27.07
CA VAL A 157 -10.01 15.27 27.00
C VAL A 157 -10.93 15.77 28.11
N GLY A 158 -10.36 16.01 29.30
CA GLY A 158 -11.14 16.37 30.47
C GLY A 158 -11.41 15.13 31.31
N GLU A 159 -11.79 15.32 32.57
CA GLU A 159 -11.96 14.21 33.51
C GLU A 159 -12.81 13.05 32.99
N ARG A 160 -13.98 13.38 32.42
CA ARG A 160 -14.94 12.36 31.99
C ARG A 160 -14.41 11.54 30.83
N LEU A 161 -13.85 12.23 29.85
CA LEU A 161 -13.29 11.60 28.67
C LEU A 161 -11.95 10.93 28.96
N ALA A 162 -11.08 11.63 29.68
CA ALA A 162 -9.78 11.08 30.07
C ALA A 162 -9.88 9.74 30.76
N THR A 163 -10.88 9.57 31.62
CA THR A 163 -10.98 8.34 32.41
C THR A 163 -11.25 7.11 31.54
N SER A 164 -12.11 7.25 30.53
CA SER A 164 -12.44 6.16 29.62
C SER A 164 -11.33 5.87 28.60
N LEU A 165 -10.73 6.92 28.04
CA LEU A 165 -9.68 6.78 27.04
C LEU A 165 -8.41 6.11 27.58
N VAL A 166 -7.97 6.55 28.77
CA VAL A 166 -6.76 6.01 29.40
C VAL A 166 -6.97 4.54 29.78
N GLU A 167 -8.19 4.17 30.12
CA GLU A 167 -8.51 2.77 30.42
C GLU A 167 -8.21 1.90 29.21
N LYS A 168 -8.70 2.31 28.03
CA LYS A 168 -8.40 1.63 26.77
C LYS A 168 -6.91 1.53 26.52
N LEU A 169 -6.21 2.66 26.73
CA LEU A 169 -4.77 2.71 26.60
C LEU A 169 -4.12 1.72 27.57
N SER A 170 -4.54 1.76 28.83
CA SER A 170 -3.97 0.93 29.88
C SER A 170 -4.07 -0.56 29.58
N THR A 171 -5.02 -0.93 28.73
CA THR A 171 -5.23 -2.34 28.41
C THR A 171 -4.69 -2.72 27.03
N HIS A 172 -4.02 -1.79 26.37
CA HIS A 172 -3.45 -2.06 25.05
C HIS A 172 -2.03 -1.55 24.88
N HIS A 173 -1.89 -0.24 24.73
CA HIS A 173 -0.58 0.36 24.51
C HIS A 173 0.34 0.26 25.73
N LEU A 174 -0.22 0.51 26.91
CA LEU A 174 0.55 0.48 28.16
C LEU A 174 0.38 -0.84 28.91
N ARG A 175 -0.24 -1.81 28.25
CA ARG A 175 -0.55 -3.10 28.86
C ARG A 175 0.66 -3.75 29.53
N ASP A 176 1.82 -3.64 28.89
CA ASP A 176 3.03 -4.30 29.39
C ASP A 176 3.71 -3.56 30.53
N PHE A 177 3.51 -2.23 30.59
CA PHE A 177 4.10 -1.39 31.61
C PHE A 177 3.45 -1.64 32.96
N MET A 178 2.27 -2.26 32.93
CA MET A 178 1.47 -2.48 34.13
C MET A 178 1.38 -3.96 34.49
N ASP A 179 2.33 -4.74 33.99
CA ASP A 179 2.47 -6.13 34.41
C ASP A 179 3.06 -6.11 35.81
N PRO A 180 2.84 -7.18 36.61
CA PRO A 180 3.38 -7.20 37.98
C PRO A 180 4.87 -6.82 38.04
N THR A 181 5.68 -7.41 37.15
CA THR A 181 7.12 -7.16 37.11
C THR A 181 7.51 -6.23 35.96
N MET A 182 8.79 -5.90 35.87
CA MET A 182 9.32 -5.01 34.84
C MET A 182 9.81 -5.73 33.58
N ASP A 183 9.60 -7.06 33.56
CA ASP A 183 10.10 -7.96 32.53
C ASP A 183 9.81 -7.55 31.08
N ASN A 184 8.53 -7.45 30.71
CA ASN A 184 8.16 -7.04 29.35
C ASN A 184 8.65 -5.65 28.97
N THR A 185 8.63 -4.72 29.93
CA THR A 185 9.13 -3.36 29.71
C THR A 185 10.62 -3.37 29.40
N LYS A 186 11.40 -4.04 30.24
CA LYS A 186 12.81 -4.26 29.98
C LYS A 186 13.03 -4.72 28.54
N HIS A 187 12.29 -5.77 28.15
CA HIS A 187 12.38 -6.32 26.80
C HIS A 187 12.11 -5.26 25.75
N ILE A 188 11.06 -4.46 25.96
CA ILE A 188 10.74 -3.38 25.02
C ILE A 188 11.91 -2.40 24.93
N LEU A 189 12.45 -1.99 26.07
CA LEU A 189 13.63 -1.11 26.13
C LEU A 189 14.84 -1.64 25.34
N ASN A 190 15.07 -2.95 25.42
CA ASN A 190 16.14 -3.61 24.69
C ASN A 190 16.11 -3.42 23.17
N TYR A 191 14.93 -3.16 22.62
CA TYR A 191 14.75 -2.92 21.18
C TYR A 191 15.60 -1.77 20.70
N LEU A 192 15.72 -0.74 21.54
CA LEU A 192 16.40 0.49 21.17
C LEU A 192 17.71 0.20 20.43
N MET A 193 18.47 -0.75 20.94
CA MET A 193 19.81 -1.04 20.42
C MET A 193 19.83 -1.73 19.03
N PRO A 194 19.04 -2.80 18.82
CA PRO A 194 18.95 -3.36 17.47
C PRO A 194 18.47 -2.37 16.41
N ILE A 195 17.62 -1.42 16.81
CA ILE A 195 17.17 -0.35 15.92
C ILE A 195 18.33 0.59 15.54
N ILE A 196 19.08 1.06 16.53
CA ILE A 196 20.23 1.94 16.29
C ILE A 196 21.21 1.25 15.33
N ASP A 197 21.43 -0.05 15.56
CA ASP A 197 22.32 -0.89 14.76
C ASP A 197 21.97 -0.98 13.27
N GLN A 198 20.66 -0.97 12.98
CA GLN A 198 20.13 -0.97 11.61
C GLN A 198 20.46 0.31 10.84
N VAL A 199 20.50 1.44 11.54
CA VAL A 199 20.64 2.77 10.91
C VAL A 199 22.05 3.35 11.05
N ASN A 200 22.73 2.99 12.14
CA ASN A 200 24.06 3.52 12.41
C ASN A 200 24.89 2.52 13.21
N PRO A 201 25.34 1.42 12.56
CA PRO A 201 26.02 0.31 13.23
C PRO A 201 27.18 0.77 14.09
N GLU A 202 27.96 1.71 13.58
CA GLU A 202 29.09 2.28 14.31
C GLU A 202 28.65 2.88 15.67
N LEU A 203 27.60 3.68 15.66
CA LEU A 203 27.07 4.25 16.92
C LEU A 203 26.69 3.15 17.90
N HIS A 204 25.94 2.16 17.43
CA HIS A 204 25.58 0.99 18.24
C HIS A 204 26.81 0.37 18.90
N ASP A 205 27.91 0.30 18.17
CA ASP A 205 29.15 -0.28 18.68
C ASP A 205 29.84 0.61 19.72
N PHE A 206 29.75 1.92 19.53
CA PHE A 206 30.27 2.88 20.51
C PHE A 206 29.53 2.78 21.84
N MET A 207 28.20 2.75 21.78
CA MET A 207 27.37 2.70 22.99
C MET A 207 27.56 1.42 23.78
N GLN A 208 27.73 0.31 23.07
CA GLN A 208 27.99 -0.98 23.72
C GLN A 208 29.34 -1.02 24.40
N SER A 209 30.32 -0.35 23.81
CA SER A 209 31.65 -0.23 24.41
C SER A 209 31.51 0.47 25.76
N ALA A 210 30.71 1.54 25.79
CA ALA A 210 30.50 2.33 26.99
C ALA A 210 29.65 1.62 28.02
N GLU A 211 28.87 0.64 27.55
CA GLU A 211 27.88 -0.07 28.37
C GLU A 211 26.88 0.90 29.00
N VAL A 212 26.19 1.65 28.14
CA VAL A 212 25.22 2.64 28.56
C VAL A 212 23.93 1.97 28.97
N GLY A 213 23.64 0.84 28.34
CA GLY A 213 22.35 0.17 28.53
C GLY A 213 21.24 0.97 27.89
N THR A 214 20.02 0.78 28.37
CA THR A 214 18.84 1.40 27.76
C THR A 214 17.94 2.06 28.80
N ILE A 215 18.38 2.10 30.05
CA ILE A 215 17.58 2.63 31.15
C ILE A 215 17.46 4.17 31.07
N PHE A 216 18.09 4.77 30.07
CA PHE A 216 17.97 6.21 29.87
C PHE A 216 16.63 6.55 29.20
N ALA A 217 16.02 5.55 28.59
CA ALA A 217 14.76 5.73 27.87
C ALA A 217 13.54 5.27 28.69
N LEU A 218 13.80 4.80 29.90
CA LEU A 218 12.73 4.30 30.76
C LEU A 218 11.66 5.36 30.96
N SER A 219 12.07 6.52 31.45
CA SER A 219 11.19 7.69 31.61
C SER A 219 10.43 7.98 30.32
N TRP A 220 11.16 7.92 29.20
CA TRP A 220 10.64 8.23 27.88
C TRP A 220 9.53 7.28 27.47
N LEU A 221 9.84 5.99 27.46
CA LEU A 221 8.91 4.95 27.02
C LEU A 221 7.65 4.85 27.86
N ILE A 222 7.83 4.88 29.19
CA ILE A 222 6.75 4.65 30.15
C ILE A 222 5.75 5.80 30.29
N THR A 223 6.18 7.03 30.03
CA THR A 223 5.27 8.17 30.19
C THR A 223 4.95 8.86 28.86
N TRP A 224 5.30 8.20 27.76
CA TRP A 224 5.19 8.76 26.41
C TRP A 224 5.91 10.11 26.29
N PHE A 225 7.17 10.13 26.74
CA PHE A 225 7.98 11.35 26.77
C PHE A 225 7.29 12.50 27.52
N GLY A 226 6.24 12.19 28.28
CA GLY A 226 5.48 13.20 29.02
C GLY A 226 6.12 13.64 30.32
N HIS A 227 6.87 12.74 30.94
CA HIS A 227 7.63 13.04 32.15
C HIS A 227 8.85 13.91 31.87
N VAL A 228 9.30 13.93 30.62
CA VAL A 228 10.63 14.40 30.22
C VAL A 228 10.60 15.70 29.39
N LEU A 229 9.58 15.85 28.55
CA LEU A 229 9.42 17.07 27.76
C LEU A 229 8.66 18.11 28.54
N SER A 230 9.23 19.30 28.62
CA SER A 230 8.65 20.39 29.39
C SER A 230 7.42 21.03 28.73
N ASP A 231 7.53 21.36 27.44
CA ASP A 231 6.45 22.08 26.75
C ASP A 231 5.24 21.23 26.42
N PHE A 232 4.14 21.50 27.12
CA PHE A 232 2.91 20.71 27.04
C PHE A 232 2.34 20.56 25.63
N ARG A 233 2.32 21.67 24.87
CA ARG A 233 1.88 21.67 23.48
C ARG A 233 2.59 20.60 22.65
N HIS A 234 3.88 20.39 22.92
CA HIS A 234 4.68 19.38 22.23
C HIS A 234 4.36 17.96 22.69
N VAL A 235 3.96 17.83 23.96
CA VAL A 235 3.62 16.53 24.55
C VAL A 235 2.33 15.99 23.94
N VAL A 236 1.31 16.83 23.84
CA VAL A 236 0.02 16.40 23.30
C VAL A 236 0.12 16.06 21.81
N ARG A 237 0.91 16.84 21.08
CA ARG A 237 1.19 16.59 19.66
C ARG A 237 1.92 15.26 19.44
N LEU A 238 2.70 14.85 20.43
CA LEU A 238 3.34 13.55 20.43
C LEU A 238 2.31 12.46 20.74
N TYR A 239 1.42 12.74 21.68
CA TYR A 239 0.32 11.83 21.99
C TYR A 239 -0.57 11.61 20.77
N ASP A 240 -0.86 12.68 20.01
CA ASP A 240 -1.53 12.56 18.72
C ASP A 240 -0.86 11.46 17.91
N PHE A 241 0.44 11.60 17.75
CA PHE A 241 1.23 10.72 16.92
C PHE A 241 1.27 9.28 17.44
N PHE A 242 1.34 9.13 18.76
CA PHE A 242 1.43 7.80 19.36
C PHE A 242 0.13 7.02 19.32
N LEU A 243 -0.98 7.72 19.45
CA LEU A 243 -2.31 7.10 19.38
C LEU A 243 -2.56 6.46 18.02
N ALA A 244 -2.20 7.18 16.95
CA ALA A 244 -2.40 6.74 15.57
C ALA A 244 -1.53 5.54 15.16
N CYS A 245 -0.36 5.42 15.77
CA CYS A 245 0.58 4.36 15.39
C CYS A 245 0.56 3.13 16.32
N HIS A 246 1.48 2.23 16.03
CA HIS A 246 1.72 1.01 16.77
C HIS A 246 2.12 1.29 18.23
N PRO A 247 1.74 0.37 19.15
CA PRO A 247 2.10 0.40 20.58
C PRO A 247 3.58 0.60 20.92
N LEU A 248 4.47 0.09 20.08
CA LEU A 248 5.91 0.14 20.35
C LEU A 248 6.58 1.41 19.81
N MET A 249 5.79 2.25 19.14
CA MET A 249 6.28 3.48 18.48
C MET A 249 7.24 4.33 19.31
N PRO A 250 6.92 4.59 20.59
CA PRO A 250 7.80 5.43 21.42
C PRO A 250 9.27 5.04 21.46
N ILE A 251 9.58 3.76 21.26
CA ILE A 251 10.96 3.32 21.29
C ILE A 251 11.65 3.65 19.98
N TYR A 252 10.90 3.59 18.89
CA TYR A 252 11.44 3.96 17.59
C TYR A 252 11.64 5.46 17.59
N PHE A 253 10.85 6.16 18.40
CA PHE A 253 11.02 7.58 18.58
C PHE A 253 12.26 7.86 19.46
N ALA A 254 12.50 7.00 20.45
CA ALA A 254 13.70 7.08 21.28
C ALA A 254 14.93 6.86 20.42
N ALA A 255 14.90 5.82 19.59
CA ALA A 255 16.03 5.51 18.71
C ALA A 255 16.37 6.68 17.77
N VAL A 256 15.33 7.32 17.27
CA VAL A 256 15.50 8.45 16.34
C VAL A 256 16.17 9.65 17.02
N ILE A 257 15.91 9.84 18.31
CA ILE A 257 16.51 10.90 19.11
C ILE A 257 18.01 10.66 19.33
N VAL A 258 18.35 9.46 19.79
CA VAL A 258 19.74 9.05 19.98
C VAL A 258 20.54 9.21 18.68
N LEU A 259 19.95 8.76 17.57
CA LEU A 259 20.56 8.89 16.25
C LEU A 259 20.74 10.36 15.86
N TYR A 260 19.73 11.18 16.15
CA TYR A 260 19.82 12.61 15.88
C TYR A 260 20.96 13.22 16.69
N ARG A 261 21.22 12.62 17.85
CA ARG A 261 22.24 13.10 18.78
C ARG A 261 23.58 12.38 18.60
N GLU A 262 23.79 11.80 17.42
CA GLU A 262 24.97 10.99 17.12
C GLU A 262 26.27 11.70 17.51
N GLN A 263 26.51 12.85 16.88
CA GLN A 263 27.77 13.57 17.07
C GLN A 263 28.06 14.00 18.51
N GLU A 264 27.05 13.99 19.38
CA GLU A 264 27.30 14.28 20.80
C GLU A 264 27.53 13.04 21.64
N VAL A 265 26.94 11.91 21.22
CA VAL A 265 27.16 10.65 21.91
C VAL A 265 28.58 10.16 21.65
N LEU A 266 29.04 10.29 20.41
CA LEU A 266 30.40 9.90 20.04
C LEU A 266 31.43 10.89 20.57
N ASP A 267 31.21 12.18 20.33
CA ASP A 267 32.08 13.24 20.85
C ASP A 267 31.78 13.43 22.34
N CYS A 268 32.25 12.47 23.13
CA CYS A 268 31.87 12.30 24.53
C CYS A 268 32.67 11.12 25.06
N ASP A 269 32.96 11.11 26.35
CA ASP A 269 33.71 10.00 26.95
C ASP A 269 32.97 8.68 26.76
N CYS A 270 33.72 7.61 26.49
CA CYS A 270 33.12 6.29 26.29
C CYS A 270 33.09 5.50 27.60
N ASP A 271 32.46 6.09 28.61
CA ASP A 271 32.17 5.40 29.85
C ASP A 271 30.71 5.65 30.20
N MET A 272 30.11 4.69 30.88
CA MET A 272 28.69 4.74 31.20
C MET A 272 28.24 6.10 31.75
N ALA A 273 28.87 6.55 32.84
CA ALA A 273 28.45 7.81 33.48
C ALA A 273 28.24 8.91 32.44
N SER A 274 29.25 9.13 31.61
CA SER A 274 29.24 10.19 30.61
C SER A 274 28.11 10.09 29.58
N VAL A 275 27.92 8.89 29.01
CA VAL A 275 26.93 8.68 27.96
C VAL A 275 25.50 8.60 28.51
N HIS A 276 25.36 7.96 29.68
CA HIS A 276 24.06 7.81 30.33
C HIS A 276 23.49 9.16 30.72
N HIS A 277 24.32 9.99 31.36
CA HIS A 277 23.91 11.32 31.79
C HIS A 277 23.60 12.21 30.59
N LEU A 278 24.37 12.07 29.52
CA LEU A 278 24.17 12.88 28.32
C LEU A 278 22.81 12.63 27.70
N LEU A 279 22.57 11.39 27.30
CA LEU A 279 21.27 10.97 26.80
C LEU A 279 20.15 11.30 27.81
N SER A 280 20.41 10.99 29.08
CA SER A 280 19.45 11.29 30.16
C SER A 280 19.02 12.74 30.14
N GLN A 281 19.98 13.65 29.98
CA GLN A 281 19.68 15.08 29.90
C GLN A 281 19.19 15.39 28.50
N ILE A 282 17.89 15.20 28.29
CA ILE A 282 17.27 15.32 26.97
C ILE A 282 17.17 16.78 26.55
N PRO A 283 17.49 17.08 25.27
CA PRO A 283 17.35 18.43 24.75
C PRO A 283 15.90 18.89 24.75
N GLN A 284 15.68 20.18 25.00
CA GLN A 284 14.32 20.71 25.00
C GLN A 284 13.86 21.07 23.59
N ASP A 285 14.80 21.49 22.75
CA ASP A 285 14.52 21.82 21.36
C ASP A 285 14.90 20.67 20.40
N LEU A 286 14.07 19.63 20.36
CA LEU A 286 14.22 18.58 19.36
C LEU A 286 13.43 19.01 18.13
N PRO A 287 13.81 18.48 16.94
CA PRO A 287 12.99 18.78 15.78
C PRO A 287 11.81 17.80 15.70
N TYR A 288 10.91 17.91 16.67
CA TYR A 288 9.78 16.98 16.82
C TYR A 288 9.22 16.48 15.48
N GLU A 289 8.83 17.42 14.62
CA GLU A 289 8.17 17.09 13.36
C GLU A 289 9.09 16.33 12.41
N THR A 290 10.39 16.65 12.46
CA THR A 290 11.40 15.92 11.67
C THR A 290 11.65 14.52 12.25
N LEU A 291 11.69 14.44 13.58
CA LEU A 291 11.95 13.17 14.26
C LEU A 291 10.81 12.18 14.10
N ILE A 292 9.58 12.70 14.14
CA ILE A 292 8.36 11.90 13.96
C ILE A 292 8.36 11.19 12.60
N SER A 293 8.70 11.94 11.54
CA SER A 293 8.76 11.40 10.18
C SER A 293 9.83 10.34 10.04
N ARG A 294 10.90 10.50 10.79
CA ARG A 294 11.98 9.52 10.81
C ARG A 294 11.55 8.28 11.57
N ALA A 295 10.87 8.50 12.68
CA ALA A 295 10.32 7.42 13.49
C ALA A 295 9.37 6.56 12.66
N GLY A 296 8.50 7.22 11.90
CA GLY A 296 7.57 6.54 11.01
C GLY A 296 8.28 5.66 10.01
N ASP A 297 9.24 6.24 9.29
CA ASP A 297 9.96 5.54 8.21
C ASP A 297 10.82 4.41 8.74
N LEU A 298 11.35 4.61 9.95
CA LEU A 298 12.16 3.61 10.62
C LEU A 298 11.31 2.43 11.11
N PHE A 299 10.11 2.75 11.60
CA PHE A 299 9.16 1.71 11.97
C PHE A 299 8.82 0.82 10.78
N VAL A 300 8.44 1.43 9.66
CA VAL A 300 8.05 0.67 8.47
C VAL A 300 9.24 -0.09 7.85
N GLN A 301 10.44 0.47 8.01
CA GLN A 301 11.65 -0.12 7.41
C GLN A 301 12.17 -1.30 8.21
N PHE A 302 12.32 -1.12 9.52
CA PHE A 302 12.58 -2.24 10.43
C PHE A 302 11.37 -2.38 11.36
N PRO A 303 10.38 -3.19 10.95
CA PRO A 303 9.21 -3.42 11.80
C PRO A 303 9.55 -4.34 12.97
N PRO A 304 8.80 -4.26 14.08
CA PRO A 304 8.97 -5.16 15.22
C PRO A 304 8.54 -6.58 14.92
N PRO B 4 46.04 16.78 36.40
CA PRO B 4 44.96 16.10 37.10
C PRO B 4 43.99 17.09 37.76
N GLU B 5 42.72 16.68 37.90
CA GLU B 5 41.70 17.52 38.53
C GLU B 5 41.34 17.04 39.94
N TYR B 6 40.96 15.78 40.06
CA TYR B 6 40.58 15.22 41.36
C TYR B 6 41.51 14.07 41.75
N ASP B 7 41.65 13.86 43.06
CA ASP B 7 42.53 12.82 43.59
C ASP B 7 41.82 11.47 43.65
N TYR B 8 40.56 11.47 44.09
CA TYR B 8 39.73 10.26 44.16
C TYR B 8 38.35 10.50 43.52
N LEU B 9 37.79 9.48 42.89
CA LEU B 9 36.40 9.51 42.47
C LEU B 9 35.61 8.39 43.13
N PHE B 10 34.67 8.77 43.99
CA PHE B 10 33.82 7.80 44.69
C PHE B 10 32.40 7.79 44.17
N LYS B 11 31.87 6.58 43.96
CA LYS B 11 30.54 6.39 43.38
C LYS B 11 29.52 6.10 44.48
N LEU B 12 28.57 7.01 44.63
CA LEU B 12 27.54 6.90 45.65
C LEU B 12 26.17 6.55 45.07
N LEU B 13 25.35 5.88 45.87
CA LEU B 13 24.02 5.46 45.45
C LEU B 13 22.99 5.71 46.55
N LEU B 14 21.98 6.52 46.24
CA LEU B 14 20.88 6.78 47.18
C LEU B 14 19.78 5.75 47.00
N ILE B 15 19.82 4.74 47.86
CA ILE B 15 18.81 3.69 47.91
C ILE B 15 17.76 4.14 48.92
N GLY B 16 16.57 3.56 48.89
CA GLY B 16 15.58 3.89 49.90
C GLY B 16 14.14 3.77 49.43
N ASP B 17 13.22 3.89 50.38
CA ASP B 17 11.79 3.83 50.09
C ASP B 17 11.38 4.96 49.13
N SER B 18 10.09 5.04 48.80
CA SER B 18 9.60 6.06 47.86
C SER B 18 8.96 7.26 48.56
N GLY B 19 9.39 8.47 48.19
CA GLY B 19 8.90 9.69 48.83
C GLY B 19 9.55 10.03 50.17
N VAL B 20 10.69 9.39 50.47
CA VAL B 20 11.40 9.64 51.72
C VAL B 20 12.27 10.89 51.68
N GLY B 21 12.77 11.24 50.49
CA GLY B 21 13.55 12.46 50.31
C GLY B 21 14.85 12.35 49.52
N LYS B 22 15.13 11.18 48.96
CA LYS B 22 16.38 10.93 48.23
C LYS B 22 16.66 12.03 47.21
N SER B 23 15.72 12.24 46.28
CA SER B 23 15.84 13.28 45.26
C SER B 23 16.14 14.65 45.90
N CYS B 24 15.33 15.03 46.88
CA CYS B 24 15.49 16.32 47.55
C CYS B 24 16.86 16.49 48.21
N LEU B 25 17.36 15.42 48.83
CA LEU B 25 18.65 15.41 49.48
C LEU B 25 19.77 15.69 48.51
N LEU B 26 19.78 14.93 47.42
CA LEU B 26 20.79 15.08 46.37
C LEU B 26 20.82 16.50 45.81
N LEU B 27 19.65 17.11 45.67
CA LEU B 27 19.54 18.48 45.20
C LEU B 27 20.05 19.49 46.22
N ARG B 28 19.92 19.16 47.50
CA ARG B 28 20.45 20.03 48.56
C ARG B 28 21.98 20.00 48.53
N PHE B 29 22.54 18.79 48.44
CA PHE B 29 23.98 18.62 48.48
C PHE B 29 24.69 19.03 47.18
N ALA B 30 24.16 18.60 46.04
CA ALA B 30 24.81 18.81 44.75
C ALA B 30 24.52 20.16 44.11
N ASP B 31 23.35 20.72 44.38
CA ASP B 31 22.92 21.99 43.78
C ASP B 31 22.71 23.11 44.79
N ASP B 32 22.54 22.73 46.05
CA ASP B 32 22.20 23.66 47.14
C ASP B 32 20.89 24.41 46.86
N THR B 33 19.85 23.64 46.54
CA THR B 33 18.49 24.14 46.43
C THR B 33 17.54 23.13 47.04
N TYR B 34 16.30 23.57 47.27
CA TYR B 34 15.22 22.68 47.67
C TYR B 34 13.94 23.20 47.03
N THR B 35 13.19 22.28 46.43
CA THR B 35 11.98 22.64 45.71
C THR B 35 10.84 21.83 46.27
N GLU B 36 9.69 22.47 46.46
CA GLU B 36 8.58 21.90 47.24
C GLU B 36 7.98 20.63 46.64
N SER B 37 7.83 20.59 45.32
CA SER B 37 7.40 19.34 44.69
C SER B 37 8.58 18.55 44.15
N TYR B 38 9.42 19.23 43.37
CA TYR B 38 10.38 18.56 42.51
C TYR B 38 9.64 17.61 41.57
N ILE B 39 10.09 16.36 41.43
CA ILE B 39 9.58 15.44 40.41
C ILE B 39 9.77 14.01 40.87
N SER B 40 8.78 13.16 40.59
CA SER B 40 8.89 11.73 40.82
C SER B 40 10.11 11.20 40.06
N THR B 41 11.07 10.62 40.77
CA THR B 41 12.29 10.10 40.14
C THR B 41 12.00 8.77 39.43
N ILE B 42 12.06 8.79 38.10
CA ILE B 42 11.85 7.60 37.29
C ILE B 42 13.16 7.09 36.70
N GLY B 43 13.37 5.79 36.74
CA GLY B 43 14.60 5.17 36.24
C GLY B 43 15.77 5.43 37.16
N VAL B 44 16.78 6.12 36.63
CA VAL B 44 18.04 6.39 37.34
C VAL B 44 18.83 7.53 36.67
N ASP B 45 19.53 8.32 37.49
CA ASP B 45 20.50 9.31 37.03
C ASP B 45 21.34 9.83 38.21
N PHE B 46 22.39 10.57 37.93
CA PHE B 46 23.28 11.04 38.99
C PHE B 46 23.51 12.54 38.95
N LYS B 47 23.92 13.09 40.08
CA LYS B 47 24.43 14.45 40.16
C LYS B 47 25.85 14.44 40.72
N ILE B 48 26.61 15.46 40.37
CA ILE B 48 28.05 15.49 40.64
C ILE B 48 28.40 16.55 41.67
N ARG B 49 29.37 16.24 42.52
CA ARG B 49 29.86 17.17 43.53
C ARG B 49 31.22 16.74 44.06
N THR B 50 32.21 17.62 43.91
CA THR B 50 33.56 17.31 44.35
C THR B 50 33.86 18.08 45.64
N ILE B 51 34.38 17.37 46.64
CA ILE B 51 34.61 17.97 47.96
C ILE B 51 36.08 17.98 48.40
N GLU B 52 36.27 18.49 49.61
CA GLU B 52 37.58 18.61 50.26
C GLU B 52 37.59 17.77 51.55
N LEU B 53 38.56 16.88 51.69
CA LEU B 53 38.67 16.04 52.89
C LEU B 53 40.10 15.61 53.18
N ASP B 54 40.59 15.97 54.36
CA ASP B 54 41.94 15.63 54.85
C ASP B 54 43.02 15.90 53.79
N GLY B 55 42.97 17.09 53.20
CA GLY B 55 43.96 17.51 52.20
C GLY B 55 43.68 17.12 50.76
N LYS B 56 43.19 15.90 50.58
CA LYS B 56 42.93 15.36 49.24
C LYS B 56 41.54 15.74 48.70
N THR B 57 41.44 15.79 47.37
CA THR B 57 40.22 16.22 46.67
C THR B 57 39.42 15.04 46.08
N ILE B 58 38.11 15.06 46.31
CA ILE B 58 37.24 13.91 46.01
C ILE B 58 36.07 14.28 45.11
N LYS B 59 36.02 13.65 43.93
CA LYS B 59 34.87 13.75 43.03
C LYS B 59 33.83 12.71 43.44
N LEU B 60 32.72 13.18 43.99
CA LEU B 60 31.60 12.30 44.31
C LEU B 60 30.58 12.35 43.19
N GLN B 61 30.31 11.20 42.58
CA GLN B 61 29.16 11.08 41.67
C GLN B 61 28.07 10.24 42.33
N ILE B 62 26.94 10.90 42.60
CA ILE B 62 25.89 10.34 43.46
C ILE B 62 24.64 9.98 42.68
N TRP B 63 24.29 8.70 42.70
CA TRP B 63 23.21 8.19 41.86
C TRP B 63 21.87 8.16 42.59
N ASP B 64 20.83 8.63 41.90
CA ASP B 64 19.46 8.68 42.42
C ASP B 64 18.60 7.53 41.88
N THR B 65 17.78 6.93 42.74
CA THR B 65 16.94 5.80 42.35
C THR B 65 15.43 6.04 42.49
N ALA B 66 14.65 5.15 41.87
CA ALA B 66 13.20 5.10 42.04
C ALA B 66 12.86 4.18 43.22
N GLY B 67 11.95 4.62 44.07
CA GLY B 67 11.60 3.90 45.29
C GLY B 67 10.68 2.69 45.13
N GLN B 68 9.58 2.87 44.41
CA GLN B 68 8.60 1.81 44.20
C GLN B 68 9.27 0.45 43.96
N GLU B 69 8.75 -0.59 44.60
CA GLU B 69 9.36 -1.94 44.55
C GLU B 69 9.62 -2.47 43.14
N ARG B 70 8.63 -2.37 42.26
CA ARG B 70 8.76 -2.88 40.89
C ARG B 70 10.06 -2.43 40.21
N PHE B 71 10.53 -1.24 40.57
CA PHE B 71 11.74 -0.63 40.00
C PHE B 71 13.06 -1.19 40.55
N ARG B 72 13.00 -2.15 41.46
CA ARG B 72 14.22 -2.67 42.05
C ARG B 72 15.09 -3.45 41.07
N THR B 73 14.48 -4.33 40.28
CA THR B 73 15.23 -5.16 39.33
C THR B 73 15.91 -4.34 38.24
N ILE B 74 15.41 -3.13 38.00
CA ILE B 74 16.06 -2.22 37.06
C ILE B 74 17.30 -1.54 37.69
N THR B 75 17.16 -1.00 38.90
CA THR B 75 18.26 -0.32 39.56
C THR B 75 19.26 -1.30 40.22
N SER B 76 18.88 -2.57 40.33
CA SER B 76 19.74 -3.59 40.94
C SER B 76 21.13 -3.63 40.31
N SER B 77 21.20 -3.38 39.01
CA SER B 77 22.44 -3.41 38.25
C SER B 77 23.45 -2.36 38.73
N TYR B 78 22.94 -1.27 39.27
CA TYR B 78 23.76 -0.10 39.60
C TYR B 78 24.36 -0.15 41.02
N TYR B 79 24.29 -1.31 41.65
CA TYR B 79 24.82 -1.49 43.00
C TYR B 79 26.31 -1.82 42.97
N ARG B 80 26.70 -2.79 42.13
CA ARG B 80 28.09 -3.28 42.10
C ARG B 80 29.14 -2.18 42.01
N GLY B 81 28.91 -1.21 41.14
CA GLY B 81 29.86 -0.11 40.93
C GLY B 81 29.90 0.94 42.03
N ALA B 82 29.06 0.79 43.06
CA ALA B 82 28.98 1.77 44.14
C ALA B 82 29.98 1.50 45.25
N HIS B 83 30.71 2.56 45.64
CA HIS B 83 31.64 2.53 46.77
C HIS B 83 30.89 2.64 48.08
N GLY B 84 29.83 3.45 48.07
CA GLY B 84 28.98 3.64 49.22
C GLY B 84 27.51 3.71 48.83
N ILE B 85 26.68 3.06 49.65
CA ILE B 85 25.23 3.07 49.45
C ILE B 85 24.58 3.72 50.66
N ILE B 86 23.71 4.70 50.41
CA ILE B 86 22.99 5.37 51.50
C ILE B 86 21.50 4.97 51.54
N VAL B 87 21.10 4.29 52.62
CA VAL B 87 19.71 3.90 52.85
C VAL B 87 18.96 5.03 53.53
N VAL B 88 17.96 5.57 52.84
CA VAL B 88 17.19 6.68 53.36
C VAL B 88 15.77 6.25 53.71
N TYR B 89 15.31 6.70 54.87
CA TYR B 89 13.91 6.57 55.24
C TYR B 89 13.40 7.93 55.71
N ASP B 90 12.08 8.07 55.79
CA ASP B 90 11.45 9.28 56.28
C ASP B 90 11.04 9.04 57.74
N VAL B 91 11.49 9.91 58.65
CA VAL B 91 11.22 9.76 60.08
C VAL B 91 9.74 9.87 60.42
N THR B 92 8.97 10.47 59.52
CA THR B 92 7.55 10.67 59.73
C THR B 92 6.70 9.51 59.19
N ASP B 93 7.37 8.54 58.57
CA ASP B 93 6.69 7.40 57.94
C ASP B 93 7.18 6.08 58.51
N GLN B 94 6.29 5.32 59.15
CA GLN B 94 6.72 4.10 59.84
C GLN B 94 7.16 2.99 58.87
N GLU B 95 6.49 2.88 57.72
CA GLU B 95 6.81 1.82 56.76
C GLU B 95 8.23 2.00 56.19
N SER B 96 8.63 3.25 55.97
CA SER B 96 9.95 3.56 55.42
C SER B 96 11.05 3.00 56.30
N TYR B 97 10.91 3.20 57.62
CA TYR B 97 11.88 2.63 58.56
C TYR B 97 11.76 1.11 58.63
N ALA B 98 10.54 0.60 58.53
CA ALA B 98 10.31 -0.84 58.56
C ALA B 98 10.90 -1.53 57.34
N ASN B 99 11.05 -0.76 56.27
CA ASN B 99 11.58 -1.27 55.00
C ASN B 99 13.09 -1.23 54.85
N VAL B 100 13.75 -0.38 55.63
CA VAL B 100 15.22 -0.34 55.71
C VAL B 100 15.78 -1.75 55.72
N LYS B 101 15.16 -2.62 56.51
CA LYS B 101 15.56 -4.01 56.67
C LYS B 101 15.60 -4.72 55.32
N GLN B 102 14.59 -4.48 54.49
CA GLN B 102 14.55 -5.01 53.13
C GLN B 102 15.61 -4.39 52.21
N TRP B 103 15.92 -3.11 52.42
CA TRP B 103 16.89 -2.41 51.58
C TRP B 103 18.31 -2.93 51.81
N LEU B 104 18.66 -3.21 53.06
CA LEU B 104 19.94 -3.81 53.39
C LEU B 104 20.08 -5.20 52.77
N GLN B 105 18.95 -5.87 52.63
CA GLN B 105 18.83 -7.19 51.99
C GLN B 105 19.17 -7.09 50.51
N GLU B 106 18.80 -5.96 49.91
CA GLU B 106 19.18 -5.65 48.53
C GLU B 106 20.68 -5.39 48.41
N ILE B 107 21.22 -4.62 49.35
CA ILE B 107 22.66 -4.33 49.38
C ILE B 107 23.47 -5.62 49.53
N ASP B 108 23.02 -6.52 50.41
CA ASP B 108 23.67 -7.82 50.59
C ASP B 108 23.63 -8.62 49.29
N ARG B 109 22.59 -8.40 48.49
CA ARG B 109 22.36 -9.19 47.29
C ARG B 109 23.14 -8.68 46.09
N TYR B 110 23.14 -7.37 45.89
CA TYR B 110 23.64 -6.80 44.64
C TYR B 110 24.95 -6.01 44.74
N ALA B 111 25.20 -5.39 45.88
CA ALA B 111 26.36 -4.51 46.04
C ALA B 111 27.64 -5.28 46.30
N SER B 112 28.76 -4.57 46.17
CA SER B 112 30.12 -5.10 46.39
C SER B 112 30.25 -5.82 47.73
N GLU B 113 31.20 -6.74 47.78
CA GLU B 113 31.46 -7.56 48.98
C GLU B 113 31.77 -6.73 50.23
N ASN B 114 32.37 -5.55 50.03
CA ASN B 114 32.82 -4.71 51.16
C ASN B 114 32.30 -3.27 51.20
N VAL B 115 31.21 -3.01 50.49
CA VAL B 115 30.64 -1.65 50.33
C VAL B 115 30.39 -0.92 51.67
N ASN B 116 30.63 0.38 51.67
CA ASN B 116 30.36 1.24 52.83
C ASN B 116 28.89 1.64 52.87
N LYS B 117 28.29 1.50 54.03
CA LYS B 117 26.88 1.77 54.20
C LYS B 117 26.68 3.02 55.09
N LEU B 118 25.48 3.61 55.01
CA LEU B 118 25.07 4.69 55.90
C LEU B 118 23.56 4.81 55.90
N LEU B 119 22.98 5.02 57.08
CA LEU B 119 21.54 5.07 57.25
C LEU B 119 21.06 6.48 57.63
N VAL B 120 20.18 7.05 56.81
CA VAL B 120 19.71 8.42 57.01
C VAL B 120 18.20 8.49 57.25
N GLY B 121 17.80 9.08 58.37
CA GLY B 121 16.42 9.44 58.58
C GLY B 121 16.21 10.86 58.10
N ASN B 122 15.38 11.04 57.10
CA ASN B 122 15.14 12.37 56.55
C ASN B 122 13.86 13.06 57.08
N LYS B 123 13.74 14.36 56.80
CA LYS B 123 12.60 15.19 57.21
C LYS B 123 12.57 15.43 58.74
N SER B 124 13.76 15.66 59.30
CA SER B 124 13.92 15.88 60.72
C SER B 124 13.32 17.22 61.14
N ASP B 125 12.91 18.02 60.16
CA ASP B 125 12.33 19.33 60.43
C ASP B 125 10.88 19.22 60.88
N LEU B 126 10.25 18.09 60.58
CA LEU B 126 8.84 17.88 60.90
C LEU B 126 8.71 17.21 62.26
N THR B 127 8.85 18.00 63.33
CA THR B 127 8.86 17.47 64.68
C THR B 127 7.48 17.07 65.18
N THR B 128 6.44 17.73 64.67
CA THR B 128 5.06 17.40 65.02
C THR B 128 4.68 16.03 64.48
N LYS B 129 5.22 15.69 63.33
CA LYS B 129 4.86 14.45 62.64
C LYS B 129 5.88 13.33 62.80
N LYS B 130 6.89 13.52 63.65
CA LYS B 130 7.96 12.53 63.80
C LYS B 130 7.43 11.25 64.42
N VAL B 131 7.68 10.14 63.75
CA VAL B 131 7.19 8.84 64.18
C VAL B 131 8.34 7.92 64.60
N VAL B 132 9.34 7.74 63.72
CA VAL B 132 10.51 6.93 64.05
C VAL B 132 11.35 7.64 65.12
N ASP B 133 11.74 6.88 66.15
CA ASP B 133 12.41 7.45 67.31
C ASP B 133 13.94 7.59 67.14
N ASN B 134 14.43 8.80 67.42
CA ASN B 134 15.85 9.15 67.34
C ASN B 134 16.82 8.09 67.89
N THR B 135 16.62 7.70 69.16
CA THR B 135 17.44 6.69 69.83
C THR B 135 17.19 5.27 69.32
N THR B 136 16.00 5.03 68.78
CA THR B 136 15.60 3.69 68.29
C THR B 136 16.26 3.38 66.95
N ALA B 137 16.45 4.41 66.13
CA ALA B 137 17.13 4.27 64.85
C ALA B 137 18.64 4.13 65.02
N LYS B 138 19.21 4.94 65.93
CA LYS B 138 20.63 4.88 66.26
C LYS B 138 21.05 3.49 66.72
N GLU B 139 20.28 2.91 67.65
CA GLU B 139 20.52 1.56 68.18
C GLU B 139 20.59 0.48 67.10
N PHE B 140 19.67 0.54 66.13
CA PHE B 140 19.64 -0.41 65.03
C PHE B 140 20.91 -0.28 64.21
N ALA B 141 21.29 0.95 63.88
CA ALA B 141 22.52 1.23 63.13
C ALA B 141 23.75 0.71 63.86
N ASP B 142 23.84 1.00 65.16
CA ASP B 142 24.96 0.59 65.99
C ASP B 142 25.16 -0.93 66.01
N SER B 143 24.05 -1.67 66.05
CA SER B 143 24.10 -3.13 66.06
C SER B 143 24.71 -3.65 64.76
N LEU B 144 24.45 -2.92 63.68
CA LEU B 144 24.90 -3.30 62.35
C LEU B 144 26.28 -2.76 61.99
N GLY B 145 26.76 -1.78 62.75
CA GLY B 145 28.02 -1.13 62.46
C GLY B 145 27.92 -0.22 61.25
N ILE B 146 26.90 0.63 61.27
CA ILE B 146 26.66 1.59 60.20
C ILE B 146 26.51 2.99 60.81
N PRO B 147 27.08 4.01 60.16
CA PRO B 147 26.86 5.39 60.58
C PRO B 147 25.40 5.82 60.41
N PHE B 148 24.84 6.45 61.43
CA PHE B 148 23.49 6.98 61.36
C PHE B 148 23.48 8.49 61.53
N LEU B 149 22.67 9.16 60.71
CA LEU B 149 22.45 10.59 60.82
C LEU B 149 21.00 10.93 60.49
N GLU B 150 20.49 11.97 61.14
CA GLU B 150 19.16 12.48 60.91
C GLU B 150 19.37 13.78 60.14
N THR B 151 18.63 13.96 59.05
CA THR B 151 18.86 15.09 58.16
C THR B 151 17.55 15.71 57.68
N SER B 152 17.58 17.03 57.50
CA SER B 152 16.51 17.73 56.82
C SER B 152 17.06 18.31 55.53
N ALA B 153 16.40 18.04 54.41
CA ALA B 153 16.78 18.67 53.15
C ALA B 153 16.08 20.02 53.00
N LYS B 154 14.97 20.20 53.72
CA LYS B 154 14.20 21.45 53.69
C LYS B 154 14.91 22.59 54.41
N ASN B 155 15.25 22.40 55.68
CA ASN B 155 16.26 23.21 56.35
C ASN B 155 17.58 22.73 55.83
N ALA B 156 18.59 23.58 55.82
CA ALA B 156 19.94 23.13 55.44
C ALA B 156 20.32 21.84 56.16
N THR B 157 19.75 21.66 57.36
CA THR B 157 20.22 20.74 58.40
C THR B 157 20.84 19.42 57.95
N ASN B 158 22.13 19.27 58.25
CA ASN B 158 22.78 17.96 58.33
C ASN B 158 22.93 17.16 57.04
N VAL B 159 22.39 17.67 55.93
CA VAL B 159 22.54 17.04 54.62
C VAL B 159 24.03 16.97 54.22
N GLU B 160 24.74 18.07 54.48
CA GLU B 160 26.15 18.21 54.14
C GLU B 160 27.04 17.20 54.85
N GLN B 161 26.81 17.03 56.15
CA GLN B 161 27.65 16.16 56.97
C GLN B 161 27.44 14.67 56.65
N ALA B 162 26.24 14.32 56.21
CA ALA B 162 25.92 12.93 55.85
C ALA B 162 26.88 12.40 54.80
N PHE B 163 26.97 13.13 53.68
CA PHE B 163 27.81 12.76 52.55
C PHE B 163 29.30 12.78 52.89
N MET B 164 29.71 13.78 53.68
CA MET B 164 31.09 13.89 54.15
C MET B 164 31.48 12.67 54.99
N THR B 165 30.58 12.26 55.88
CA THR B 165 30.78 11.09 56.74
C THR B 165 30.90 9.80 55.90
N MET B 166 30.13 9.75 54.80
CA MET B 166 30.20 8.63 53.86
C MET B 166 31.51 8.63 53.04
N ALA B 167 31.95 9.81 52.63
CA ALA B 167 33.14 9.96 51.79
C ALA B 167 34.40 9.57 52.55
N ALA B 168 34.44 9.93 53.83
CA ALA B 168 35.55 9.58 54.69
C ALA B 168 35.68 8.08 54.84
N GLU B 169 34.55 7.43 55.13
CA GLU B 169 34.52 5.98 55.34
C GLU B 169 35.00 5.18 54.14
N ILE B 170 34.61 5.62 52.94
CA ILE B 170 35.06 5.00 51.70
C ILE B 170 36.57 5.22 51.53
N LYS B 171 37.00 6.46 51.72
CA LYS B 171 38.41 6.86 51.58
C LYS B 171 39.34 5.98 52.43
N LYS B 172 39.11 5.99 53.74
CA LYS B 172 39.89 5.19 54.69
C LYS B 172 40.00 3.74 54.24
N ARG B 173 38.87 3.19 53.78
CA ARG B 173 38.81 1.83 53.28
C ARG B 173 39.59 1.67 51.97
N MET B 174 39.57 2.69 51.13
CA MET B 174 40.13 2.61 49.77
C MET B 174 41.66 2.61 49.74
N GLY B 175 42.27 3.36 50.66
CA GLY B 175 43.72 3.47 50.73
C GLY B 175 44.25 4.81 50.26
N PHE C 25 15.84 24.73 34.62
CA PHE C 25 16.72 25.78 34.04
C PHE C 25 16.69 27.08 34.88
N ASN C 26 15.53 27.43 35.41
CA ASN C 26 15.32 28.68 36.15
C ASN C 26 16.23 28.85 37.38
N ALA C 27 16.70 27.72 37.93
CA ALA C 27 17.68 27.74 39.01
C ALA C 27 19.02 28.28 38.50
N LYS C 28 19.38 27.87 37.28
CA LYS C 28 20.61 28.33 36.63
C LYS C 28 20.47 29.76 36.10
N ARG C 29 19.25 30.13 35.70
CA ARG C 29 18.95 31.46 35.14
C ARG C 29 19.29 32.60 36.09
N LYS C 30 18.96 32.42 37.38
CA LYS C 30 19.28 33.41 38.41
C LYS C 30 20.78 33.62 38.57
N LYS C 31 21.54 32.52 38.45
CA LYS C 31 22.99 32.57 38.52
C LYS C 31 23.58 33.32 37.34
N LYS C 32 22.99 33.10 36.16
CA LYS C 32 23.50 33.66 34.92
C LYS C 32 23.32 35.18 34.85
N VAL C 33 22.16 35.66 35.32
CA VAL C 33 21.93 37.09 35.42
C VAL C 33 22.91 37.71 36.41
N ALA C 34 23.16 37.00 37.50
CA ALA C 34 24.14 37.41 38.51
C ALA C 34 25.58 37.38 38.00
N GLU C 35 25.83 36.60 36.94
CA GLU C 35 27.13 36.56 36.27
C GLU C 35 27.26 37.74 35.32
N ILE C 36 26.29 37.87 34.42
CA ILE C 36 26.25 38.96 33.45
C ILE C 36 26.47 40.32 34.13
N HIS C 37 25.92 40.47 35.33
CA HIS C 37 26.07 41.71 36.08
C HIS C 37 27.46 41.86 36.67
N GLN C 38 27.95 40.82 37.33
CA GLN C 38 29.31 40.82 37.89
C GLN C 38 30.33 41.19 36.80
N ALA C 39 30.13 40.62 35.62
CA ALA C 39 30.96 40.92 34.46
C ALA C 39 30.70 42.31 33.90
N LEU C 40 29.52 42.85 34.15
CA LEU C 40 29.14 44.16 33.61
C LEU C 40 29.76 45.30 34.41
N ASN C 41 30.00 45.06 35.70
CA ASN C 41 30.74 46.03 36.53
C ASN C 41 32.08 45.50 37.05
N SER C 42 33.12 45.64 36.23
CA SER C 42 34.47 45.22 36.57
C SER C 42 35.45 46.39 36.37
N ASP C 43 36.57 46.37 37.10
CA ASP C 43 37.56 47.47 37.10
C ASP C 43 37.84 47.95 35.68
N PRO C 44 38.24 47.03 34.76
CA PRO C 44 37.85 47.18 33.36
C PRO C 44 36.71 46.19 33.06
N THR C 45 35.56 46.69 32.58
CA THR C 45 34.44 45.81 32.23
C THR C 45 34.95 44.51 31.61
N ASP C 46 34.56 43.38 32.21
CA ASP C 46 35.13 42.08 31.84
C ASP C 46 35.05 41.80 30.33
N VAL C 47 33.85 41.84 29.75
CA VAL C 47 33.65 41.73 28.29
C VAL C 47 33.89 40.34 27.71
N ALA C 48 34.90 39.63 28.22
CA ALA C 48 35.26 38.32 27.69
C ALA C 48 34.24 37.29 28.12
N ALA C 49 33.82 37.35 29.38
CA ALA C 49 32.84 36.41 29.94
C ALA C 49 31.43 36.70 29.43
N LEU C 50 31.13 37.97 29.13
CA LEU C 50 29.84 38.30 28.53
C LEU C 50 29.61 37.50 27.25
N ARG C 51 30.67 37.31 26.47
CA ARG C 51 30.63 36.48 25.26
C ARG C 51 30.24 35.04 25.59
N ARG C 52 30.85 34.47 26.62
CA ARG C 52 30.46 33.14 27.12
C ARG C 52 28.96 33.07 27.39
N MET C 53 28.43 34.13 28.01
CA MET C 53 27.01 34.18 28.40
C MET C 53 26.10 34.26 27.18
N ALA C 54 26.54 35.04 26.19
CA ALA C 54 25.81 35.16 24.93
C ALA C 54 25.81 33.85 24.13
N ILE C 55 26.91 33.09 24.24
CA ILE C 55 27.06 31.82 23.53
C ILE C 55 26.40 30.65 24.28
N SER C 56 26.37 30.73 25.61
CA SER C 56 25.79 29.67 26.44
C SER C 56 24.27 29.68 26.37
N GLU C 57 23.67 28.54 26.72
CA GLU C 57 22.21 28.34 26.64
C GLU C 57 21.42 29.57 27.09
N GLY C 58 20.52 30.02 26.21
CA GLY C 58 19.59 31.09 26.52
C GLY C 58 20.14 32.45 26.20
N GLY C 59 21.39 32.51 25.78
CA GLY C 59 22.07 33.75 25.44
C GLY C 59 22.06 34.74 26.59
N LEU C 60 22.02 36.03 26.27
CA LEU C 60 21.80 37.06 27.28
C LEU C 60 20.31 37.09 27.51
N LEU C 61 19.88 36.79 28.73
CA LEU C 61 18.48 36.42 29.00
C LEU C 61 17.38 37.36 28.46
N THR C 62 17.47 38.67 28.70
CA THR C 62 16.40 39.61 28.32
C THR C 62 16.85 40.81 27.50
N ASP C 63 15.89 41.58 26.97
CA ASP C 63 16.17 42.80 26.20
C ASP C 63 16.78 43.88 27.05
N GLU C 64 16.46 43.90 28.34
CA GLU C 64 16.98 44.94 29.22
C GLU C 64 18.47 44.75 29.48
N ILE C 65 18.90 43.49 29.57
CA ILE C 65 20.30 43.14 29.69
C ILE C 65 21.06 43.68 28.48
N ARG C 66 20.49 43.45 27.30
CA ARG C 66 21.13 43.75 26.01
C ARG C 66 21.45 45.23 25.79
N ARG C 67 20.58 46.12 26.26
CA ARG C 67 20.84 47.57 26.21
C ARG C 67 22.12 47.94 26.96
N LYS C 68 22.66 46.98 27.70
CA LYS C 68 23.90 47.16 28.43
C LYS C 68 25.04 46.31 27.84
N VAL C 69 24.72 45.07 27.43
CA VAL C 69 25.73 44.12 26.93
C VAL C 69 26.03 44.22 25.42
N TRP C 70 25.00 44.42 24.60
CA TRP C 70 25.20 44.54 23.16
C TRP C 70 26.21 45.62 22.76
N PRO C 71 26.22 46.78 23.45
CA PRO C 71 27.21 47.75 23.04
C PRO C 71 28.61 47.35 23.47
N LYS C 72 28.72 46.52 24.52
CA LYS C 72 30.03 46.03 24.96
C LYS C 72 30.57 44.97 24.01
N LEU C 73 29.67 44.25 23.35
CA LEU C 73 30.06 43.25 22.36
C LEU C 73 30.46 43.90 21.06
N LEU C 74 29.80 45.01 20.72
CA LEU C 74 30.11 45.75 19.51
C LEU C 74 31.09 46.88 19.76
N ASN C 75 31.53 47.04 21.01
CA ASN C 75 32.51 48.07 21.37
C ASN C 75 32.01 49.49 21.08
N VAL C 76 30.69 49.66 21.09
CA VAL C 76 30.09 50.99 20.96
C VAL C 76 29.90 51.56 22.36
N ASN C 77 30.08 52.87 22.49
CA ASN C 77 29.90 53.53 23.78
C ASN C 77 28.44 53.89 24.00
N ALA C 78 27.82 53.17 24.94
CA ALA C 78 26.38 53.26 25.18
C ALA C 78 25.91 54.55 25.90
N ASN C 79 26.86 55.39 26.29
CA ASN C 79 26.53 56.68 26.91
C ASN C 79 26.93 57.90 26.06
N ASP C 80 27.22 57.64 24.79
CA ASP C 80 27.43 58.70 23.79
C ASP C 80 26.09 59.38 23.48
N PRO C 81 26.09 60.71 23.27
CA PRO C 81 24.88 61.40 22.81
C PRO C 81 24.43 60.90 21.43
N PRO C 82 23.11 60.92 21.17
CA PRO C 82 22.60 60.37 19.91
C PRO C 82 23.17 61.08 18.69
N PRO C 83 23.36 60.35 17.57
CA PRO C 83 23.84 60.95 16.32
C PRO C 83 23.01 62.17 15.91
N ILE C 84 23.68 63.17 15.33
CA ILE C 84 22.97 64.35 14.80
C ILE C 84 22.25 63.95 13.51
N SER C 85 20.92 64.12 13.49
CA SER C 85 20.13 63.84 12.30
C SER C 85 19.68 65.13 11.64
N GLY C 86 20.27 65.42 10.49
CA GLY C 86 20.03 66.68 9.77
C GLY C 86 18.65 66.75 9.14
N LYS C 87 18.28 67.96 8.73
CA LYS C 87 17.02 68.17 8.02
C LYS C 87 17.08 67.51 6.64
N ASN C 88 15.91 67.19 6.09
CA ASN C 88 15.77 66.65 4.72
C ASN C 88 16.43 65.28 4.51
N LEU C 89 16.52 64.48 5.57
CA LEU C 89 17.15 63.16 5.50
C LEU C 89 16.57 62.25 4.41
N ARG C 90 15.24 62.30 4.25
CA ARG C 90 14.55 61.46 3.27
C ARG C 90 14.53 62.10 1.88
N GLN C 91 14.46 63.43 1.86
CA GLN C 91 14.48 64.22 0.64
C GLN C 91 15.70 63.89 -0.23
N MET C 92 16.85 63.69 0.42
CA MET C 92 18.13 63.54 -0.28
C MET C 92 18.57 62.11 -0.46
N SER C 93 18.10 61.22 0.41
CA SER C 93 18.40 59.80 0.31
C SER C 93 18.02 59.25 -1.06
N LYS C 94 18.95 58.55 -1.68
CA LYS C 94 18.69 57.84 -2.92
C LYS C 94 17.86 56.59 -2.62
N ASP C 95 18.05 56.06 -1.42
CA ASP C 95 17.46 54.79 -1.01
C ASP C 95 16.12 54.93 -0.30
N TYR C 96 15.53 56.14 -0.34
CA TYR C 96 14.26 56.43 0.31
C TYR C 96 13.09 55.62 -0.22
N GLN C 97 12.98 55.54 -1.55
CA GLN C 97 11.93 54.81 -2.22
C GLN C 97 11.97 53.32 -1.88
N GLN C 98 13.18 52.77 -1.84
CA GLN C 98 13.38 51.35 -1.62
C GLN C 98 13.26 50.96 -0.15
N VAL C 99 13.59 51.89 0.74
CA VAL C 99 13.52 51.62 2.19
C VAL C 99 12.07 51.64 2.67
N LEU C 100 11.34 52.68 2.28
CA LEU C 100 9.91 52.76 2.53
C LEU C 100 9.23 51.47 2.06
N LEU C 101 9.57 51.07 0.83
CA LEU C 101 9.11 49.84 0.21
C LEU C 101 9.34 48.65 1.14
N ASP C 102 10.59 48.53 1.61
CA ASP C 102 11.00 47.40 2.44
C ASP C 102 10.46 47.43 3.87
N VAL C 103 10.37 48.62 4.46
CA VAL C 103 9.89 48.78 5.83
C VAL C 103 8.42 48.37 5.94
N ARG C 104 7.62 48.78 4.96
CA ARG C 104 6.21 48.41 4.88
C ARG C 104 6.04 46.90 4.91
N ARG C 105 6.90 46.20 4.17
CA ARG C 105 6.84 44.74 4.07
C ARG C 105 7.49 44.05 5.27
N SER C 106 7.83 44.85 6.29
CA SER C 106 8.36 44.36 7.56
C SER C 106 7.24 44.23 8.60
N LEU C 107 6.09 43.71 8.17
CA LEU C 107 4.89 43.69 9.00
C LEU C 107 4.83 42.48 9.91
N ARG C 108 4.93 41.29 9.33
CA ARG C 108 4.91 40.03 10.10
C ARG C 108 6.15 39.94 10.98
N ARG C 109 6.86 41.05 11.09
CA ARG C 109 8.16 41.11 11.77
C ARG C 109 8.03 41.59 13.22
N PHE C 110 6.96 42.33 13.49
CA PHE C 110 6.63 42.80 14.84
C PHE C 110 5.82 41.73 15.58
N PRO C 111 5.70 41.85 16.93
CA PRO C 111 4.78 40.97 17.64
C PRO C 111 3.34 41.21 17.19
N PRO C 112 2.56 40.12 17.00
CA PRO C 112 1.19 40.21 16.50
C PRO C 112 0.25 41.02 17.42
N GLY C 113 0.56 41.03 18.71
CA GLY C 113 -0.24 41.77 19.70
C GLY C 113 -0.16 43.29 19.60
N MET C 114 0.98 43.78 19.12
CA MET C 114 1.25 45.21 19.01
C MET C 114 0.11 45.96 18.32
N PRO C 115 -0.31 47.11 18.90
CA PRO C 115 -1.29 48.01 18.26
C PRO C 115 -0.74 48.63 16.97
N GLU C 116 -1.62 48.80 15.98
CA GLU C 116 -1.23 49.38 14.70
C GLU C 116 -0.57 50.74 14.87
N GLU C 117 -1.22 51.62 15.65
CA GLU C 117 -0.67 52.95 15.93
C GLU C 117 0.79 52.88 16.41
N GLN C 118 1.11 51.89 17.24
CA GLN C 118 2.47 51.70 17.79
C GLN C 118 3.46 51.13 16.78
N ARG C 119 2.98 50.14 16.01
CA ARG C 119 3.80 49.51 14.98
C ARG C 119 4.16 50.51 13.89
N GLU C 120 3.16 51.26 13.44
CA GLU C 120 3.36 52.29 12.42
C GLU C 120 4.33 53.36 12.88
N GLY C 121 4.31 53.67 14.17
CA GLY C 121 5.23 54.64 14.77
C GLY C 121 6.67 54.18 14.72
N LEU C 122 6.89 52.90 15.01
CA LEU C 122 8.22 52.30 14.98
C LEU C 122 8.74 52.15 13.56
N GLN C 123 7.84 51.93 12.61
CA GLN C 123 8.20 51.78 11.20
C GLN C 123 8.76 53.08 10.62
N GLU C 124 8.08 54.19 10.90
CA GLU C 124 8.55 55.53 10.50
C GLU C 124 9.91 55.82 11.11
N GLU C 125 10.09 55.36 12.36
CA GLU C 125 11.35 55.48 13.08
C GLU C 125 12.44 54.63 12.41
N LEU C 126 12.07 53.44 11.94
CA LEU C 126 12.98 52.52 11.25
C LEU C 126 13.50 53.07 9.92
N ILE C 127 12.64 53.77 9.19
CA ILE C 127 13.02 54.39 7.91
C ILE C 127 14.14 55.40 8.16
N ASP C 128 13.99 56.19 9.23
CA ASP C 128 14.98 57.20 9.59
C ASP C 128 16.29 56.63 10.16
N ILE C 129 16.21 55.45 10.79
CA ILE C 129 17.41 54.83 11.35
C ILE C 129 18.27 54.30 10.23
N ILE C 130 17.65 53.63 9.25
CA ILE C 130 18.38 53.12 8.10
C ILE C 130 18.97 54.27 7.31
N LEU C 131 18.13 55.20 6.88
CA LEU C 131 18.56 56.31 6.02
C LEU C 131 19.70 57.12 6.62
N LEU C 132 19.69 57.26 7.95
CA LEU C 132 20.74 57.99 8.67
C LEU C 132 22.07 57.24 8.69
N ILE C 133 22.03 55.93 8.84
CA ILE C 133 23.23 55.10 8.80
C ILE C 133 23.86 55.11 7.40
N LEU C 134 23.02 55.19 6.37
CA LEU C 134 23.48 55.19 4.99
C LEU C 134 24.10 56.51 4.58
N GLU C 135 23.54 57.61 5.10
CA GLU C 135 24.06 58.96 4.85
C GLU C 135 25.45 59.12 5.46
N ARG C 136 25.57 58.68 6.71
CA ARG C 136 26.82 58.76 7.47
C ARG C 136 27.90 57.83 6.94
N ASN C 137 27.52 56.92 6.07
CA ASN C 137 28.47 55.99 5.49
C ASN C 137 28.22 55.76 3.99
N PRO C 138 28.70 56.70 3.14
CA PRO C 138 28.47 56.65 1.69
C PRO C 138 29.08 55.40 1.03
N GLN C 139 30.02 54.78 1.71
CA GLN C 139 30.63 53.51 1.28
C GLN C 139 29.58 52.41 1.12
N LEU C 140 28.63 52.39 2.06
CA LEU C 140 27.65 51.33 2.20
C LEU C 140 26.53 51.45 1.20
N HIS C 141 26.05 50.30 0.74
CA HIS C 141 24.93 50.22 -0.18
C HIS C 141 23.79 49.41 0.42
N TYR C 142 22.60 50.01 0.47
CA TYR C 142 21.43 49.31 1.01
C TYR C 142 21.09 48.08 0.16
N TYR C 143 20.91 46.95 0.84
CA TYR C 143 20.42 45.73 0.21
C TYR C 143 19.09 45.33 0.84
N GLN C 144 18.16 44.93 -0.01
CA GLN C 144 16.90 44.38 0.43
C GLN C 144 17.20 43.28 1.44
N GLY C 145 16.70 43.44 2.65
CA GLY C 145 17.00 42.49 3.74
C GLY C 145 17.68 43.17 4.92
N TYR C 146 18.49 44.18 4.63
CA TYR C 146 19.15 44.98 5.64
C TYR C 146 18.12 45.47 6.67
N HIS C 147 16.92 45.78 6.20
CA HIS C 147 15.83 46.23 7.07
C HIS C 147 15.46 45.20 8.14
N ASP C 148 15.76 43.93 7.88
CA ASP C 148 15.48 42.84 8.84
C ASP C 148 16.51 42.73 9.96
N ILE C 149 17.69 43.31 9.74
CA ILE C 149 18.71 43.41 10.78
C ILE C 149 18.37 44.58 11.69
N VAL C 150 18.23 45.75 11.08
CA VAL C 150 17.95 47.01 11.80
C VAL C 150 16.70 46.90 12.70
N VAL C 151 15.61 46.36 12.15
CA VAL C 151 14.34 46.26 12.86
C VAL C 151 14.47 45.47 14.18
N THR C 152 15.28 44.41 14.16
CA THR C 152 15.55 43.60 15.35
C THR C 152 16.23 44.41 16.46
N PHE C 153 17.25 45.19 16.08
CA PHE C 153 17.93 46.07 17.02
C PHE C 153 17.00 47.13 17.57
N LEU C 154 16.09 47.63 16.73
CA LEU C 154 15.17 48.67 17.13
C LEU C 154 14.21 48.19 18.23
N LEU C 155 13.73 46.94 18.07
CA LEU C 155 12.76 46.36 18.99
C LEU C 155 13.40 45.91 20.31
N VAL C 156 14.68 45.59 20.27
CA VAL C 156 15.39 45.08 21.44
C VAL C 156 16.08 46.21 22.19
N VAL C 157 16.86 46.98 21.44
CA VAL C 157 17.84 47.87 22.00
C VAL C 157 17.38 49.34 21.95
N GLY C 158 16.25 49.57 21.29
CA GLY C 158 15.66 50.91 21.21
C GLY C 158 16.30 51.72 20.10
N GLU C 159 15.63 52.81 19.71
CA GLU C 159 16.04 53.63 18.56
C GLU C 159 17.47 54.16 18.65
N ARG C 160 17.76 54.89 19.72
CA ARG C 160 19.06 55.54 19.92
C ARG C 160 20.22 54.56 19.82
N LEU C 161 20.15 53.47 20.58
CA LEU C 161 21.21 52.48 20.57
C LEU C 161 21.27 51.75 19.23
N ALA C 162 20.11 51.49 18.63
CA ALA C 162 20.05 50.76 17.37
C ALA C 162 20.75 51.52 16.26
N THR C 163 20.60 52.84 16.23
CA THR C 163 21.19 53.65 15.15
C THR C 163 22.71 53.62 15.16
N SER C 164 23.30 53.55 16.36
CA SER C 164 24.76 53.49 16.53
C SER C 164 25.36 52.07 16.58
N LEU C 165 24.62 51.10 17.12
CA LEU C 165 25.08 49.70 17.16
C LEU C 165 25.11 49.10 15.76
N VAL C 166 24.06 49.39 14.98
CA VAL C 166 23.93 48.86 13.63
C VAL C 166 24.97 49.49 12.72
N GLU C 167 25.20 50.80 12.90
CA GLU C 167 26.25 51.50 12.20
C GLU C 167 27.57 50.74 12.27
N LYS C 168 27.97 50.32 13.46
CA LYS C 168 29.20 49.56 13.60
C LYS C 168 29.10 48.20 12.91
N LEU C 169 27.99 47.50 13.16
CA LEU C 169 27.75 46.18 12.58
C LEU C 169 27.79 46.21 11.06
N SER C 170 27.36 47.34 10.49
CA SER C 170 27.41 47.55 9.04
C SER C 170 28.83 47.71 8.49
N THR C 171 29.69 48.40 9.22
CA THR C 171 31.07 48.60 8.77
C THR C 171 31.98 47.38 9.02
N HIS C 172 31.52 46.47 9.88
CA HIS C 172 32.29 45.26 10.18
C HIS C 172 31.58 43.97 9.73
N HIS C 173 30.74 43.41 10.62
CA HIS C 173 30.10 42.11 10.42
C HIS C 173 29.29 41.99 9.11
N LEU C 174 28.81 43.11 8.60
CA LEU C 174 27.89 43.09 7.46
C LEU C 174 28.45 43.80 6.24
N ARG C 175 29.66 44.34 6.37
CA ARG C 175 30.27 45.18 5.32
C ARG C 175 30.25 44.52 3.94
N ASP C 176 30.58 43.23 3.87
CA ASP C 176 30.62 42.54 2.57
C ASP C 176 29.28 42.50 1.85
N PHE C 177 28.19 42.61 2.61
CA PHE C 177 26.85 42.60 2.06
C PHE C 177 26.48 43.99 1.54
N MET C 178 27.21 45.00 1.97
CA MET C 178 26.87 46.38 1.64
C MET C 178 27.79 46.96 0.55
N ASP C 179 28.55 46.08 -0.09
CA ASP C 179 29.37 46.44 -1.25
C ASP C 179 28.46 46.68 -2.47
N PRO C 180 28.95 47.44 -3.47
CA PRO C 180 28.18 47.75 -4.68
C PRO C 180 27.66 46.54 -5.47
N THR C 181 28.45 45.46 -5.52
CA THR C 181 28.01 44.21 -6.14
C THR C 181 27.86 43.12 -5.09
N MET C 182 27.39 41.95 -5.48
CA MET C 182 27.18 40.85 -4.54
C MET C 182 28.33 39.83 -4.55
N ASP C 183 29.46 40.24 -5.13
CA ASP C 183 30.61 39.36 -5.34
C ASP C 183 31.11 38.70 -4.05
N ASN C 184 31.36 39.51 -3.03
CA ASN C 184 31.84 39.02 -1.73
C ASN C 184 30.80 38.18 -0.97
N THR C 185 29.53 38.59 -1.04
CA THR C 185 28.44 37.79 -0.50
C THR C 185 28.44 36.43 -1.18
N LYS C 186 28.53 36.46 -2.51
CA LYS C 186 28.55 35.24 -3.34
C LYS C 186 29.65 34.29 -2.89
N HIS C 187 30.83 34.82 -2.65
CA HIS C 187 31.94 34.02 -2.12
C HIS C 187 31.65 33.50 -0.71
N ILE C 188 31.01 34.31 0.13
CA ILE C 188 30.64 33.85 1.48
C ILE C 188 29.69 32.65 1.41
N LEU C 189 28.70 32.73 0.52
CA LEU C 189 27.75 31.62 0.32
C LEU C 189 28.45 30.37 -0.18
N ASN C 190 29.48 30.57 -1.01
CA ASN C 190 30.25 29.46 -1.57
C ASN C 190 30.95 28.62 -0.50
N TYR C 191 31.24 29.24 0.66
CA TYR C 191 31.93 28.55 1.77
C TYR C 191 31.13 27.36 2.26
N LEU C 192 29.81 27.51 2.23
CA LEU C 192 28.88 26.51 2.70
C LEU C 192 29.24 25.09 2.25
N MET C 193 29.52 24.95 0.95
CA MET C 193 29.73 23.64 0.35
C MET C 193 30.97 22.88 0.87
N PRO C 194 32.13 23.56 0.98
CA PRO C 194 33.29 22.94 1.63
C PRO C 194 33.07 22.56 3.10
N ILE C 195 32.39 23.41 3.85
CA ILE C 195 32.07 23.15 5.26
C ILE C 195 31.30 21.84 5.40
N ILE C 196 30.21 21.70 4.66
CA ILE C 196 29.42 20.46 4.66
C ILE C 196 30.33 19.27 4.33
N ASP C 197 31.16 19.44 3.29
CA ASP C 197 32.07 18.39 2.80
C ASP C 197 33.07 17.91 3.86
N GLN C 198 33.34 18.78 4.83
CA GLN C 198 34.19 18.44 5.98
C GLN C 198 33.48 17.45 6.89
N VAL C 199 32.18 17.63 7.07
CA VAL C 199 31.37 16.79 7.96
C VAL C 199 30.75 15.60 7.25
N ASN C 200 29.96 15.88 6.22
CA ASN C 200 29.25 14.85 5.47
C ASN C 200 29.60 14.96 3.99
N PRO C 201 30.56 14.14 3.53
CA PRO C 201 30.89 14.10 2.10
C PRO C 201 29.69 13.66 1.25
N GLU C 202 29.04 12.57 1.65
CA GLU C 202 27.89 12.03 0.92
C GLU C 202 26.83 13.10 0.63
N LEU C 203 26.55 13.92 1.64
CA LEU C 203 25.61 15.03 1.51
C LEU C 203 26.14 16.05 0.53
N HIS C 204 27.42 16.42 0.68
CA HIS C 204 28.04 17.37 -0.22
C HIS C 204 27.86 16.91 -1.67
N ASP C 205 28.39 15.73 -1.99
CA ASP C 205 28.37 15.16 -3.33
C ASP C 205 26.98 15.14 -3.96
N PHE C 206 25.99 14.72 -3.18
CA PHE C 206 24.58 14.70 -3.60
C PHE C 206 24.08 16.08 -3.99
N MET C 207 24.29 17.05 -3.10
CA MET C 207 23.85 18.42 -3.35
C MET C 207 24.53 18.98 -4.58
N GLN C 208 25.79 18.60 -4.76
CA GLN C 208 26.59 19.03 -5.89
C GLN C 208 25.99 18.46 -7.17
N SER C 209 25.63 17.18 -7.14
CA SER C 209 25.07 16.47 -8.29
C SER C 209 23.62 16.90 -8.60
N ALA C 210 23.04 17.72 -7.73
CA ALA C 210 21.68 18.22 -7.91
C ALA C 210 21.68 19.70 -8.33
N GLU C 211 22.88 20.26 -8.49
CA GLU C 211 23.10 21.64 -8.95
C GLU C 211 22.34 22.71 -8.17
N VAL C 212 22.10 22.45 -6.89
CA VAL C 212 21.26 23.31 -6.05
C VAL C 212 21.87 24.67 -5.77
N GLY C 213 23.20 24.74 -5.83
CA GLY C 213 23.91 25.96 -5.47
C GLY C 213 23.83 26.21 -3.98
N THR C 214 23.95 27.48 -3.59
CA THR C 214 23.92 27.88 -2.19
C THR C 214 22.94 29.04 -1.98
N ILE C 215 22.18 29.37 -3.02
CA ILE C 215 21.35 30.57 -3.01
C ILE C 215 20.18 30.45 -2.03
N PHE C 216 19.88 29.24 -1.58
CA PHE C 216 18.82 29.04 -0.58
C PHE C 216 19.18 29.72 0.73
N ALA C 217 20.48 29.89 0.96
CA ALA C 217 21.00 30.45 2.22
C ALA C 217 21.16 31.97 2.23
N LEU C 218 20.82 32.62 1.12
CA LEU C 218 21.00 34.08 1.00
C LEU C 218 20.22 34.85 2.07
N SER C 219 18.91 34.59 2.17
CA SER C 219 18.08 35.26 3.19
C SER C 219 18.70 35.10 4.57
N TRP C 220 19.05 33.85 4.91
CA TRP C 220 19.64 33.52 6.20
C TRP C 220 20.85 34.38 6.50
N LEU C 221 21.85 34.34 5.61
CA LEU C 221 23.07 35.10 5.76
C LEU C 221 22.80 36.60 5.83
N ILE C 222 22.35 37.19 4.72
CA ILE C 222 22.17 38.62 4.60
C ILE C 222 21.36 39.24 5.76
N THR C 223 20.46 38.47 6.36
CA THR C 223 19.57 39.00 7.42
C THR C 223 19.82 38.39 8.80
N TRP C 224 20.89 37.60 8.91
CA TRP C 224 21.21 36.88 10.15
C TRP C 224 20.03 36.04 10.58
N PHE C 225 19.43 35.35 9.61
CA PHE C 225 18.28 34.48 9.81
C PHE C 225 17.03 35.24 10.26
N GLY C 226 17.13 36.57 10.36
CA GLY C 226 16.05 37.40 10.86
C GLY C 226 14.83 37.38 9.97
N HIS C 227 15.04 37.08 8.69
CA HIS C 227 13.99 37.10 7.68
C HIS C 227 13.22 35.78 7.61
N VAL C 228 13.84 34.72 8.11
CA VAL C 228 13.37 33.36 7.88
C VAL C 228 12.89 32.62 9.14
N LEU C 229 13.22 33.15 10.32
CA LEU C 229 12.84 32.56 11.60
C LEU C 229 11.60 33.23 12.15
N SER C 230 10.62 32.40 12.49
CA SER C 230 9.28 32.86 12.87
C SER C 230 9.20 33.47 14.28
N ASP C 231 9.88 32.85 15.25
CA ASP C 231 9.86 33.27 16.65
C ASP C 231 10.88 34.36 16.93
N PHE C 232 10.39 35.56 17.30
CA PHE C 232 11.28 36.72 17.53
C PHE C 232 12.24 36.54 18.71
N ARG C 233 11.77 35.86 19.76
CA ARG C 233 12.61 35.55 20.91
C ARG C 233 13.77 34.64 20.53
N HIS C 234 13.54 33.81 19.52
CA HIS C 234 14.59 32.94 18.96
C HIS C 234 15.60 33.71 18.11
N VAL C 235 15.14 34.78 17.45
CA VAL C 235 16.02 35.62 16.62
C VAL C 235 16.96 36.45 17.50
N VAL C 236 16.41 37.10 18.52
CA VAL C 236 17.23 37.97 19.37
C VAL C 236 18.26 37.20 20.19
N ARG C 237 17.95 35.94 20.49
CA ARG C 237 18.94 35.05 21.08
C ARG C 237 20.02 34.75 20.05
N LEU C 238 19.62 34.49 18.80
CA LEU C 238 20.56 34.14 17.75
C LEU C 238 21.53 35.30 17.45
N TYR C 239 21.02 36.52 17.58
CA TYR C 239 21.84 37.73 17.46
C TYR C 239 22.88 37.84 18.57
N ASP C 240 22.52 37.41 19.78
CA ASP C 240 23.46 37.29 20.90
C ASP C 240 24.68 36.46 20.49
N PHE C 241 24.39 35.36 19.82
CA PHE C 241 25.40 34.42 19.34
C PHE C 241 26.29 35.07 18.28
N PHE C 242 25.66 35.66 17.26
CA PHE C 242 26.41 36.24 16.15
C PHE C 242 27.23 37.45 16.56
N LEU C 243 26.72 38.21 17.54
CA LEU C 243 27.44 39.35 18.09
C LEU C 243 28.75 38.94 18.76
N ALA C 244 28.73 37.82 19.46
CA ALA C 244 29.91 37.38 20.22
C ALA C 244 30.81 36.44 19.42
N CYS C 245 30.59 36.34 18.12
CA CYS C 245 31.36 35.40 17.30
C CYS C 245 31.90 35.99 16.02
N HIS C 246 32.75 35.21 15.34
CA HIS C 246 33.36 35.60 14.08
C HIS C 246 32.26 36.00 13.09
N PRO C 247 32.53 37.03 12.25
CA PRO C 247 31.53 37.52 11.29
C PRO C 247 31.02 36.48 10.28
N LEU C 248 31.72 35.37 10.11
CA LEU C 248 31.26 34.31 9.23
C LEU C 248 30.49 33.22 9.96
N MET C 249 29.99 33.53 11.16
CA MET C 249 29.25 32.56 11.97
C MET C 249 27.94 32.08 11.35
N PRO C 250 27.14 32.98 10.74
CA PRO C 250 25.89 32.56 10.11
C PRO C 250 25.95 31.43 9.07
N ILE C 251 26.97 31.37 8.20
CA ILE C 251 27.03 30.24 7.25
C ILE C 251 27.44 28.92 7.89
N TYR C 252 28.02 28.98 9.07
CA TYR C 252 28.29 27.77 9.83
C TYR C 252 26.99 27.28 10.45
N PHE C 253 26.14 28.22 10.82
CA PHE C 253 24.79 27.91 11.27
C PHE C 253 23.95 27.35 10.11
N ALA C 254 24.05 27.98 8.94
CA ALA C 254 23.47 27.47 7.70
C ALA C 254 23.98 26.06 7.42
N ALA C 255 25.28 25.88 7.54
CA ALA C 255 25.92 24.58 7.29
C ALA C 255 25.40 23.52 8.25
N VAL C 256 25.19 23.94 9.49
CA VAL C 256 24.77 23.02 10.54
C VAL C 256 23.28 22.66 10.45
N ILE C 257 22.49 23.60 9.89
CA ILE C 257 21.09 23.32 9.55
C ILE C 257 21.00 22.22 8.50
N VAL C 258 21.64 22.43 7.36
CA VAL C 258 21.62 21.46 6.26
C VAL C 258 22.13 20.09 6.71
N LEU C 259 23.11 20.10 7.60
CA LEU C 259 23.77 18.88 8.05
C LEU C 259 22.88 17.96 8.88
N TYR C 260 21.99 18.53 9.68
CA TYR C 260 21.07 17.73 10.49
C TYR C 260 19.91 17.26 9.63
N ARG C 261 19.61 18.04 8.59
CA ARG C 261 18.58 17.72 7.61
C ARG C 261 19.10 16.70 6.60
N GLU C 262 20.26 16.12 6.90
CA GLU C 262 20.91 15.11 6.08
C GLU C 262 19.94 14.11 5.46
N GLN C 263 19.23 13.36 6.29
CA GLN C 263 18.34 12.30 5.79
C GLN C 263 17.22 12.81 4.88
N GLU C 264 16.63 13.95 5.23
CA GLU C 264 15.50 14.49 4.47
C GLU C 264 15.95 14.96 3.08
N VAL C 265 17.17 15.49 3.02
CA VAL C 265 17.80 15.92 1.77
C VAL C 265 18.01 14.76 0.81
N LEU C 266 18.67 13.70 1.30
CA LEU C 266 19.04 12.54 0.48
C LEU C 266 17.85 11.71 0.01
N ASP C 267 16.66 12.02 0.51
CA ASP C 267 15.44 11.32 0.14
C ASP C 267 14.66 12.05 -0.95
N CYS C 268 15.19 13.20 -1.38
CA CYS C 268 14.65 13.93 -2.52
C CYS C 268 15.00 13.25 -3.84
N ASP C 269 14.23 13.57 -4.87
CA ASP C 269 14.68 13.40 -6.25
C ASP C 269 15.87 14.33 -6.42
N CYS C 270 16.95 13.80 -6.98
CA CYS C 270 18.17 14.59 -7.10
C CYS C 270 18.06 15.60 -8.25
N ASP C 271 17.32 16.68 -8.00
CA ASP C 271 17.23 17.78 -8.95
C ASP C 271 17.12 19.08 -8.17
N MET C 272 17.33 20.19 -8.87
CA MET C 272 17.35 21.51 -8.24
C MET C 272 16.06 21.82 -7.49
N ALA C 273 14.96 21.93 -8.21
CA ALA C 273 13.67 22.30 -7.63
C ALA C 273 13.37 21.53 -6.36
N SER C 274 13.46 20.20 -6.42
CA SER C 274 13.19 19.33 -5.27
C SER C 274 14.05 19.69 -4.06
N VAL C 275 15.37 19.75 -4.25
CA VAL C 275 16.31 19.97 -3.16
C VAL C 275 16.33 21.44 -2.71
N HIS C 276 16.19 22.36 -3.66
CA HIS C 276 16.20 23.79 -3.36
C HIS C 276 15.04 24.18 -2.45
N HIS C 277 13.84 23.79 -2.85
CA HIS C 277 12.62 24.09 -2.13
C HIS C 277 12.60 23.41 -0.77
N LEU C 278 13.33 22.29 -0.63
CA LEU C 278 13.36 21.57 0.64
C LEU C 278 14.06 22.38 1.71
N LEU C 279 15.20 22.98 1.36
CA LEU C 279 16.01 23.67 2.34
C LEU C 279 15.63 25.13 2.51
N SER C 280 14.36 25.48 2.29
CA SER C 280 14.01 26.88 2.03
C SER C 280 13.07 27.74 2.90
N GLN C 281 11.87 27.31 3.33
CA GLN C 281 11.41 25.95 3.66
C GLN C 281 12.18 25.45 4.88
N ILE C 282 12.43 26.39 5.78
CA ILE C 282 13.08 26.14 7.05
C ILE C 282 12.05 25.68 8.08
N PRO C 283 12.24 24.49 8.66
CA PRO C 283 11.27 23.89 9.59
C PRO C 283 10.97 24.76 10.82
N GLN C 284 9.70 24.78 11.23
CA GLN C 284 9.24 25.58 12.37
C GLN C 284 9.78 25.02 13.70
N ASP C 285 9.98 23.71 13.73
CA ASP C 285 10.54 23.00 14.88
C ASP C 285 12.08 23.04 14.89
N LEU C 286 12.65 24.12 14.34
CA LEU C 286 14.10 24.30 14.22
C LEU C 286 14.79 24.23 15.58
N PRO C 287 15.69 23.24 15.78
CA PRO C 287 16.42 23.06 17.03
C PRO C 287 17.47 24.16 17.28
N TYR C 288 17.00 25.37 17.57
CA TYR C 288 17.85 26.55 17.59
C TYR C 288 19.00 26.52 18.63
N GLU C 289 18.76 25.89 19.78
CA GLU C 289 19.74 25.86 20.88
C GLU C 289 20.85 24.83 20.74
N THR C 290 20.54 23.68 20.16
CA THR C 290 21.56 22.63 20.00
C THR C 290 22.42 22.90 18.75
N LEU C 291 21.84 23.60 17.79
CA LEU C 291 22.56 23.96 16.56
C LEU C 291 23.59 25.05 16.79
N ILE C 292 23.30 25.93 17.75
CA ILE C 292 24.27 26.93 18.18
C ILE C 292 25.56 26.26 18.69
N SER C 293 25.40 25.16 19.43
CA SER C 293 26.54 24.40 19.96
C SER C 293 27.36 23.78 18.85
N ARG C 294 26.67 23.27 17.82
CA ARG C 294 27.34 22.55 16.74
C ARG C 294 28.06 23.48 15.79
N ALA C 295 27.49 24.67 15.57
CA ALA C 295 28.08 25.66 14.67
C ALA C 295 29.39 26.19 15.25
N GLY C 296 29.44 26.31 16.57
CA GLY C 296 30.66 26.73 17.26
C GLY C 296 31.72 25.67 17.19
N ASP C 297 31.35 24.45 17.53
CA ASP C 297 32.26 23.31 17.52
C ASP C 297 32.81 23.03 16.11
N LEU C 298 32.05 23.40 15.09
CA LEU C 298 32.51 23.25 13.70
C LEU C 298 33.37 24.43 13.26
N PHE C 299 32.95 25.65 13.60
CA PHE C 299 33.76 26.83 13.32
C PHE C 299 35.18 26.68 13.86
N VAL C 300 35.32 26.14 15.08
CA VAL C 300 36.65 25.94 15.64
C VAL C 300 37.42 24.82 14.93
N GLN C 301 36.68 23.83 14.42
CA GLN C 301 37.28 22.64 13.82
C GLN C 301 37.74 22.89 12.38
N PHE C 302 36.87 23.46 11.55
CA PHE C 302 37.24 23.94 10.23
C PHE C 302 36.90 25.44 10.11
N PRO C 303 37.83 26.31 10.50
CA PRO C 303 37.65 27.76 10.42
C PRO C 303 37.85 28.29 9.00
N PRO C 304 37.40 29.52 8.72
CA PRO C 304 37.58 30.20 7.43
C PRO C 304 39.05 30.39 7.05
N SER C 305 39.47 29.78 5.94
CA SER C 305 40.88 29.71 5.56
C SER C 305 41.05 29.63 4.03
N GLU D 5 1.78 11.04 -13.54
CA GLU D 5 0.95 11.89 -12.62
C GLU D 5 0.56 13.24 -13.24
N TYR D 6 1.29 13.66 -14.28
CA TYR D 6 0.93 14.83 -15.07
C TYR D 6 1.48 14.74 -16.49
N ASP D 7 0.83 15.44 -17.43
CA ASP D 7 1.24 15.43 -18.84
C ASP D 7 2.46 16.31 -19.09
N TYR D 8 2.46 17.52 -18.54
CA TYR D 8 3.53 18.48 -18.76
C TYR D 8 3.96 19.19 -17.49
N LEU D 9 5.23 19.61 -17.47
CA LEU D 9 5.76 20.48 -16.41
C LEU D 9 6.44 21.70 -17.03
N PHE D 10 5.79 22.84 -16.91
CA PHE D 10 6.34 24.10 -17.43
C PHE D 10 6.95 24.92 -16.33
N LYS D 11 8.25 25.20 -16.46
CA LYS D 11 8.97 26.10 -15.56
C LYS D 11 8.72 27.55 -15.98
N LEU D 12 8.24 28.35 -15.02
CA LEU D 12 8.00 29.77 -15.26
C LEU D 12 8.94 30.63 -14.43
N LEU D 13 9.00 31.91 -14.79
CA LEU D 13 9.83 32.87 -14.06
C LEU D 13 9.13 34.22 -13.99
N LEU D 14 9.21 34.86 -12.82
CA LEU D 14 8.63 36.19 -12.63
C LEU D 14 9.75 37.18 -12.34
N ILE D 15 9.79 38.27 -13.12
CA ILE D 15 10.81 39.31 -12.98
C ILE D 15 10.19 40.71 -13.06
N GLY D 16 10.90 41.69 -12.51
CA GLY D 16 10.43 43.08 -12.49
C GLY D 16 11.01 43.81 -11.29
N ASP D 17 10.79 45.11 -11.22
CA ASP D 17 11.34 45.92 -10.13
C ASP D 17 10.80 45.48 -8.78
N SER D 18 11.47 45.93 -7.73
CA SER D 18 11.03 45.62 -6.37
C SER D 18 9.84 46.51 -6.02
N GLY D 19 8.72 45.88 -5.66
CA GLY D 19 7.50 46.60 -5.30
C GLY D 19 6.37 46.52 -6.31
N VAL D 20 6.61 45.86 -7.43
CA VAL D 20 5.65 45.84 -8.55
C VAL D 20 4.47 44.89 -8.37
N GLY D 21 4.69 43.77 -7.69
CA GLY D 21 3.61 42.81 -7.43
C GLY D 21 3.90 41.38 -7.86
N LYS D 22 5.14 41.12 -8.29
CA LYS D 22 5.55 39.79 -8.74
C LYS D 22 5.21 38.73 -7.70
N SER D 23 5.52 39.05 -6.44
CA SER D 23 5.32 38.12 -5.33
C SER D 23 3.83 37.98 -4.99
N CYS D 24 3.11 39.10 -5.01
CA CYS D 24 1.65 39.10 -4.78
C CYS D 24 0.89 38.32 -5.85
N LEU D 25 1.30 38.50 -7.10
CA LEU D 25 0.69 37.80 -8.23
C LEU D 25 0.86 36.29 -8.14
N LEU D 26 2.01 35.84 -7.65
CA LEU D 26 2.28 34.42 -7.45
C LEU D 26 1.30 33.84 -6.45
N LEU D 27 1.06 34.57 -5.37
CA LEU D 27 0.19 34.11 -4.29
C LEU D 27 -1.30 34.06 -4.68
N ARG D 28 -1.74 34.99 -5.52
CA ARG D 28 -3.11 34.92 -6.06
C ARG D 28 -3.31 33.66 -6.87
N PHE D 29 -2.32 33.31 -7.67
CA PHE D 29 -2.45 32.17 -8.59
C PHE D 29 -2.19 30.83 -7.94
N ALA D 30 -1.36 30.81 -6.90
CA ALA D 30 -0.96 29.55 -6.28
C ALA D 30 -1.81 29.17 -5.07
N ASP D 31 -2.24 30.17 -4.32
CA ASP D 31 -2.96 29.93 -3.07
C ASP D 31 -4.32 30.64 -2.99
N ASP D 32 -4.58 31.52 -3.97
CA ASP D 32 -5.77 32.40 -3.99
C ASP D 32 -5.94 33.20 -2.69
N THR D 33 -4.81 33.68 -2.17
CA THR D 33 -4.78 34.58 -1.03
C THR D 33 -4.07 35.85 -1.44
N TYR D 34 -4.54 36.98 -0.94
CA TYR D 34 -3.81 38.24 -1.06
C TYR D 34 -3.58 38.82 0.32
N THR D 35 -2.35 39.26 0.56
CA THR D 35 -1.97 39.82 1.85
C THR D 35 -1.29 41.17 1.70
N GLU D 36 -1.78 42.16 2.45
CA GLU D 36 -1.47 43.58 2.22
C GLU D 36 -0.01 43.97 2.43
N SER D 37 0.68 43.24 3.32
CA SER D 37 2.12 43.46 3.54
C SER D 37 2.88 42.14 3.60
N TYR D 38 3.04 41.51 2.44
CA TYR D 38 3.79 40.27 2.34
C TYR D 38 5.27 40.62 2.36
N ILE D 39 6.09 39.74 2.94
CA ILE D 39 7.52 40.02 3.09
C ILE D 39 8.24 40.22 1.75
N SER D 40 9.28 41.04 1.78
CA SER D 40 10.14 41.28 0.63
C SER D 40 10.95 40.05 0.26
N THR D 41 10.82 39.64 -1.00
CA THR D 41 11.52 38.48 -1.55
C THR D 41 13.04 38.70 -1.53
N ILE D 42 13.74 37.79 -0.86
CA ILE D 42 15.20 37.77 -0.90
C ILE D 42 15.62 36.42 -1.46
N GLY D 43 16.20 36.44 -2.64
CA GLY D 43 16.63 35.22 -3.28
C GLY D 43 15.61 34.69 -4.26
N VAL D 44 15.44 33.38 -4.25
CA VAL D 44 14.67 32.70 -5.28
C VAL D 44 14.03 31.43 -4.72
N ASP D 45 12.72 31.29 -4.94
CA ASP D 45 11.96 30.11 -4.57
C ASP D 45 10.74 30.06 -5.47
N PHE D 46 10.09 28.90 -5.52
CA PHE D 46 8.92 28.73 -6.38
C PHE D 46 7.69 28.26 -5.62
N LYS D 47 6.53 28.43 -6.25
CA LYS D 47 5.27 27.92 -5.77
C LYS D 47 4.70 27.07 -6.90
N ILE D 48 3.81 26.14 -6.56
CA ILE D 48 3.26 25.20 -7.53
C ILE D 48 1.76 25.42 -7.80
N ARG D 49 1.33 25.16 -9.04
CA ARG D 49 -0.08 25.10 -9.41
C ARG D 49 -0.25 24.13 -10.56
N THR D 50 -1.15 23.16 -10.41
CA THR D 50 -1.54 22.28 -11.51
C THR D 50 -2.77 22.89 -12.19
N ILE D 51 -2.79 22.83 -13.52
CA ILE D 51 -3.97 23.23 -14.31
C ILE D 51 -4.36 22.20 -15.38
N GLU D 52 -5.54 22.36 -15.96
CA GLU D 52 -5.97 21.54 -17.09
C GLU D 52 -6.12 22.44 -18.32
N LEU D 53 -5.53 22.01 -19.43
CA LEU D 53 -5.54 22.79 -20.66
C LEU D 53 -5.75 21.87 -21.85
N ASP D 54 -6.83 22.11 -22.61
CA ASP D 54 -7.28 21.26 -23.71
C ASP D 54 -7.33 19.78 -23.33
N GLY D 55 -7.83 19.50 -22.12
CA GLY D 55 -7.95 18.13 -21.62
C GLY D 55 -6.63 17.46 -21.32
N LYS D 56 -5.63 18.27 -20.97
CA LYS D 56 -4.30 17.77 -20.58
C LYS D 56 -3.87 18.39 -19.25
N THR D 57 -3.16 17.61 -18.43
CA THR D 57 -2.73 18.06 -17.11
C THR D 57 -1.39 18.80 -17.15
N ILE D 58 -1.39 20.05 -16.71
CA ILE D 58 -0.19 20.88 -16.71
C ILE D 58 0.22 21.30 -15.30
N LYS D 59 1.43 20.88 -14.92
CA LYS D 59 2.05 21.24 -13.66
C LYS D 59 2.94 22.46 -13.90
N LEU D 60 2.64 23.57 -13.22
CA LEU D 60 3.41 24.80 -13.35
C LEU D 60 4.19 25.08 -12.07
N GLN D 61 5.52 25.09 -12.14
CA GLN D 61 6.31 25.66 -11.06
C GLN D 61 6.78 27.06 -11.47
N ILE D 62 6.37 28.05 -10.69
CA ILE D 62 6.58 29.45 -11.03
C ILE D 62 7.57 30.06 -10.06
N TRP D 63 8.79 30.34 -10.55
CA TRP D 63 9.85 30.92 -9.74
C TRP D 63 9.67 32.41 -9.54
N ASP D 64 10.01 32.88 -8.34
CA ASP D 64 9.88 34.28 -7.94
C ASP D 64 11.28 34.86 -7.66
N THR D 65 11.47 36.13 -7.98
CA THR D 65 12.78 36.77 -7.85
C THR D 65 12.77 38.01 -6.94
N ALA D 66 13.94 38.64 -6.82
CA ALA D 66 14.09 39.89 -6.07
C ALA D 66 14.41 41.02 -7.03
N GLY D 67 13.65 42.10 -6.91
CA GLY D 67 13.69 43.20 -7.87
C GLY D 67 14.94 44.06 -7.97
N GLN D 68 15.63 44.24 -6.85
CA GLN D 68 16.76 45.16 -6.80
C GLN D 68 17.88 44.74 -7.73
N GLU D 69 18.48 45.72 -8.42
CA GLU D 69 19.49 45.45 -9.46
C GLU D 69 20.64 44.57 -8.99
N ARG D 70 21.04 44.73 -7.73
CA ARG D 70 22.15 43.98 -7.17
C ARG D 70 21.88 42.46 -7.14
N PHE D 71 20.61 42.08 -7.17
CA PHE D 71 20.22 40.67 -7.18
C PHE D 71 20.13 40.08 -8.59
N ARG D 72 20.29 40.92 -9.61
CA ARG D 72 20.20 40.46 -11.00
C ARG D 72 21.28 39.43 -11.30
N THR D 73 22.48 39.68 -10.79
CA THR D 73 23.62 38.79 -10.98
C THR D 73 23.47 37.45 -10.27
N ILE D 74 22.50 37.35 -9.37
CA ILE D 74 22.22 36.11 -8.67
C ILE D 74 21.08 35.30 -9.32
N THR D 75 20.03 35.99 -9.76
CA THR D 75 18.86 35.35 -10.38
C THR D 75 19.05 35.06 -11.88
N SER D 76 20.08 35.67 -12.48
CA SER D 76 20.45 35.46 -13.89
C SER D 76 20.64 33.98 -14.23
N SER D 77 21.06 33.21 -13.24
CA SER D 77 21.31 31.78 -13.36
C SER D 77 20.03 30.95 -13.58
N TYR D 78 18.88 31.54 -13.29
CA TYR D 78 17.62 30.79 -13.31
C TYR D 78 16.78 31.01 -14.57
N TYR D 79 17.29 31.86 -15.47
CA TYR D 79 16.64 32.13 -16.75
C TYR D 79 16.80 30.95 -17.72
N ARG D 80 17.90 30.23 -17.58
CA ARG D 80 18.24 29.11 -18.48
C ARG D 80 17.18 28.01 -18.62
N GLY D 81 16.52 27.67 -17.52
CA GLY D 81 15.54 26.59 -17.53
C GLY D 81 14.13 27.00 -17.92
N ALA D 82 13.85 28.30 -17.79
CA ALA D 82 12.49 28.82 -17.91
C ALA D 82 11.88 28.62 -19.30
N HIS D 83 10.61 28.20 -19.33
CA HIS D 83 9.83 28.11 -20.56
C HIS D 83 9.12 29.42 -20.82
N GLY D 84 8.82 30.13 -19.74
CA GLY D 84 8.13 31.41 -19.82
C GLY D 84 8.69 32.35 -18.78
N ILE D 85 8.76 33.63 -19.14
CA ILE D 85 9.22 34.68 -18.24
C ILE D 85 8.24 35.83 -18.27
N ILE D 86 7.56 36.07 -17.16
CA ILE D 86 6.62 37.17 -17.07
C ILE D 86 7.36 38.38 -16.52
N VAL D 87 7.34 39.48 -17.27
CA VAL D 87 7.92 40.74 -16.81
C VAL D 87 6.81 41.56 -16.18
N VAL D 88 6.98 41.90 -14.90
CA VAL D 88 5.94 42.65 -14.18
C VAL D 88 6.37 44.10 -13.98
N TYR D 89 5.54 45.03 -14.45
CA TYR D 89 5.66 46.42 -14.03
C TYR D 89 4.48 46.82 -13.14
N ASP D 90 4.55 48.04 -12.59
CA ASP D 90 3.55 48.54 -11.67
C ASP D 90 3.01 49.83 -12.28
N VAL D 91 1.79 49.77 -12.79
CA VAL D 91 1.18 50.89 -13.53
C VAL D 91 1.21 52.22 -12.74
N THR D 92 1.47 52.13 -11.44
CA THR D 92 1.50 53.29 -10.57
C THR D 92 2.90 53.89 -10.46
N ASP D 93 3.88 53.19 -11.03
CA ASP D 93 5.29 53.58 -10.90
C ASP D 93 5.98 53.61 -12.26
N GLN D 94 6.08 54.80 -12.85
CA GLN D 94 6.63 54.96 -14.20
C GLN D 94 8.01 54.33 -14.34
N GLU D 95 8.77 54.28 -13.24
CA GLU D 95 10.10 53.69 -13.23
C GLU D 95 10.05 52.17 -13.37
N SER D 96 8.96 51.56 -12.91
CA SER D 96 8.74 50.10 -13.07
C SER D 96 8.67 49.75 -14.55
N TYR D 97 7.97 50.59 -15.30
CA TYR D 97 7.74 50.39 -16.72
C TYR D 97 8.93 50.88 -17.53
N ALA D 98 9.60 51.92 -17.03
CA ALA D 98 10.81 52.41 -17.68
C ALA D 98 11.86 51.31 -17.69
N ASN D 99 11.94 50.59 -16.57
CA ASN D 99 12.91 49.51 -16.40
C ASN D 99 12.57 48.24 -17.15
N VAL D 100 11.36 48.18 -17.71
CA VAL D 100 10.92 46.98 -18.42
C VAL D 100 11.89 46.67 -19.56
N LYS D 101 12.47 47.71 -20.15
CA LYS D 101 13.44 47.60 -21.23
C LYS D 101 14.63 46.76 -20.76
N GLN D 102 15.15 47.12 -19.59
CA GLN D 102 16.31 46.43 -18.99
C GLN D 102 16.05 44.97 -18.68
N TRP D 103 14.83 44.67 -18.25
CA TRP D 103 14.46 43.30 -17.87
C TRP D 103 14.44 42.38 -19.07
N LEU D 104 14.01 42.92 -20.20
CA LEU D 104 14.02 42.18 -21.46
C LEU D 104 15.44 41.91 -21.90
N GLN D 105 16.29 42.93 -21.81
CA GLN D 105 17.72 42.77 -22.11
C GLN D 105 18.34 41.67 -21.27
N GLU D 106 17.80 41.47 -20.08
CA GLU D 106 18.22 40.37 -19.21
C GLU D 106 17.76 39.03 -19.77
N ILE D 107 16.52 38.98 -20.26
CA ILE D 107 15.98 37.78 -20.90
C ILE D 107 16.85 37.40 -22.11
N ASP D 108 17.17 38.38 -22.94
CA ASP D 108 17.99 38.17 -24.14
C ASP D 108 19.35 37.54 -23.83
N ARG D 109 19.88 37.90 -22.66
CA ARG D 109 21.23 37.49 -22.28
C ARG D 109 21.30 36.07 -21.72
N TYR D 110 20.31 35.68 -20.92
CA TYR D 110 20.37 34.40 -20.20
C TYR D 110 19.29 33.38 -20.56
N ALA D 111 18.11 33.84 -20.96
CA ALA D 111 17.00 32.95 -21.27
C ALA D 111 17.23 32.10 -22.54
N SER D 112 16.34 31.14 -22.80
CA SER D 112 16.41 30.32 -24.01
C SER D 112 16.12 31.12 -25.27
N GLU D 113 16.71 30.67 -26.39
CA GLU D 113 16.71 31.41 -27.65
C GLU D 113 15.34 31.97 -28.08
N ASN D 114 14.29 31.16 -27.90
CA ASN D 114 12.93 31.58 -28.20
C ASN D 114 11.97 31.22 -27.06
N VAL D 115 12.21 31.86 -25.92
CA VAL D 115 11.42 31.66 -24.71
C VAL D 115 10.13 32.49 -24.78
N ASN D 116 9.03 31.93 -24.31
CA ASN D 116 7.75 32.63 -24.24
C ASN D 116 7.77 33.75 -23.22
N LYS D 117 7.29 34.92 -23.61
CA LYS D 117 7.32 36.09 -22.75
C LYS D 117 5.91 36.66 -22.57
N LEU D 118 5.76 37.50 -21.55
CA LEU D 118 4.50 38.19 -21.29
C LEU D 118 4.79 39.45 -20.50
N LEU D 119 4.10 40.53 -20.84
CA LEU D 119 4.24 41.77 -20.11
C LEU D 119 3.00 42.03 -19.28
N VAL D 120 3.18 42.09 -17.96
CA VAL D 120 2.06 42.34 -17.05
C VAL D 120 2.19 43.72 -16.38
N GLY D 121 1.14 44.53 -16.51
CA GLY D 121 0.96 45.74 -15.72
C GLY D 121 0.17 45.38 -14.49
N ASN D 122 0.50 45.97 -13.35
CA ASN D 122 -0.15 45.56 -12.11
C ASN D 122 -0.73 46.72 -11.28
N LYS D 123 -1.49 46.35 -10.25
CA LYS D 123 -2.16 47.31 -9.38
C LYS D 123 -3.13 48.18 -10.17
N SER D 124 -3.90 47.52 -11.04
CA SER D 124 -4.86 48.20 -11.93
C SER D 124 -6.02 48.83 -11.16
N ASP D 125 -6.29 48.29 -9.97
CA ASP D 125 -7.29 48.82 -9.06
C ASP D 125 -6.98 50.24 -8.60
N LEU D 126 -5.69 50.57 -8.55
CA LEU D 126 -5.23 51.90 -8.15
C LEU D 126 -5.40 52.89 -9.29
N THR D 127 -6.66 53.23 -9.59
CA THR D 127 -6.99 54.11 -10.71
C THR D 127 -6.50 55.52 -10.48
N THR D 128 -6.71 56.06 -9.28
CA THR D 128 -6.39 57.46 -8.98
C THR D 128 -4.88 57.77 -8.96
N LYS D 129 -4.07 56.74 -8.71
CA LYS D 129 -2.61 56.90 -8.64
C LYS D 129 -1.88 56.25 -9.84
N LYS D 130 -2.60 56.07 -10.94
CA LYS D 130 -2.06 55.41 -12.14
C LYS D 130 -1.36 56.40 -13.06
N VAL D 131 -0.11 56.10 -13.42
CA VAL D 131 0.70 57.00 -14.23
C VAL D 131 1.04 56.44 -15.61
N VAL D 132 1.20 55.12 -15.71
CA VAL D 132 1.53 54.47 -16.99
C VAL D 132 0.28 54.30 -17.84
N ASP D 133 0.28 54.89 -19.04
CA ASP D 133 -0.88 54.83 -19.95
C ASP D 133 -1.08 53.42 -20.52
N ASN D 134 -2.34 53.06 -20.74
CA ASN D 134 -2.72 51.71 -21.20
C ASN D 134 -2.35 51.43 -22.64
N THR D 135 -2.63 52.39 -23.52
CA THR D 135 -2.39 52.27 -24.96
C THR D 135 -0.90 52.10 -25.26
N THR D 136 -0.07 52.97 -24.69
CA THR D 136 1.37 52.95 -24.94
C THR D 136 2.04 51.67 -24.41
N ALA D 137 1.44 51.06 -23.40
CA ALA D 137 1.91 49.77 -22.89
C ALA D 137 1.52 48.65 -23.84
N LYS D 138 0.32 48.76 -24.42
CA LYS D 138 -0.17 47.78 -25.38
C LYS D 138 0.60 47.85 -26.70
N GLU D 139 0.78 49.06 -27.21
CA GLU D 139 1.52 49.29 -28.46
C GLU D 139 2.96 48.79 -28.39
N PHE D 140 3.63 49.08 -27.27
CA PHE D 140 5.01 48.66 -27.06
C PHE D 140 5.15 47.13 -27.08
N ALA D 141 4.29 46.45 -26.33
CA ALA D 141 4.29 44.99 -26.31
C ALA D 141 3.91 44.43 -27.68
N ASP D 142 2.96 45.08 -28.34
CA ASP D 142 2.52 44.70 -29.68
C ASP D 142 3.65 44.76 -30.71
N SER D 143 4.70 45.53 -30.42
CA SER D 143 5.82 45.69 -31.36
C SER D 143 6.87 44.57 -31.25
N LEU D 144 7.14 44.09 -30.04
CA LEU D 144 8.05 42.96 -29.87
C LEU D 144 7.33 41.62 -30.04
N GLY D 145 6.01 41.67 -30.25
CA GLY D 145 5.21 40.46 -30.47
C GLY D 145 4.94 39.68 -29.20
N ILE D 146 4.73 40.41 -28.10
CA ILE D 146 4.51 39.82 -26.79
C ILE D 146 3.11 40.17 -26.28
N PRO D 147 2.40 39.18 -25.68
CA PRO D 147 1.11 39.42 -25.04
C PRO D 147 1.20 40.40 -23.86
N PHE D 148 0.11 41.09 -23.58
CA PHE D 148 0.08 42.11 -22.53
C PHE D 148 -1.26 42.19 -21.82
N LEU D 149 -1.25 42.03 -20.50
CA LEU D 149 -2.43 42.25 -19.67
C LEU D 149 -2.14 43.28 -18.59
N GLU D 150 -3.17 44.00 -18.16
CA GLU D 150 -3.12 44.73 -16.89
C GLU D 150 -3.85 43.87 -15.86
N THR D 151 -3.30 43.80 -14.66
CA THR D 151 -3.85 42.89 -13.65
C THR D 151 -3.87 43.53 -12.26
N SER D 152 -4.77 43.04 -11.41
CA SER D 152 -4.78 43.41 -10.00
C SER D 152 -4.82 42.15 -9.16
N ALA D 153 -3.84 41.99 -8.27
CA ALA D 153 -3.82 40.85 -7.38
C ALA D 153 -4.70 41.10 -6.17
N LYS D 154 -4.88 42.36 -5.80
CA LYS D 154 -5.70 42.73 -4.63
C LYS D 154 -7.12 42.19 -4.83
N ASN D 155 -7.85 42.77 -5.79
CA ASN D 155 -9.06 42.15 -6.33
C ASN D 155 -8.58 40.96 -7.15
N ALA D 156 -9.48 40.10 -7.60
CA ALA D 156 -9.05 38.89 -8.29
C ALA D 156 -8.52 39.12 -9.72
N THR D 157 -8.77 40.30 -10.26
CA THR D 157 -8.72 40.58 -11.71
C THR D 157 -7.50 40.12 -12.50
N ASN D 158 -7.75 39.23 -13.47
CA ASN D 158 -6.81 38.85 -14.54
C ASN D 158 -5.60 37.98 -14.18
N VAL D 159 -5.42 37.66 -12.90
CA VAL D 159 -4.32 36.79 -12.49
C VAL D 159 -4.49 35.40 -13.11
N GLU D 160 -5.72 34.88 -13.05
CA GLU D 160 -6.09 33.61 -13.66
C GLU D 160 -5.74 33.60 -15.14
N GLN D 161 -6.23 34.62 -15.85
CA GLN D 161 -6.02 34.77 -17.29
C GLN D 161 -4.53 34.89 -17.63
N ALA D 162 -3.80 35.63 -16.82
CA ALA D 162 -2.38 35.93 -17.07
C ALA D 162 -1.51 34.68 -17.21
N PHE D 163 -1.55 33.81 -16.21
CA PHE D 163 -0.76 32.58 -16.22
C PHE D 163 -1.29 31.53 -17.23
N MET D 164 -2.61 31.45 -17.37
CA MET D 164 -3.24 30.48 -18.28
C MET D 164 -2.77 30.67 -19.73
N THR D 165 -3.02 31.86 -20.28
CA THR D 165 -2.65 32.18 -21.66
C THR D 165 -1.14 32.07 -21.88
N MET D 166 -0.37 32.32 -20.82
CA MET D 166 1.08 32.13 -20.82
C MET D 166 1.43 30.66 -21.02
N ALA D 167 0.71 29.77 -20.34
CA ALA D 167 0.90 28.33 -20.48
C ALA D 167 0.31 27.82 -21.79
N ALA D 168 -0.69 28.54 -22.30
CA ALA D 168 -1.31 28.22 -23.59
C ALA D 168 -0.31 28.42 -24.73
N GLU D 169 0.47 29.50 -24.64
CA GLU D 169 1.53 29.77 -25.62
C GLU D 169 2.65 28.73 -25.53
N ILE D 170 3.05 28.42 -24.30
CA ILE D 170 4.07 27.40 -24.05
C ILE D 170 3.60 26.05 -24.63
N LYS D 171 2.35 25.68 -24.35
CA LYS D 171 1.74 24.46 -24.88
C LYS D 171 1.98 24.29 -26.38
N LYS D 172 1.58 25.29 -27.16
CA LYS D 172 1.72 25.26 -28.62
C LYS D 172 3.17 25.05 -29.05
N ARG D 173 4.06 25.87 -28.50
CA ARG D 173 5.47 25.87 -28.89
C ARG D 173 6.25 24.72 -28.26
N MET D 174 5.74 23.49 -28.44
CA MET D 174 6.40 22.28 -27.96
C MET D 174 6.23 21.14 -28.95
N PHE E 25 -5.94 -29.33 -30.04
CA PHE E 25 -6.29 -28.24 -29.08
C PHE E 25 -6.56 -26.92 -29.81
N ASN E 26 -5.74 -26.64 -30.83
CA ASN E 26 -5.77 -25.38 -31.56
C ASN E 26 -6.98 -25.22 -32.49
N ALA E 27 -7.69 -26.32 -32.74
CA ALA E 27 -8.95 -26.28 -33.48
C ALA E 27 -10.03 -25.56 -32.66
N LYS E 28 -10.03 -25.80 -31.35
CA LYS E 28 -10.98 -25.17 -30.42
C LYS E 28 -10.43 -23.88 -29.79
N ARG E 29 -9.15 -23.90 -29.43
CA ARG E 29 -8.51 -22.76 -28.75
C ARG E 29 -8.37 -21.52 -29.64
N LYS E 30 -8.71 -21.66 -30.92
CA LYS E 30 -8.80 -20.54 -31.86
C LYS E 30 -10.24 -20.04 -31.94
N LYS E 31 -11.18 -20.97 -32.04
CA LYS E 31 -12.60 -20.66 -32.11
C LYS E 31 -13.15 -20.13 -30.79
N LYS E 32 -12.46 -20.43 -29.69
CA LYS E 32 -12.86 -19.93 -28.38
C LYS E 32 -12.49 -18.46 -28.19
N VAL E 33 -11.25 -18.11 -28.55
CA VAL E 33 -10.79 -16.73 -28.47
C VAL E 33 -11.69 -15.84 -29.34
N ALA E 34 -12.29 -16.44 -30.37
CA ALA E 34 -13.24 -15.75 -31.24
C ALA E 34 -14.52 -15.36 -30.52
N GLU E 35 -15.11 -16.29 -29.76
CA GLU E 35 -16.33 -16.03 -29.00
C GLU E 35 -16.12 -14.95 -27.93
N ILE E 36 -14.97 -15.00 -27.26
CA ILE E 36 -14.62 -14.06 -26.18
C ILE E 36 -14.52 -12.63 -26.69
N HIS E 37 -13.86 -12.46 -27.84
CA HIS E 37 -13.73 -11.13 -28.44
C HIS E 37 -15.04 -10.68 -29.08
N GLN E 38 -15.88 -11.65 -29.46
CA GLN E 38 -17.23 -11.38 -29.93
C GLN E 38 -18.10 -10.91 -28.77
N ALA E 39 -18.00 -11.62 -27.64
CA ALA E 39 -18.75 -11.27 -26.44
C ALA E 39 -18.31 -9.93 -25.84
N LEU E 40 -17.04 -9.59 -26.00
CA LEU E 40 -16.49 -8.35 -25.44
C LEU E 40 -16.89 -7.11 -26.22
N ASN E 41 -17.04 -7.26 -27.53
CA ASN E 41 -17.41 -6.16 -28.40
C ASN E 41 -18.89 -6.15 -28.75
N SER E 42 -19.71 -5.86 -27.74
CA SER E 42 -21.16 -5.83 -27.87
C SER E 42 -21.73 -4.53 -27.31
N ASP E 43 -22.79 -4.02 -27.95
CA ASP E 43 -23.47 -2.80 -27.51
C ASP E 43 -23.77 -2.86 -26.01
N PRO E 44 -24.43 -3.95 -25.55
CA PRO E 44 -24.24 -4.35 -24.16
C PRO E 44 -23.39 -5.63 -24.09
N THR E 45 -22.29 -5.58 -23.34
CA THR E 45 -21.39 -6.72 -23.19
C THR E 45 -22.15 -8.01 -22.85
N ASP E 46 -21.97 -9.03 -23.68
CA ASP E 46 -22.54 -10.35 -23.43
C ASP E 46 -21.76 -11.01 -22.30
N VAL E 47 -22.02 -10.55 -21.08
CA VAL E 47 -21.33 -11.03 -19.87
C VAL E 47 -21.66 -12.49 -19.61
N ALA E 48 -22.89 -12.88 -19.93
CA ALA E 48 -23.33 -14.26 -19.82
C ALA E 48 -22.45 -15.23 -20.60
N ALA E 49 -22.03 -14.82 -21.79
CA ALA E 49 -21.15 -15.63 -22.64
C ALA E 49 -19.79 -15.82 -21.98
N LEU E 50 -19.22 -14.72 -21.48
CA LEU E 50 -17.92 -14.73 -20.82
C LEU E 50 -17.88 -15.73 -19.67
N ARG E 51 -18.94 -15.75 -18.85
CA ARG E 51 -19.10 -16.74 -17.79
C ARG E 51 -19.07 -18.17 -18.32
N ARG E 52 -19.84 -18.43 -19.37
CA ARG E 52 -19.85 -19.75 -20.03
C ARG E 52 -18.48 -20.12 -20.60
N MET E 53 -17.74 -19.10 -21.01
CA MET E 53 -16.38 -19.31 -21.50
C MET E 53 -15.40 -19.59 -20.35
N ALA E 54 -15.66 -19.02 -19.19
CA ALA E 54 -14.84 -19.28 -18.01
C ALA E 54 -15.01 -20.73 -17.55
N ILE E 55 -16.24 -21.23 -17.57
CA ILE E 55 -16.54 -22.62 -17.21
C ILE E 55 -16.10 -23.59 -18.32
N SER E 56 -16.26 -23.17 -19.58
CA SER E 56 -15.80 -23.91 -20.76
C SER E 56 -14.32 -24.31 -20.64
N GLU E 57 -13.95 -25.41 -21.27
CA GLU E 57 -12.60 -25.98 -21.06
C GLU E 57 -11.48 -24.97 -21.28
N GLY E 58 -10.52 -24.94 -20.36
CA GLY E 58 -9.37 -24.07 -20.46
C GLY E 58 -9.59 -22.71 -19.82
N GLY E 59 -10.84 -22.38 -19.56
CA GLY E 59 -11.20 -21.07 -19.01
C GLY E 59 -10.89 -19.96 -20.00
N LEU E 60 -10.83 -18.73 -19.52
CA LEU E 60 -10.35 -17.62 -20.31
C LEU E 60 -8.86 -17.89 -20.46
N LEU E 61 -8.40 -18.11 -21.68
CA LEU E 61 -7.15 -18.85 -21.89
C LEU E 61 -5.87 -18.10 -21.52
N THR E 62 -5.78 -16.83 -21.91
CA THR E 62 -4.58 -16.03 -21.68
C THR E 62 -4.83 -14.95 -20.64
N ASP E 63 -3.76 -14.46 -20.02
CA ASP E 63 -3.86 -13.41 -19.00
C ASP E 63 -4.24 -12.06 -19.61
N GLU E 64 -3.99 -11.90 -20.91
CA GLU E 64 -4.36 -10.70 -21.67
C GLU E 64 -5.88 -10.55 -21.70
N ILE E 65 -6.55 -11.68 -21.91
CA ILE E 65 -8.01 -11.74 -21.94
C ILE E 65 -8.60 -11.49 -20.55
N ARG E 66 -7.96 -12.03 -19.51
CA ARG E 66 -8.45 -11.89 -18.14
C ARG E 66 -8.48 -10.44 -17.67
N ARG E 67 -7.52 -9.63 -18.14
CA ARG E 67 -7.48 -8.22 -17.76
C ARG E 67 -8.70 -7.46 -18.27
N LYS E 68 -9.48 -8.11 -19.15
CA LYS E 68 -10.72 -7.54 -19.68
C LYS E 68 -11.96 -8.25 -19.17
N VAL E 69 -11.88 -9.59 -19.09
CA VAL E 69 -13.00 -10.42 -18.68
C VAL E 69 -13.25 -10.38 -17.17
N TRP E 70 -12.21 -10.60 -16.37
CA TRP E 70 -12.31 -10.54 -14.92
C TRP E 70 -13.05 -9.32 -14.34
N PRO E 71 -12.81 -8.11 -14.87
CA PRO E 71 -13.58 -6.97 -14.35
C PRO E 71 -15.02 -6.92 -14.87
N LYS E 72 -15.31 -7.65 -15.94
CA LYS E 72 -16.69 -7.81 -16.39
C LYS E 72 -17.38 -8.86 -15.54
N LEU E 73 -16.67 -9.96 -15.25
CA LEU E 73 -17.19 -11.04 -14.41
C LEU E 73 -17.52 -10.61 -12.98
N LEU E 74 -17.01 -9.45 -12.56
CA LEU E 74 -17.28 -8.95 -11.22
C LEU E 74 -17.94 -7.59 -11.21
N ASN E 75 -18.41 -7.15 -12.38
CA ASN E 75 -19.04 -5.84 -12.53
C ASN E 75 -18.21 -4.74 -11.85
N VAL E 76 -16.96 -4.61 -12.31
CA VAL E 76 -16.08 -3.52 -11.89
C VAL E 76 -15.56 -2.86 -13.16
N ASN E 77 -15.75 -1.54 -13.28
CA ASN E 77 -15.25 -0.84 -14.47
C ASN E 77 -13.72 -0.83 -14.51
N ALA E 78 -13.16 -1.56 -15.48
CA ALA E 78 -11.70 -1.68 -15.64
C ALA E 78 -11.05 -0.40 -16.20
N ASN E 79 -11.81 0.69 -16.24
CA ASN E 79 -11.31 1.99 -16.68
C ASN E 79 -11.43 3.06 -15.60
N ASP E 80 -11.75 2.63 -14.38
CA ASP E 80 -11.77 3.53 -13.23
C ASP E 80 -10.37 4.04 -12.85
N PRO E 81 -10.30 5.31 -12.40
CA PRO E 81 -9.07 5.81 -11.79
C PRO E 81 -8.68 4.99 -10.58
N PRO E 82 -7.36 4.72 -10.41
CA PRO E 82 -6.87 3.91 -9.29
C PRO E 82 -7.24 4.48 -7.93
N PRO E 83 -7.63 3.62 -6.98
CA PRO E 83 -7.88 4.09 -5.62
C PRO E 83 -6.70 4.90 -5.10
N ILE E 84 -6.99 6.09 -4.59
CA ILE E 84 -5.97 6.95 -3.94
C ILE E 84 -5.23 6.14 -2.87
N SER E 85 -3.91 6.15 -2.94
CA SER E 85 -3.09 5.56 -1.90
C SER E 85 -2.40 6.69 -1.14
N GLY E 86 -2.77 6.84 0.14
CA GLY E 86 -2.32 7.96 0.96
C GLY E 86 -1.04 7.64 1.72
N LYS E 87 -0.39 8.71 2.19
CA LYS E 87 0.87 8.58 2.94
C LYS E 87 0.70 7.81 4.25
N ASN E 88 1.81 7.22 4.71
CA ASN E 88 1.87 6.48 5.98
C ASN E 88 0.95 5.25 6.00
N LEU E 89 0.70 4.69 4.83
CA LEU E 89 -0.24 3.56 4.71
C LEU E 89 0.22 2.37 5.54
N ARG E 90 1.53 2.18 5.65
CA ARG E 90 2.09 1.05 6.39
C ARG E 90 2.25 1.33 7.87
N GLN E 91 2.47 2.60 8.22
CA GLN E 91 2.56 3.01 9.63
C GLN E 91 1.28 2.65 10.37
N MET E 92 0.18 3.28 9.96
CA MET E 92 -1.10 3.21 10.66
C MET E 92 -1.87 1.92 10.43
N SER E 93 -1.44 1.13 9.47
CA SER E 93 -2.09 -0.14 9.18
C SER E 93 -1.80 -1.13 10.31
N LYS E 94 -2.83 -1.47 11.08
CA LYS E 94 -2.72 -2.42 12.18
C LYS E 94 -2.22 -3.81 11.76
N ASP E 95 -2.39 -4.15 10.48
CA ASP E 95 -2.09 -5.49 9.98
C ASP E 95 -0.77 -5.63 9.22
N TYR E 96 0.00 -4.54 9.15
CA TYR E 96 1.28 -4.52 8.45
C TYR E 96 2.21 -5.67 8.85
N GLN E 97 2.37 -5.90 10.14
CA GLN E 97 3.26 -6.95 10.62
C GLN E 97 2.87 -8.32 10.07
N GLN E 98 1.58 -8.62 10.06
CA GLN E 98 1.09 -9.95 9.67
C GLN E 98 1.11 -10.13 8.17
N VAL E 99 0.84 -9.06 7.43
CA VAL E 99 0.86 -9.12 5.97
C VAL E 99 2.29 -9.38 5.51
N LEU E 100 3.19 -8.51 5.94
CA LEU E 100 4.62 -8.63 5.63
C LEU E 100 5.12 -10.04 5.89
N LEU E 101 4.80 -10.54 7.07
CA LEU E 101 5.25 -11.83 7.58
C LEU E 101 4.86 -12.97 6.65
N ASP E 102 3.69 -12.83 6.04
CA ASP E 102 3.16 -13.80 5.07
C ASP E 102 3.74 -13.53 3.70
N VAL E 103 3.67 -12.29 3.24
CA VAL E 103 4.19 -11.91 1.94
C VAL E 103 5.62 -12.41 1.75
N ARG E 104 6.45 -12.25 2.78
CA ARG E 104 7.81 -12.80 2.79
C ARG E 104 7.81 -14.28 2.43
N ARG E 105 6.94 -15.04 3.11
CA ARG E 105 6.84 -16.50 2.93
C ARG E 105 6.02 -16.87 1.70
N SER E 106 5.55 -15.85 0.97
CA SER E 106 4.81 -16.03 -0.26
C SER E 106 5.78 -16.01 -1.45
N LEU E 107 6.71 -16.98 -1.46
CA LEU E 107 7.78 -17.01 -2.45
C LEU E 107 7.52 -17.95 -3.62
N ARG E 108 7.10 -19.18 -3.30
CA ARG E 108 6.90 -20.21 -4.33
C ARG E 108 5.66 -19.96 -5.21
N ARG E 109 4.99 -18.83 -4.98
CA ARG E 109 3.84 -18.43 -5.79
C ARG E 109 4.27 -17.60 -7.00
N PHE E 110 5.53 -17.14 -6.97
CA PHE E 110 6.15 -16.47 -8.10
C PHE E 110 6.79 -17.49 -9.05
N PRO E 111 7.07 -17.07 -10.30
CA PRO E 111 7.73 -17.97 -11.26
C PRO E 111 9.19 -18.23 -10.89
N PRO E 112 9.59 -19.51 -10.83
CA PRO E 112 10.90 -19.94 -10.30
C PRO E 112 12.11 -19.16 -10.79
N GLY E 113 12.16 -18.83 -12.07
CA GLY E 113 13.31 -18.16 -12.68
C GLY E 113 13.33 -16.65 -12.58
N MET E 114 12.21 -16.09 -12.12
CA MET E 114 12.05 -14.65 -11.97
C MET E 114 13.13 -14.04 -11.09
N PRO E 115 13.81 -13.00 -11.61
CA PRO E 115 14.82 -12.21 -10.90
C PRO E 115 14.38 -11.79 -9.49
N GLU E 116 15.32 -11.81 -8.55
CA GLU E 116 15.03 -11.45 -7.17
C GLU E 116 14.66 -9.97 -7.05
N GLU E 117 15.29 -9.13 -7.86
CA GLU E 117 15.01 -7.68 -7.89
C GLU E 117 13.53 -7.44 -8.19
N GLN E 118 13.01 -8.21 -9.15
CA GLN E 118 11.66 -8.07 -9.67
C GLN E 118 10.61 -8.59 -8.70
N ARG E 119 10.88 -9.75 -8.10
CA ARG E 119 9.99 -10.37 -7.14
C ARG E 119 9.90 -9.57 -5.85
N GLU E 120 11.02 -9.02 -5.41
CA GLU E 120 11.04 -8.15 -4.23
C GLU E 120 10.12 -6.96 -4.47
N GLY E 121 10.21 -6.38 -5.66
CA GLY E 121 9.36 -5.25 -6.05
C GLY E 121 7.88 -5.59 -6.14
N LEU E 122 7.59 -6.82 -6.59
CA LEU E 122 6.21 -7.31 -6.65
C LEU E 122 5.67 -7.64 -5.26
N GLN E 123 6.50 -8.23 -4.40
CA GLN E 123 6.13 -8.46 -3.01
C GLN E 123 5.83 -7.16 -2.30
N GLU E 124 6.64 -6.14 -2.55
CA GLU E 124 6.44 -4.81 -1.96
C GLU E 124 5.12 -4.20 -2.43
N GLU E 125 4.77 -4.48 -3.68
CA GLU E 125 3.52 -4.01 -4.27
C GLU E 125 2.35 -4.74 -3.61
N LEU E 126 2.49 -6.07 -3.50
CA LEU E 126 1.51 -6.95 -2.87
C LEU E 126 1.10 -6.45 -1.48
N ILE E 127 2.11 -6.14 -0.65
CA ILE E 127 1.87 -5.58 0.67
C ILE E 127 1.00 -4.32 0.55
N ASP E 128 1.47 -3.34 -0.23
CA ASP E 128 0.75 -2.09 -0.49
C ASP E 128 -0.71 -2.28 -0.91
N ILE E 129 -0.99 -3.34 -1.69
CA ILE E 129 -2.34 -3.62 -2.15
C ILE E 129 -3.25 -4.11 -1.01
N ILE E 130 -2.80 -5.14 -0.30
CA ILE E 130 -3.55 -5.72 0.81
C ILE E 130 -3.88 -4.67 1.86
N LEU E 131 -2.88 -3.86 2.23
CA LEU E 131 -3.05 -2.86 3.26
C LEU E 131 -3.96 -1.71 2.83
N LEU E 132 -4.01 -1.44 1.53
CA LEU E 132 -4.92 -0.42 0.99
C LEU E 132 -6.38 -0.87 1.01
N ILE E 133 -6.61 -2.13 0.62
CA ILE E 133 -7.96 -2.72 0.64
C ILE E 133 -8.48 -2.79 2.07
N LEU E 134 -7.63 -3.22 3.00
CA LEU E 134 -8.05 -3.30 4.40
C LEU E 134 -8.35 -1.92 5.00
N GLU E 135 -7.67 -0.89 4.50
CA GLU E 135 -7.86 0.49 4.95
C GLU E 135 -9.14 1.09 4.38
N ARG E 136 -9.49 0.70 3.15
CA ARG E 136 -10.68 1.22 2.49
C ARG E 136 -11.95 0.60 3.03
N ASN E 137 -11.82 -0.58 3.62
CA ASN E 137 -12.95 -1.34 4.15
C ASN E 137 -12.80 -1.74 5.62
N PRO E 138 -12.86 -0.75 6.54
CA PRO E 138 -12.63 -0.95 7.99
C PRO E 138 -13.19 -2.26 8.56
N GLN E 139 -14.26 -2.75 7.97
CA GLN E 139 -14.97 -3.93 8.48
C GLN E 139 -14.18 -5.22 8.29
N LEU E 140 -13.39 -5.29 7.23
CA LEU E 140 -12.65 -6.51 6.89
C LEU E 140 -11.50 -6.81 7.85
N HIS E 141 -11.12 -8.07 7.94
CA HIS E 141 -10.02 -8.51 8.80
C HIS E 141 -9.06 -9.44 8.07
N TYR E 142 -7.77 -9.10 8.10
CA TYR E 142 -6.77 -9.93 7.42
C TYR E 142 -6.74 -11.34 7.99
N TYR E 143 -6.71 -12.33 7.11
CA TYR E 143 -6.55 -13.72 7.50
C TYR E 143 -5.38 -14.31 6.71
N GLN E 144 -4.55 -15.12 7.37
CA GLN E 144 -3.44 -15.79 6.72
C GLN E 144 -3.93 -16.62 5.54
N GLY E 145 -3.46 -16.30 4.34
CA GLY E 145 -3.94 -16.93 3.13
C GLY E 145 -4.48 -15.92 2.14
N TYR E 146 -5.02 -14.82 2.66
CA TYR E 146 -5.49 -13.70 1.84
C TYR E 146 -4.46 -13.32 0.77
N HIS E 147 -3.20 -13.25 1.20
CA HIS E 147 -2.08 -12.93 0.33
C HIS E 147 -1.95 -13.90 -0.85
N ASP E 148 -2.36 -15.17 -0.67
CA ASP E 148 -2.35 -16.17 -1.76
C ASP E 148 -3.38 -15.87 -2.84
N ILE E 149 -4.44 -15.16 -2.45
CA ILE E 149 -5.38 -14.61 -3.41
C ILE E 149 -4.79 -13.39 -4.09
N VAL E 150 -4.59 -12.32 -3.33
CA VAL E 150 -4.17 -11.03 -3.90
C VAL E 150 -3.00 -11.20 -4.88
N VAL E 151 -2.12 -12.15 -4.61
CA VAL E 151 -0.91 -12.34 -5.44
C VAL E 151 -1.21 -13.03 -6.77
N THR E 152 -2.13 -13.99 -6.75
CA THR E 152 -2.60 -14.61 -7.97
C THR E 152 -3.17 -13.53 -8.89
N PHE E 153 -3.97 -12.62 -8.32
CA PHE E 153 -4.53 -11.52 -9.07
C PHE E 153 -3.46 -10.56 -9.57
N LEU E 154 -2.52 -10.20 -8.68
CA LEU E 154 -1.44 -9.29 -9.04
C LEU E 154 -0.68 -9.83 -10.24
N LEU E 155 -0.27 -11.10 -10.16
CA LEU E 155 0.49 -11.72 -11.23
C LEU E 155 -0.28 -11.87 -12.55
N VAL E 156 -1.60 -11.77 -12.49
CA VAL E 156 -2.43 -11.93 -13.69
C VAL E 156 -2.90 -10.57 -14.22
N VAL E 157 -3.55 -9.78 -13.37
CA VAL E 157 -4.18 -8.52 -13.78
C VAL E 157 -3.30 -7.27 -13.58
N GLY E 158 -2.32 -7.36 -12.68
CA GLY E 158 -1.42 -6.23 -12.41
C GLY E 158 -1.87 -5.38 -11.24
N GLU E 159 -1.00 -4.44 -10.83
CA GLU E 159 -1.24 -3.64 -9.62
C GLU E 159 -2.57 -2.87 -9.61
N ARG E 160 -2.88 -2.16 -10.68
CA ARG E 160 -4.10 -1.36 -10.73
C ARG E 160 -5.39 -2.17 -10.62
N LEU E 161 -5.45 -3.29 -11.35
CA LEU E 161 -6.66 -4.12 -11.40
C LEU E 161 -6.83 -5.02 -10.18
N ALA E 162 -5.74 -5.68 -9.76
CA ALA E 162 -5.79 -6.50 -8.57
C ALA E 162 -6.32 -5.70 -7.37
N THR E 163 -5.91 -4.43 -7.27
CA THR E 163 -6.32 -3.60 -6.13
C THR E 163 -7.77 -3.16 -6.14
N SER E 164 -8.43 -3.26 -7.29
CA SER E 164 -9.84 -2.88 -7.40
C SER E 164 -10.73 -4.10 -7.57
N LEU E 165 -10.20 -5.14 -8.23
CA LEU E 165 -10.95 -6.39 -8.37
C LEU E 165 -10.99 -7.15 -7.05
N VAL E 166 -9.84 -7.28 -6.39
CA VAL E 166 -9.76 -8.02 -5.13
C VAL E 166 -10.56 -7.32 -4.04
N GLU E 167 -10.73 -6.01 -4.18
CA GLU E 167 -11.57 -5.27 -3.26
C GLU E 167 -13.00 -5.78 -3.26
N LYS E 168 -13.55 -6.04 -4.46
CA LYS E 168 -14.90 -6.61 -4.60
C LYS E 168 -15.02 -8.00 -4.01
N LEU E 169 -14.19 -8.94 -4.48
CA LEU E 169 -14.15 -10.30 -3.92
C LEU E 169 -14.18 -10.29 -2.40
N SER E 170 -13.43 -9.35 -1.82
CA SER E 170 -13.33 -9.21 -0.38
C SER E 170 -14.68 -8.87 0.23
N THR E 171 -15.40 -7.92 -0.39
CA THR E 171 -16.72 -7.52 0.11
C THR E 171 -17.84 -8.47 -0.35
N HIS E 172 -17.50 -9.45 -1.17
CA HIS E 172 -18.48 -10.42 -1.69
C HIS E 172 -18.06 -11.89 -1.47
N HIS E 173 -17.48 -12.52 -2.50
CA HIS E 173 -17.09 -13.93 -2.43
C HIS E 173 -16.29 -14.29 -1.17
N LEU E 174 -15.35 -13.44 -0.80
CA LEU E 174 -14.43 -13.76 0.29
C LEU E 174 -14.84 -13.21 1.64
N ARG E 175 -15.97 -12.51 1.71
CA ARG E 175 -16.32 -11.76 2.92
C ARG E 175 -16.40 -12.62 4.17
N ASP E 176 -17.18 -13.69 4.12
CA ASP E 176 -17.34 -14.55 5.28
C ASP E 176 -16.01 -14.99 5.89
N PHE E 177 -14.97 -15.09 5.06
CA PHE E 177 -13.64 -15.45 5.52
C PHE E 177 -12.94 -14.35 6.31
N MET E 178 -13.29 -13.10 6.01
CA MET E 178 -12.68 -11.90 6.60
C MET E 178 -13.51 -11.29 7.74
N ASP E 179 -14.14 -12.14 8.55
CA ASP E 179 -14.89 -11.69 9.72
C ASP E 179 -13.94 -11.52 10.91
N PRO E 180 -14.42 -10.91 12.01
CA PRO E 180 -13.60 -10.90 13.23
C PRO E 180 -13.22 -12.29 13.74
N THR E 181 -14.18 -13.22 13.78
CA THR E 181 -13.91 -14.61 14.17
C THR E 181 -14.01 -15.55 12.96
N MET E 182 -13.63 -16.81 13.14
CA MET E 182 -13.66 -17.77 12.04
C MET E 182 -14.91 -18.65 11.99
N ASP E 183 -15.97 -18.20 12.65
CA ASP E 183 -17.20 -18.98 12.78
C ASP E 183 -17.93 -19.14 11.45
N ASN E 184 -18.15 -18.03 10.74
CA ASN E 184 -18.69 -18.08 9.38
C ASN E 184 -17.88 -18.97 8.44
N THR E 185 -16.57 -19.03 8.68
CA THR E 185 -15.66 -19.83 7.85
C THR E 185 -15.71 -21.33 8.18
N LYS E 186 -15.80 -21.66 9.47
CA LYS E 186 -15.93 -23.06 9.87
C LYS E 186 -17.31 -23.62 9.49
N HIS E 187 -18.31 -22.73 9.38
CA HIS E 187 -19.66 -23.12 8.92
C HIS E 187 -19.62 -23.62 7.49
N ILE E 188 -18.98 -22.85 6.60
CA ILE E 188 -18.85 -23.21 5.18
C ILE E 188 -18.16 -24.56 5.02
N LEU E 189 -17.15 -24.82 5.86
CA LEU E 189 -16.41 -26.08 5.84
C LEU E 189 -17.30 -27.28 6.19
N ASN E 190 -18.22 -27.09 7.13
CA ASN E 190 -19.19 -28.12 7.49
C ASN E 190 -19.99 -28.64 6.30
N TYR E 191 -20.37 -27.72 5.40
CA TYR E 191 -21.05 -28.04 4.14
C TYR E 191 -20.44 -29.23 3.42
N LEU E 192 -19.12 -29.32 3.46
CA LEU E 192 -18.35 -30.32 2.71
C LEU E 192 -18.80 -31.73 3.02
N MET E 193 -19.11 -32.00 4.28
CA MET E 193 -19.45 -33.34 4.73
C MET E 193 -20.84 -33.84 4.27
N PRO E 194 -21.88 -32.97 4.36
CA PRO E 194 -23.15 -33.31 3.68
C PRO E 194 -23.05 -33.41 2.16
N ILE E 195 -22.26 -32.54 1.52
CA ILE E 195 -22.09 -32.61 0.07
C ILE E 195 -21.55 -33.99 -0.36
N ILE E 196 -20.61 -34.53 0.42
CA ILE E 196 -20.03 -35.84 0.14
C ILE E 196 -21.02 -36.97 0.43
N ASP E 197 -21.88 -36.77 1.42
CA ASP E 197 -22.94 -37.74 1.75
C ASP E 197 -23.87 -37.94 0.57
N GLN E 198 -24.21 -36.83 -0.10
CA GLN E 198 -25.10 -36.81 -1.27
C GLN E 198 -24.67 -37.73 -2.42
N VAL E 199 -23.37 -37.90 -2.61
CA VAL E 199 -22.85 -38.72 -3.72
C VAL E 199 -22.30 -40.06 -3.24
N ASN E 200 -21.51 -40.03 -2.16
CA ASN E 200 -20.89 -41.23 -1.63
C ASN E 200 -21.12 -41.35 -0.13
N PRO E 201 -22.18 -42.07 0.27
CA PRO E 201 -22.50 -42.22 1.68
C PRO E 201 -21.45 -43.05 2.43
N GLU E 202 -20.82 -43.99 1.73
CA GLU E 202 -19.82 -44.88 2.33
C GLU E 202 -18.61 -44.08 2.83
N LEU E 203 -18.21 -43.06 2.08
CA LEU E 203 -17.15 -42.14 2.51
C LEU E 203 -17.59 -41.38 3.77
N HIS E 204 -18.71 -40.68 3.65
CA HIS E 204 -19.29 -39.91 4.75
C HIS E 204 -19.30 -40.66 6.09
N ASP E 205 -19.73 -41.93 6.05
CA ASP E 205 -19.82 -42.76 7.26
C ASP E 205 -18.44 -43.16 7.78
N PHE E 206 -17.48 -43.29 6.86
CA PHE E 206 -16.11 -43.66 7.20
C PHE E 206 -15.36 -42.50 7.83
N MET E 207 -15.51 -41.31 7.23
CA MET E 207 -14.83 -40.10 7.69
C MET E 207 -15.28 -39.64 9.07
N GLN E 208 -16.50 -39.99 9.45
CA GLN E 208 -17.00 -39.69 10.78
C GLN E 208 -16.50 -40.71 11.80
N SER E 209 -16.32 -41.95 11.35
CA SER E 209 -15.75 -43.01 12.17
C SER E 209 -14.29 -42.72 12.50
N ALA E 210 -13.63 -41.95 11.64
CA ALA E 210 -12.25 -41.53 11.85
C ALA E 210 -12.14 -40.19 12.57
N GLU E 211 -13.22 -39.41 12.56
CA GLU E 211 -13.25 -38.06 13.16
C GLU E 211 -12.34 -37.08 12.42
N VAL E 212 -12.16 -37.29 11.11
CA VAL E 212 -11.21 -36.52 10.30
C VAL E 212 -11.48 -35.03 10.29
N GLY E 213 -12.73 -34.64 10.50
CA GLY E 213 -13.12 -33.23 10.49
C GLY E 213 -13.10 -32.63 9.09
N THR E 214 -13.48 -31.35 9.01
CA THR E 214 -13.58 -30.66 7.72
C THR E 214 -12.38 -29.73 7.48
N ILE E 215 -11.53 -29.60 8.51
CA ILE E 215 -10.48 -28.57 8.57
C ILE E 215 -9.33 -28.78 7.58
N PHE E 216 -9.06 -30.02 7.19
CA PHE E 216 -7.98 -30.34 6.25
C PHE E 216 -8.07 -29.55 4.94
N ALA E 217 -9.28 -29.09 4.63
CA ALA E 217 -9.57 -28.38 3.39
C ALA E 217 -9.69 -26.86 3.59
N LEU E 218 -9.16 -26.35 4.71
CA LEU E 218 -9.24 -24.92 5.01
C LEU E 218 -8.47 -24.06 4.01
N SER E 219 -7.20 -24.43 3.76
CA SER E 219 -6.32 -23.70 2.82
C SER E 219 -6.93 -23.63 1.43
N TRP E 220 -7.55 -24.74 1.02
CA TRP E 220 -8.26 -24.85 -0.24
C TRP E 220 -9.33 -23.76 -0.32
N LEU E 221 -10.17 -23.70 0.71
CA LEU E 221 -11.30 -22.79 0.75
C LEU E 221 -10.83 -21.34 0.82
N ILE E 222 -9.89 -21.10 1.73
CA ILE E 222 -9.45 -19.78 2.14
C ILE E 222 -8.71 -19.00 1.04
N THR E 223 -8.08 -19.72 0.11
CA THR E 223 -7.21 -19.11 -0.89
C THR E 223 -7.62 -19.40 -2.35
N TRP E 224 -8.79 -20.02 -2.51
CA TRP E 224 -9.16 -20.67 -3.78
C TRP E 224 -8.00 -21.51 -4.31
N PHE E 225 -7.58 -22.47 -3.49
CA PHE E 225 -6.55 -23.46 -3.83
C PHE E 225 -5.22 -22.85 -4.32
N GLY E 226 -5.02 -21.57 -4.05
CA GLY E 226 -3.79 -20.90 -4.47
C GLY E 226 -2.61 -21.36 -3.64
N HIS E 227 -2.86 -21.56 -2.36
CA HIS E 227 -1.86 -21.92 -1.38
C HIS E 227 -1.44 -23.37 -1.51
N VAL E 228 -2.15 -24.17 -2.29
CA VAL E 228 -1.96 -25.62 -2.29
C VAL E 228 -1.59 -26.24 -3.65
N LEU E 229 -1.76 -25.48 -4.74
CA LEU E 229 -1.44 -26.00 -6.08
C LEU E 229 -0.20 -25.32 -6.66
N SER E 230 0.69 -26.12 -7.24
CA SER E 230 1.97 -25.62 -7.75
C SER E 230 1.83 -24.83 -9.04
N ASP E 231 1.31 -25.50 -10.08
CA ASP E 231 1.24 -24.91 -11.41
C ASP E 231 0.40 -23.65 -11.38
N PHE E 232 1.06 -22.51 -11.58
CA PHE E 232 0.40 -21.21 -11.60
C PHE E 232 -0.68 -21.11 -12.69
N ARG E 233 -0.45 -21.79 -13.82
CA ARG E 233 -1.42 -21.86 -14.90
C ARG E 233 -2.72 -22.54 -14.48
N HIS E 234 -2.59 -23.64 -13.74
CA HIS E 234 -3.77 -24.36 -13.23
C HIS E 234 -4.52 -23.54 -12.16
N VAL E 235 -3.78 -22.86 -11.29
CA VAL E 235 -4.38 -22.00 -10.27
C VAL E 235 -5.23 -20.89 -10.90
N VAL E 236 -4.66 -20.20 -11.88
CA VAL E 236 -5.35 -19.09 -12.54
C VAL E 236 -6.52 -19.58 -13.42
N ARG E 237 -6.52 -20.89 -13.73
CA ARG E 237 -7.62 -21.50 -14.48
C ARG E 237 -8.84 -21.74 -13.58
N LEU E 238 -8.60 -22.10 -12.32
CA LEU E 238 -9.67 -22.23 -11.34
C LEU E 238 -10.19 -20.87 -10.88
N TYR E 239 -9.32 -19.86 -10.90
CA TYR E 239 -9.72 -18.50 -10.58
C TYR E 239 -10.69 -17.97 -11.63
N ASP E 240 -10.52 -18.41 -12.87
CA ASP E 240 -11.51 -18.16 -13.93
C ASP E 240 -12.84 -18.75 -13.47
N PHE E 241 -12.80 -20.01 -13.06
CA PHE E 241 -13.98 -20.77 -12.66
C PHE E 241 -14.73 -20.17 -11.46
N PHE E 242 -14.05 -19.95 -10.34
CA PHE E 242 -14.69 -19.44 -9.14
C PHE E 242 -15.24 -18.02 -9.31
N LEU E 243 -14.65 -17.26 -10.23
CA LEU E 243 -15.10 -15.90 -10.53
C LEU E 243 -16.46 -15.86 -11.21
N ALA E 244 -16.76 -16.88 -12.00
CA ALA E 244 -17.99 -16.91 -12.79
C ALA E 244 -19.14 -17.65 -12.09
N CYS E 245 -18.87 -18.18 -10.90
CA CYS E 245 -19.88 -18.98 -10.20
C CYS E 245 -20.19 -18.50 -8.79
N HIS E 246 -21.06 -19.23 -8.11
CA HIS E 246 -21.47 -18.96 -6.73
C HIS E 246 -20.26 -18.90 -5.79
N PRO E 247 -20.29 -18.00 -4.79
CA PRO E 247 -19.26 -17.90 -3.76
C PRO E 247 -18.86 -19.21 -3.10
N LEU E 248 -19.79 -20.16 -3.01
CA LEU E 248 -19.54 -21.43 -2.32
C LEU E 248 -19.05 -22.56 -3.24
N MET E 249 -18.64 -22.20 -4.45
CA MET E 249 -18.16 -23.17 -5.43
C MET E 249 -16.89 -23.92 -4.97
N PRO E 250 -15.98 -23.22 -4.24
CA PRO E 250 -14.78 -23.90 -3.74
C PRO E 250 -15.01 -25.16 -2.88
N ILE E 251 -15.91 -25.10 -1.89
CA ILE E 251 -16.21 -26.28 -1.06
C ILE E 251 -16.72 -27.45 -1.88
N TYR E 252 -17.54 -27.14 -2.89
CA TYR E 252 -18.05 -28.16 -3.80
C TYR E 252 -16.93 -28.76 -4.62
N PHE E 253 -15.94 -27.94 -4.97
CA PHE E 253 -14.76 -28.44 -5.66
C PHE E 253 -13.90 -29.25 -4.71
N ALA E 254 -13.81 -28.78 -3.46
CA ALA E 254 -13.11 -29.50 -2.39
C ALA E 254 -13.76 -30.87 -2.16
N ALA E 255 -15.08 -30.91 -2.21
CA ALA E 255 -15.84 -32.15 -2.15
C ALA E 255 -15.51 -33.10 -3.31
N VAL E 256 -15.53 -32.57 -4.53
CA VAL E 256 -15.24 -33.37 -5.73
C VAL E 256 -13.81 -33.91 -5.75
N ILE E 257 -12.87 -33.22 -5.11
CA ILE E 257 -11.55 -33.80 -4.88
C ILE E 257 -11.66 -35.03 -3.98
N VAL E 258 -12.32 -34.87 -2.83
CA VAL E 258 -12.46 -35.96 -1.87
C VAL E 258 -13.13 -37.18 -2.50
N LEU E 259 -14.24 -36.94 -3.19
CA LEU E 259 -15.02 -38.00 -3.85
C LEU E 259 -14.17 -38.76 -4.86
N TYR E 260 -13.37 -38.01 -5.61
CA TYR E 260 -12.42 -38.56 -6.58
C TYR E 260 -11.35 -39.43 -5.90
N ARG E 261 -11.15 -39.20 -4.61
CA ARG E 261 -10.11 -39.89 -3.85
C ARG E 261 -10.69 -40.97 -2.93
N GLU E 262 -11.93 -41.35 -3.19
CA GLU E 262 -12.65 -42.32 -2.37
C GLU E 262 -11.83 -43.57 -2.03
N GLN E 263 -11.22 -44.18 -3.04
CA GLN E 263 -10.54 -45.47 -2.87
C GLN E 263 -9.31 -45.43 -1.96
N GLU E 264 -8.58 -44.32 -2.01
CA GLU E 264 -7.38 -44.14 -1.17
C GLU E 264 -7.77 -43.94 0.30
N VAL E 265 -8.77 -43.09 0.52
CA VAL E 265 -9.33 -42.84 1.85
C VAL E 265 -9.89 -44.14 2.44
N LEU E 266 -10.55 -44.93 1.60
CA LEU E 266 -11.09 -46.22 1.99
C LEU E 266 -9.99 -47.22 2.36
N ASP E 267 -8.95 -47.29 1.53
CA ASP E 267 -7.84 -48.21 1.75
C ASP E 267 -6.85 -47.69 2.81
N CYS E 268 -7.18 -46.52 3.38
CA CYS E 268 -6.39 -45.91 4.45
C CYS E 268 -6.91 -46.33 5.83
N ASP E 269 -6.10 -46.09 6.86
CA ASP E 269 -6.44 -46.47 8.24
C ASP E 269 -7.46 -45.52 8.86
N CYS E 270 -8.46 -46.09 9.52
CA CYS E 270 -9.56 -45.33 10.12
C CYS E 270 -9.13 -44.66 11.42
N ASP E 271 -8.36 -43.59 11.28
CA ASP E 271 -7.95 -42.76 12.41
C ASP E 271 -7.81 -41.29 11.97
N MET E 272 -8.00 -40.37 12.91
CA MET E 272 -8.11 -38.94 12.59
C MET E 272 -6.84 -38.33 12.03
N ALA E 273 -5.74 -39.07 12.10
CA ALA E 273 -4.44 -38.59 11.62
C ALA E 273 -4.16 -39.04 10.19
N SER E 274 -4.20 -40.35 9.95
CA SER E 274 -3.85 -40.94 8.66
C SER E 274 -4.74 -40.47 7.52
N VAL E 275 -6.04 -40.34 7.79
CA VAL E 275 -6.99 -39.82 6.80
C VAL E 275 -6.89 -38.31 6.65
N HIS E 276 -6.27 -37.64 7.64
CA HIS E 276 -6.04 -36.21 7.55
C HIS E 276 -4.78 -35.87 6.75
N HIS E 277 -3.70 -36.61 6.99
CA HIS E 277 -2.45 -36.37 6.27
C HIS E 277 -2.58 -36.78 4.81
N LEU E 278 -3.25 -37.90 4.57
CA LEU E 278 -3.50 -38.40 3.21
C LEU E 278 -4.19 -37.33 2.37
N LEU E 279 -5.24 -36.74 2.93
CA LEU E 279 -6.04 -35.75 2.23
C LEU E 279 -5.36 -34.39 2.13
N SER E 280 -4.67 -33.98 3.20
CA SER E 280 -4.05 -32.66 3.24
C SER E 280 -3.06 -32.42 2.11
N GLN E 281 -2.29 -33.46 1.75
CA GLN E 281 -1.42 -33.39 0.58
C GLN E 281 -2.24 -33.60 -0.71
N ILE E 282 -2.73 -32.49 -1.25
CA ILE E 282 -3.49 -32.50 -2.50
C ILE E 282 -2.55 -32.77 -3.68
N PRO E 283 -2.95 -33.68 -4.59
CA PRO E 283 -2.12 -34.00 -5.75
C PRO E 283 -2.12 -32.89 -6.80
N GLN E 284 -0.99 -32.73 -7.48
CA GLN E 284 -0.82 -31.69 -8.50
C GLN E 284 -1.23 -32.13 -9.91
N ASP E 285 -1.40 -33.45 -10.08
CA ASP E 285 -1.76 -34.01 -11.38
C ASP E 285 -3.28 -34.18 -11.58
N LEU E 286 -4.07 -33.48 -10.75
CA LEU E 286 -5.53 -33.62 -10.77
C LEU E 286 -6.13 -33.33 -12.14
N PRO E 287 -7.08 -34.19 -12.60
CA PRO E 287 -7.72 -34.00 -13.90
C PRO E 287 -8.73 -32.86 -13.85
N TYR E 288 -8.20 -31.64 -13.67
CA TYR E 288 -9.00 -30.45 -13.43
C TYR E 288 -10.27 -30.41 -14.25
N GLU E 289 -10.10 -30.40 -15.57
CA GLU E 289 -11.20 -30.14 -16.50
C GLU E 289 -12.45 -30.96 -16.17
N THR E 290 -12.28 -32.26 -15.94
CA THR E 290 -13.41 -33.12 -15.60
C THR E 290 -13.94 -32.88 -14.18
N LEU E 291 -13.08 -32.49 -13.25
CA LEU E 291 -13.51 -32.18 -11.88
C LEU E 291 -14.24 -30.84 -11.77
N ILE E 292 -13.84 -29.88 -12.61
CA ILE E 292 -14.54 -28.59 -12.71
C ILE E 292 -15.95 -28.79 -13.28
N SER E 293 -16.10 -29.85 -14.08
CA SER E 293 -17.40 -30.28 -14.59
C SER E 293 -18.22 -30.93 -13.48
N ARG E 294 -17.63 -31.90 -12.79
CA ARG E 294 -18.30 -32.64 -11.71
C ARG E 294 -18.81 -31.68 -10.64
N ALA E 295 -17.96 -30.73 -10.27
CA ALA E 295 -18.31 -29.73 -9.27
C ALA E 295 -19.55 -28.94 -9.64
N GLY E 296 -19.59 -28.41 -10.86
CA GLY E 296 -20.73 -27.62 -11.34
C GLY E 296 -22.01 -28.42 -11.40
N ASP E 297 -21.88 -29.69 -11.78
CA ASP E 297 -23.00 -30.62 -11.80
C ASP E 297 -23.49 -30.92 -10.38
N LEU E 298 -22.57 -30.98 -9.44
CA LEU E 298 -22.91 -31.28 -8.04
C LEU E 298 -23.59 -30.10 -7.38
N PHE E 299 -23.19 -28.89 -7.77
CA PHE E 299 -23.77 -27.67 -7.24
C PHE E 299 -25.26 -27.59 -7.57
N VAL E 300 -25.63 -27.98 -8.79
CA VAL E 300 -27.05 -27.93 -9.19
C VAL E 300 -27.89 -29.09 -8.64
N GLN E 301 -27.23 -30.20 -8.30
CA GLN E 301 -27.90 -31.33 -7.64
C GLN E 301 -28.21 -31.01 -6.19
N PHE E 302 -27.18 -30.69 -5.40
CA PHE E 302 -27.40 -30.18 -4.05
C PHE E 302 -26.99 -28.71 -3.98
N PRO E 303 -27.94 -27.80 -4.24
CA PRO E 303 -27.65 -26.38 -4.01
C PRO E 303 -27.48 -26.08 -2.53
N PRO E 304 -26.60 -25.11 -2.19
CA PRO E 304 -26.58 -24.63 -0.81
C PRO E 304 -27.76 -23.69 -0.57
N SER E 305 -27.99 -23.34 0.70
CA SER E 305 -29.14 -22.52 1.11
C SER E 305 -30.48 -23.25 0.93
N PRO F 4 5.17 -54.21 17.86
CA PRO F 4 6.41 -54.57 17.20
C PRO F 4 6.95 -53.46 16.28
N GLU F 5 6.10 -52.49 15.94
CA GLU F 5 6.48 -51.37 15.08
C GLU F 5 7.24 -50.30 15.86
N TYR F 6 6.74 -50.00 17.07
CA TYR F 6 7.33 -49.02 17.99
C TYR F 6 6.66 -49.17 19.36
N ASP F 7 7.40 -48.84 20.43
CA ASP F 7 6.88 -49.01 21.78
C ASP F 7 5.74 -48.04 22.12
N TYR F 8 6.01 -46.73 21.98
CA TYR F 8 4.98 -45.70 22.21
C TYR F 8 4.92 -44.71 21.05
N LEU F 9 3.75 -44.08 20.90
CA LEU F 9 3.61 -42.89 20.06
C LEU F 9 3.06 -41.74 20.90
N PHE F 10 3.70 -40.59 20.82
CA PHE F 10 3.22 -39.40 21.53
C PHE F 10 2.81 -38.32 20.54
N LYS F 11 1.69 -37.68 20.82
CA LYS F 11 1.16 -36.63 19.95
C LYS F 11 1.52 -35.27 20.52
N LEU F 12 2.35 -34.55 19.78
CA LEU F 12 2.82 -33.23 20.19
C LEU F 12 2.14 -32.14 19.39
N LEU F 13 2.09 -30.95 19.97
CA LEU F 13 1.51 -29.79 19.31
C LEU F 13 2.41 -28.58 19.53
N LEU F 14 2.93 -28.02 18.45
CA LEU F 14 3.71 -26.78 18.51
C LEU F 14 2.76 -25.60 18.39
N ILE F 15 2.72 -24.75 19.41
CA ILE F 15 1.91 -23.52 19.34
C ILE F 15 2.75 -22.27 19.57
N GLY F 16 2.17 -21.11 19.30
CA GLY F 16 2.86 -19.84 19.45
C GLY F 16 2.42 -18.82 18.42
N ASP F 17 2.94 -17.60 18.54
CA ASP F 17 2.67 -16.52 17.60
C ASP F 17 3.06 -16.83 16.17
N SER F 18 2.62 -15.97 15.25
CA SER F 18 2.95 -16.10 13.84
C SER F 18 4.39 -15.70 13.56
N GLY F 19 5.11 -16.58 12.88
CA GLY F 19 6.49 -16.32 12.47
C GLY F 19 7.47 -16.25 13.62
N VAL F 20 7.50 -17.30 14.42
CA VAL F 20 8.43 -17.39 15.53
C VAL F 20 9.43 -18.50 15.27
N GLY F 21 8.99 -19.53 14.55
CA GLY F 21 9.86 -20.64 14.16
C GLY F 21 9.24 -22.02 14.26
N LYS F 22 7.95 -22.08 14.56
CA LYS F 22 7.27 -23.35 14.80
C LYS F 22 7.48 -24.37 13.68
N SER F 23 7.18 -23.96 12.45
CA SER F 23 7.32 -24.83 11.27
C SER F 23 8.79 -25.13 11.00
N CYS F 24 9.61 -24.08 10.94
CA CYS F 24 11.05 -24.23 10.77
C CYS F 24 11.66 -25.21 11.79
N LEU F 25 11.14 -25.17 13.03
CA LEU F 25 11.51 -26.12 14.08
C LEU F 25 11.09 -27.55 13.73
N LEU F 26 9.86 -27.71 13.22
CA LEU F 26 9.34 -29.03 12.87
C LEU F 26 10.17 -29.64 11.75
N LEU F 27 10.38 -28.85 10.70
CA LEU F 27 11.18 -29.25 9.55
C LEU F 27 12.65 -29.49 9.91
N ARG F 28 13.11 -28.81 10.96
CA ARG F 28 14.47 -28.99 11.44
C ARG F 28 14.62 -30.35 12.12
N PHE F 29 13.72 -30.64 13.04
CA PHE F 29 13.78 -31.88 13.81
C PHE F 29 13.48 -33.11 12.96
N ALA F 30 12.56 -32.99 12.01
CA ALA F 30 12.09 -34.14 11.24
C ALA F 30 12.79 -34.34 9.90
N ASP F 31 13.21 -33.24 9.28
CA ASP F 31 13.85 -33.33 7.98
C ASP F 31 15.32 -32.90 7.98
N ASP F 32 15.75 -32.24 9.07
CA ASP F 32 17.11 -31.69 9.15
C ASP F 32 17.42 -30.73 8.00
N THR F 33 16.42 -29.94 7.61
CA THR F 33 16.58 -28.90 6.59
C THR F 33 16.10 -27.56 7.13
N TYR F 34 16.41 -26.50 6.40
CA TYR F 34 15.96 -25.15 6.75
C TYR F 34 15.90 -24.30 5.50
N THR F 35 14.72 -23.76 5.16
CA THR F 35 14.57 -22.91 3.98
C THR F 35 14.19 -21.46 4.33
N GLU F 36 14.98 -20.52 3.79
CA GLU F 36 14.92 -19.10 4.18
C GLU F 36 13.53 -18.47 4.17
N SER F 37 12.58 -19.07 3.43
CA SER F 37 11.20 -18.55 3.35
C SER F 37 10.12 -19.61 3.09
N TYR F 38 9.99 -20.55 4.03
CA TYR F 38 9.01 -21.63 3.94
C TYR F 38 7.58 -21.10 4.01
N ILE F 39 6.64 -21.82 3.40
CA ILE F 39 5.24 -21.40 3.31
C ILE F 39 4.60 -21.04 4.68
N SER F 40 3.69 -20.08 4.64
CA SER F 40 2.88 -19.70 5.80
C SER F 40 1.87 -20.80 6.14
N THR F 41 1.94 -21.32 7.36
CA THR F 41 1.01 -22.36 7.82
C THR F 41 -0.43 -21.83 7.91
N ILE F 42 -1.34 -22.51 7.20
CA ILE F 42 -2.79 -22.25 7.27
C ILE F 42 -3.47 -23.57 7.58
N GLY F 43 -4.34 -23.56 8.57
CA GLY F 43 -4.94 -24.80 9.04
C GLY F 43 -4.00 -25.52 9.99
N VAL F 44 -3.89 -26.84 9.82
CA VAL F 44 -3.15 -27.70 10.74
C VAL F 44 -2.78 -29.03 10.07
N ASP F 45 -1.50 -29.41 10.18
CA ASP F 45 -1.01 -30.71 9.71
C ASP F 45 0.18 -31.13 10.56
N PHE F 46 0.53 -32.41 10.47
CA PHE F 46 1.61 -32.97 11.29
C PHE F 46 2.81 -33.47 10.49
N LYS F 47 3.82 -33.92 11.22
CA LYS F 47 4.99 -34.56 10.64
C LYS F 47 5.46 -35.67 11.60
N ILE F 48 6.16 -36.67 11.06
CA ILE F 48 6.49 -37.86 11.83
C ILE F 48 8.00 -38.05 12.01
N ARG F 49 8.39 -38.54 13.19
CA ARG F 49 9.79 -38.84 13.52
C ARG F 49 9.85 -39.87 14.64
N THR F 50 10.62 -40.94 14.44
CA THR F 50 10.81 -41.93 15.51
C THR F 50 12.22 -41.86 16.11
N ILE F 51 12.28 -41.75 17.43
CA ILE F 51 13.54 -41.63 18.18
C ILE F 51 13.66 -42.71 19.25
N GLU F 52 14.89 -43.10 19.58
CA GLU F 52 15.14 -44.12 20.60
C GLU F 52 15.53 -43.49 21.95
N LEU F 53 14.71 -43.72 22.97
CA LEU F 53 14.96 -43.22 24.32
C LEU F 53 14.95 -44.32 25.38
N ASP F 54 15.86 -44.21 26.34
CA ASP F 54 15.97 -45.15 27.46
C ASP F 54 15.81 -46.62 27.06
N GLY F 55 16.37 -46.97 25.91
CA GLY F 55 16.35 -48.35 25.39
C GLY F 55 15.00 -48.80 24.84
N LYS F 56 14.21 -47.84 24.35
CA LYS F 56 12.87 -48.11 23.81
C LYS F 56 12.55 -47.17 22.65
N THR F 57 11.96 -47.72 21.59
CA THR F 57 11.59 -46.92 20.41
C THR F 57 10.32 -46.10 20.64
N ILE F 58 10.44 -44.79 20.44
CA ILE F 58 9.31 -43.87 20.58
C ILE F 58 9.00 -43.20 19.24
N LYS F 59 7.72 -43.16 18.87
CA LYS F 59 7.28 -42.44 17.68
C LYS F 59 6.76 -41.06 18.07
N LEU F 60 7.26 -40.03 17.40
CA LEU F 60 6.81 -38.65 17.66
C LEU F 60 6.01 -38.08 16.50
N GLN F 61 4.75 -37.78 16.78
CA GLN F 61 3.82 -37.21 15.84
C GLN F 61 3.60 -35.78 16.30
N ILE F 62 4.26 -34.85 15.64
CA ILE F 62 4.23 -33.44 16.05
C ILE F 62 3.31 -32.66 15.13
N TRP F 63 2.40 -31.88 15.70
CA TRP F 63 1.48 -31.06 14.92
C TRP F 63 1.91 -29.59 14.87
N ASP F 64 1.76 -28.98 13.70
CA ASP F 64 2.11 -27.58 13.46
C ASP F 64 0.85 -26.77 13.23
N THR F 65 0.76 -25.62 13.90
CA THR F 65 -0.43 -24.77 13.84
C THR F 65 -0.18 -23.41 13.19
N ALA F 66 -1.27 -22.67 12.97
CA ALA F 66 -1.22 -21.31 12.43
C ALA F 66 -1.09 -20.27 13.55
N GLY F 67 -0.13 -19.36 13.37
CA GLY F 67 0.25 -18.43 14.42
C GLY F 67 -0.67 -17.26 14.68
N GLN F 68 -1.58 -16.98 13.74
CA GLN F 68 -2.47 -15.83 13.90
C GLN F 68 -3.45 -16.10 15.02
N GLU F 69 -3.84 -15.04 15.72
CA GLU F 69 -4.78 -15.13 16.83
C GLU F 69 -6.12 -15.71 16.41
N ARG F 70 -6.59 -15.30 15.24
CA ARG F 70 -7.92 -15.68 14.75
C ARG F 70 -8.06 -17.16 14.39
N PHE F 71 -6.99 -17.92 14.57
CA PHE F 71 -6.97 -19.33 14.19
C PHE F 71 -7.11 -20.32 15.35
N ARG F 72 -7.19 -19.78 16.57
CA ARG F 72 -7.30 -20.61 17.79
C ARG F 72 -8.57 -21.43 17.85
N THR F 73 -9.67 -20.86 17.35
CA THR F 73 -10.96 -21.54 17.26
C THR F 73 -10.87 -22.82 16.41
N ILE F 74 -10.05 -22.78 15.36
CA ILE F 74 -9.87 -23.95 14.51
C ILE F 74 -8.86 -24.93 15.08
N THR F 75 -7.82 -24.42 15.73
CA THR F 75 -6.78 -25.29 16.27
C THR F 75 -7.12 -25.88 17.64
N SER F 76 -8.18 -25.37 18.28
CA SER F 76 -8.50 -25.75 19.67
C SER F 76 -8.80 -27.23 19.88
N SER F 77 -9.53 -27.81 18.93
CA SER F 77 -9.85 -29.25 18.93
C SER F 77 -8.63 -30.16 19.19
N TYR F 78 -7.50 -29.80 18.59
CA TYR F 78 -6.29 -30.63 18.58
C TYR F 78 -5.47 -30.62 19.87
N TYR F 79 -5.82 -29.72 20.80
CA TYR F 79 -5.18 -29.64 22.12
C TYR F 79 -5.51 -30.87 22.96
N ARG F 80 -6.69 -31.44 22.70
CA ARG F 80 -7.21 -32.59 23.44
C ARG F 80 -6.25 -33.78 23.42
N GLY F 81 -6.00 -34.32 22.23
CA GLY F 81 -5.22 -35.55 22.09
C GLY F 81 -3.72 -35.47 22.38
N ALA F 82 -3.24 -34.27 22.74
CA ALA F 82 -1.80 -34.01 22.85
C ALA F 82 -1.16 -34.43 24.17
N HIS F 83 -0.12 -35.25 24.07
CA HIS F 83 0.69 -35.64 25.22
C HIS F 83 1.63 -34.52 25.65
N GLY F 84 2.07 -33.73 24.68
CA GLY F 84 3.00 -32.63 24.94
C GLY F 84 2.73 -31.42 24.07
N ILE F 85 2.91 -30.23 24.66
CA ILE F 85 2.68 -28.98 23.93
C ILE F 85 3.87 -28.05 24.11
N ILE F 86 4.41 -27.56 23.00
CA ILE F 86 5.58 -26.70 23.00
C ILE F 86 5.18 -25.28 22.64
N VAL F 87 5.30 -24.37 23.60
CA VAL F 87 5.00 -22.97 23.36
C VAL F 87 6.25 -22.30 22.81
N VAL F 88 6.11 -21.62 21.68
CA VAL F 88 7.25 -21.01 20.99
C VAL F 88 7.17 -19.49 20.89
N TYR F 89 8.20 -18.84 21.41
CA TYR F 89 8.35 -17.39 21.25
C TYR F 89 9.63 -17.10 20.48
N ASP F 90 9.63 -15.99 19.76
CA ASP F 90 10.78 -15.54 19.01
C ASP F 90 11.58 -14.63 19.93
N VAL F 91 12.84 -15.00 20.17
CA VAL F 91 13.71 -14.22 21.09
C VAL F 91 13.97 -12.78 20.63
N THR F 92 13.81 -12.53 19.33
CA THR F 92 14.01 -11.21 18.73
C THR F 92 12.73 -10.37 18.68
N ASP F 93 11.59 -11.05 18.87
CA ASP F 93 10.28 -10.41 18.91
C ASP F 93 9.82 -10.39 20.36
N GLN F 94 9.64 -9.18 20.91
CA GLN F 94 9.23 -9.08 22.31
C GLN F 94 7.76 -9.45 22.47
N GLU F 95 6.92 -8.91 21.59
CA GLU F 95 5.47 -9.18 21.60
C GLU F 95 5.16 -10.67 21.72
N SER F 96 6.00 -11.50 21.10
CA SER F 96 5.77 -12.94 21.08
C SER F 96 5.99 -13.58 22.46
N TYR F 97 6.87 -13.00 23.27
CA TYR F 97 7.10 -13.50 24.62
C TYR F 97 6.02 -13.00 25.58
N ALA F 98 5.60 -11.76 25.40
CA ALA F 98 4.49 -11.20 26.17
C ALA F 98 3.25 -12.07 26.00
N ASN F 99 3.09 -12.61 24.79
CA ASN F 99 1.95 -13.46 24.44
C ASN F 99 1.98 -14.88 24.99
N VAL F 100 3.13 -15.30 25.52
CA VAL F 100 3.27 -16.65 26.07
C VAL F 100 2.24 -16.94 27.17
N LYS F 101 1.97 -15.93 28.01
CA LYS F 101 0.93 -16.07 29.04
C LYS F 101 -0.38 -16.56 28.41
N GLN F 102 -0.71 -15.96 27.27
CA GLN F 102 -1.96 -16.25 26.59
C GLN F 102 -1.93 -17.60 25.87
N TRP F 103 -0.74 -18.05 25.50
CA TRP F 103 -0.59 -19.38 24.90
C TRP F 103 -0.67 -20.47 25.95
N LEU F 104 -0.35 -20.12 27.18
CA LEU F 104 -0.47 -21.06 28.30
C LEU F 104 -1.93 -21.19 28.71
N GLN F 105 -2.68 -20.09 28.62
CA GLN F 105 -4.10 -20.06 28.93
C GLN F 105 -4.95 -20.92 27.99
N GLU F 106 -4.52 -21.00 26.73
CA GLU F 106 -5.18 -21.86 25.74
C GLU F 106 -4.97 -23.33 26.08
N ILE F 107 -3.77 -23.68 26.54
CA ILE F 107 -3.46 -25.03 27.01
C ILE F 107 -4.26 -25.33 28.29
N ASP F 108 -4.41 -24.30 29.13
CA ASP F 108 -5.17 -24.42 30.37
C ASP F 108 -6.64 -24.72 30.10
N ARG F 109 -7.20 -24.07 29.09
CA ARG F 109 -8.62 -24.24 28.76
C ARG F 109 -8.99 -25.42 27.87
N TYR F 110 -8.06 -25.88 27.03
CA TYR F 110 -8.38 -26.88 26.00
C TYR F 110 -7.61 -28.19 26.07
N ALA F 111 -6.44 -28.19 26.70
CA ALA F 111 -5.65 -29.42 26.86
C ALA F 111 -5.80 -30.03 28.25
N SER F 112 -5.32 -31.26 28.39
CA SER F 112 -5.44 -32.04 29.63
C SER F 112 -4.71 -31.42 30.81
N GLU F 113 -5.20 -31.71 32.02
CA GLU F 113 -4.49 -31.34 33.25
C GLU F 113 -3.16 -32.06 33.30
N ASN F 114 -3.12 -33.25 32.71
CA ASN F 114 -1.90 -34.06 32.59
C ASN F 114 -0.82 -33.39 31.73
N VAL F 115 -1.25 -32.88 30.56
CA VAL F 115 -0.37 -32.41 29.46
C VAL F 115 1.02 -31.90 29.85
N ASN F 116 2.04 -32.44 29.19
CA ASN F 116 3.42 -31.98 29.35
C ASN F 116 3.67 -30.71 28.56
N LYS F 117 4.44 -29.80 29.14
CA LYS F 117 4.69 -28.50 28.50
C LYS F 117 6.18 -28.23 28.32
N LEU F 118 6.50 -27.38 27.35
CA LEU F 118 7.88 -26.95 27.08
C LEU F 118 7.93 -25.53 26.52
N LEU F 119 8.82 -24.70 27.07
CA LEU F 119 8.91 -23.31 26.66
C LEU F 119 10.17 -23.06 25.86
N VAL F 120 10.00 -22.83 24.56
CA VAL F 120 11.13 -22.68 23.64
C VAL F 120 11.21 -21.27 23.07
N GLY F 121 12.34 -20.62 23.27
CA GLY F 121 12.64 -19.36 22.57
C GLY F 121 13.49 -19.65 21.35
N ASN F 122 12.89 -19.58 20.16
CA ASN F 122 13.60 -19.85 18.93
C ASN F 122 14.29 -18.61 18.37
N LYS F 123 15.21 -18.83 17.42
CA LYS F 123 16.00 -17.77 16.76
C LYS F 123 17.15 -17.26 17.63
N SER F 124 17.73 -18.17 18.41
CA SER F 124 18.86 -17.85 19.29
C SER F 124 20.11 -17.41 18.51
N ASP F 125 20.11 -17.68 17.21
CA ASP F 125 21.25 -17.36 16.35
C ASP F 125 21.40 -15.88 16.05
N LEU F 126 20.30 -15.12 16.15
CA LEU F 126 20.36 -13.67 15.94
C LEU F 126 20.66 -12.97 17.26
N THR F 127 21.91 -13.03 17.69
CA THR F 127 22.31 -12.53 19.01
C THR F 127 22.37 -11.01 19.06
N THR F 128 22.56 -10.39 17.90
CA THR F 128 22.60 -8.94 17.77
C THR F 128 21.22 -8.31 17.94
N LYS F 129 20.19 -9.10 17.69
CA LYS F 129 18.81 -8.60 17.60
C LYS F 129 17.90 -9.08 18.74
N LYS F 130 18.46 -9.92 19.62
CA LYS F 130 17.75 -10.51 20.75
C LYS F 130 17.24 -9.45 21.75
N VAL F 131 15.94 -9.46 22.02
CA VAL F 131 15.32 -8.52 22.97
C VAL F 131 14.90 -9.22 24.27
N VAL F 132 14.65 -10.52 24.20
CA VAL F 132 14.25 -11.31 25.37
C VAL F 132 15.46 -11.88 26.10
N ASP F 133 15.52 -11.67 27.41
CA ASP F 133 16.61 -12.20 28.24
C ASP F 133 16.45 -13.68 28.54
N ASN F 134 17.52 -14.44 28.30
CA ASN F 134 17.54 -15.88 28.56
C ASN F 134 17.22 -16.21 30.02
N THR F 135 17.74 -15.39 30.93
CA THR F 135 17.51 -15.56 32.36
C THR F 135 16.04 -15.37 32.73
N THR F 136 15.47 -14.21 32.39
CA THR F 136 14.10 -13.89 32.76
C THR F 136 13.08 -14.91 32.23
N ALA F 137 13.40 -15.56 31.11
CA ALA F 137 12.56 -16.62 30.57
C ALA F 137 12.68 -17.90 31.40
N LYS F 138 13.91 -18.25 31.78
CA LYS F 138 14.17 -19.46 32.56
C LYS F 138 13.54 -19.35 33.95
N GLU F 139 13.65 -18.18 34.56
CA GLU F 139 13.06 -17.93 35.87
C GLU F 139 11.54 -17.90 35.78
N PHE F 140 11.01 -17.48 34.62
CA PHE F 140 9.58 -17.56 34.36
C PHE F 140 9.16 -19.01 34.22
N ALA F 141 9.94 -19.77 33.45
CA ALA F 141 9.68 -21.20 33.25
C ALA F 141 9.69 -21.97 34.57
N ASP F 142 10.72 -21.73 35.38
CA ASP F 142 10.88 -22.40 36.67
C ASP F 142 9.76 -22.07 37.65
N SER F 143 9.21 -20.85 37.54
CA SER F 143 8.13 -20.39 38.41
C SER F 143 6.81 -21.09 38.11
N LEU F 144 6.68 -21.66 36.92
CA LEU F 144 5.50 -22.41 36.55
C LEU F 144 5.80 -23.91 36.40
N GLY F 145 7.00 -24.30 36.81
CA GLY F 145 7.44 -25.69 36.74
C GLY F 145 7.41 -26.24 35.33
N ILE F 146 8.13 -25.57 34.43
CA ILE F 146 8.24 -26.00 33.03
C ILE F 146 9.71 -25.94 32.59
N PRO F 147 10.16 -26.95 31.83
CA PRO F 147 11.46 -26.89 31.16
C PRO F 147 11.53 -25.78 30.11
N PHE F 148 12.70 -25.18 29.97
CA PHE F 148 12.91 -24.10 29.00
C PHE F 148 14.19 -24.32 28.20
N LEU F 149 14.11 -24.04 26.91
CA LEU F 149 15.27 -24.10 26.02
C LEU F 149 15.29 -22.94 25.04
N GLU F 150 16.49 -22.64 24.55
CA GLU F 150 16.68 -21.63 23.53
C GLU F 150 17.26 -22.31 22.30
N THR F 151 16.57 -22.18 21.18
CA THR F 151 16.93 -22.93 19.97
C THR F 151 17.22 -22.05 18.76
N SER F 152 17.94 -22.63 17.80
CA SER F 152 18.04 -22.07 16.47
C SER F 152 17.78 -23.16 15.44
N ALA F 153 16.73 -22.99 14.65
CA ALA F 153 16.43 -23.91 13.56
C ALA F 153 17.42 -23.68 12.42
N LYS F 154 17.81 -22.42 12.22
CA LYS F 154 18.82 -22.08 11.20
C LYS F 154 20.12 -22.85 11.43
N ASN F 155 20.52 -22.96 12.70
CA ASN F 155 21.76 -23.62 13.09
C ASN F 155 21.59 -25.03 13.66
N ALA F 156 20.35 -25.38 14.05
CA ALA F 156 20.01 -26.67 14.66
C ALA F 156 20.59 -26.86 16.08
N THR F 157 20.80 -25.75 16.79
CA THR F 157 21.60 -25.76 18.03
C THR F 157 21.02 -26.62 19.15
N ASN F 158 19.76 -26.38 19.51
CA ASN F 158 19.13 -27.16 20.55
C ASN F 158 17.82 -27.82 20.12
N VAL F 159 17.58 -27.84 18.81
CA VAL F 159 16.35 -28.39 18.23
C VAL F 159 16.22 -29.86 18.58
N GLU F 160 17.30 -30.61 18.40
CA GLU F 160 17.31 -32.04 18.72
C GLU F 160 17.01 -32.25 20.20
N GLN F 161 17.75 -31.53 21.05
CA GLN F 161 17.64 -31.65 22.51
C GLN F 161 16.26 -31.22 23.02
N ALA F 162 15.64 -30.25 22.35
CA ALA F 162 14.34 -29.74 22.77
C ALA F 162 13.23 -30.78 22.67
N PHE F 163 13.17 -31.50 21.55
CA PHE F 163 12.19 -32.57 21.38
C PHE F 163 12.56 -33.81 22.18
N MET F 164 13.85 -33.92 22.55
CA MET F 164 14.34 -35.04 23.33
C MET F 164 14.09 -34.88 24.84
N THR F 165 14.01 -33.63 25.31
CA THR F 165 13.68 -33.35 26.71
C THR F 165 12.17 -33.40 26.93
N MET F 166 11.41 -32.97 25.91
CA MET F 166 9.95 -33.09 25.90
C MET F 166 9.53 -34.55 25.93
N ALA F 167 10.21 -35.39 25.14
CA ALA F 167 9.88 -36.80 25.01
C ALA F 167 10.16 -37.61 26.28
N ALA F 168 11.28 -37.31 26.94
CA ALA F 168 11.64 -37.97 28.20
C ALA F 168 10.63 -37.62 29.29
N GLU F 169 10.22 -36.35 29.31
CA GLU F 169 9.20 -35.86 30.23
C GLU F 169 7.90 -36.66 30.11
N ILE F 170 7.45 -36.88 28.88
CA ILE F 170 6.23 -37.65 28.61
C ILE F 170 6.40 -39.13 28.96
N LYS F 171 7.60 -39.67 28.75
CA LYS F 171 7.90 -41.07 29.07
C LYS F 171 7.82 -41.33 30.57
N LYS F 172 8.25 -40.35 31.37
CA LYS F 172 8.16 -40.42 32.83
C LYS F 172 6.70 -40.42 33.29
N ARG F 173 5.84 -39.79 32.51
CA ARG F 173 4.40 -39.79 32.76
C ARG F 173 3.76 -41.09 32.25
N MET F 174 4.11 -41.48 31.02
CA MET F 174 3.40 -42.55 30.31
C MET F 174 3.41 -43.93 30.97
N GLY F 175 4.55 -44.63 30.91
CA GLY F 175 4.65 -46.00 31.41
C GLY F 175 4.82 -46.10 32.91
N PHE G 25 -80.65 -18.38 -24.57
CA PHE G 25 -79.89 -18.80 -23.35
C PHE G 25 -78.48 -18.23 -23.40
N ASN G 26 -77.47 -19.09 -23.28
CA ASN G 26 -76.07 -18.68 -23.27
C ASN G 26 -75.53 -18.38 -24.68
N ALA G 27 -76.36 -17.70 -25.48
CA ALA G 27 -76.01 -17.36 -26.87
C ALA G 27 -74.99 -16.21 -26.95
N LYS G 28 -74.65 -15.63 -25.80
CA LYS G 28 -73.67 -14.54 -25.72
C LYS G 28 -72.23 -15.02 -26.00
N ARG G 29 -71.83 -16.11 -25.36
CA ARG G 29 -70.50 -16.71 -25.50
C ARG G 29 -70.41 -17.54 -26.79
N LYS G 30 -71.53 -18.12 -27.18
CA LYS G 30 -71.64 -18.85 -28.45
C LYS G 30 -71.12 -17.99 -29.59
N LYS G 31 -71.67 -16.78 -29.70
CA LYS G 31 -71.34 -15.84 -30.78
C LYS G 31 -69.98 -15.16 -30.58
N LYS G 32 -69.40 -15.31 -29.39
CA LYS G 32 -68.08 -14.71 -29.10
C LYS G 32 -66.94 -15.46 -29.78
N VAL G 33 -67.03 -16.79 -29.80
CA VAL G 33 -65.99 -17.64 -30.40
C VAL G 33 -65.89 -17.42 -31.91
N ALA G 34 -67.03 -17.04 -32.51
CA ALA G 34 -67.11 -16.75 -33.94
C ALA G 34 -66.28 -15.52 -34.32
N GLU G 35 -66.28 -14.52 -33.45
CA GLU G 35 -65.55 -13.27 -33.66
C GLU G 35 -64.04 -13.45 -33.54
N ILE G 36 -63.62 -14.07 -32.45
CA ILE G 36 -62.20 -14.32 -32.18
C ILE G 36 -61.51 -15.08 -33.32
N HIS G 37 -62.16 -16.15 -33.80
CA HIS G 37 -61.62 -16.96 -34.88
C HIS G 37 -61.64 -16.24 -36.23
N GLN G 38 -62.50 -15.23 -36.35
CA GLN G 38 -62.62 -14.43 -37.57
C GLN G 38 -61.56 -13.34 -37.65
N ALA G 39 -61.33 -12.66 -36.54
CA ALA G 39 -60.29 -11.64 -36.44
C ALA G 39 -58.90 -12.24 -36.62
N LEU G 40 -58.67 -13.40 -36.02
CA LEU G 40 -57.39 -14.11 -36.13
C LEU G 40 -57.07 -14.56 -37.56
N ASN G 41 -58.10 -14.68 -38.39
CA ASN G 41 -57.94 -15.07 -39.79
C ASN G 41 -58.11 -13.92 -40.80
N SER G 42 -58.10 -12.69 -40.30
CA SER G 42 -58.27 -11.50 -41.16
C SER G 42 -57.03 -11.25 -42.04
N ASP G 43 -57.17 -10.34 -43.01
CA ASP G 43 -56.06 -9.99 -43.92
C ASP G 43 -54.84 -9.50 -43.13
N PRO G 44 -55.01 -8.47 -42.30
CA PRO G 44 -54.14 -8.31 -41.13
C PRO G 44 -54.92 -8.66 -39.85
N THR G 45 -54.36 -9.51 -38.99
CA THR G 45 -55.06 -9.97 -37.79
C THR G 45 -55.56 -8.79 -36.96
N ASP G 46 -56.87 -8.59 -36.97
CA ASP G 46 -57.52 -7.47 -36.28
C ASP G 46 -57.27 -7.54 -34.78
N VAL G 47 -56.21 -6.87 -34.33
CA VAL G 47 -55.81 -6.88 -32.92
C VAL G 47 -56.80 -6.09 -32.06
N ALA G 48 -57.23 -4.92 -32.56
CA ALA G 48 -58.20 -4.06 -31.88
C ALA G 48 -59.48 -4.80 -31.50
N ALA G 49 -59.91 -5.73 -32.36
CA ALA G 49 -61.07 -6.57 -32.07
C ALA G 49 -60.72 -7.57 -30.97
N LEU G 50 -59.62 -8.31 -31.16
CA LEU G 50 -59.13 -9.26 -30.17
C LEU G 50 -58.98 -8.58 -28.80
N ARG G 51 -58.34 -7.41 -28.81
CA ARG G 51 -58.18 -6.58 -27.62
C ARG G 51 -59.54 -6.16 -27.05
N ARG G 52 -60.48 -5.84 -27.93
CA ARG G 52 -61.82 -5.38 -27.53
C ARG G 52 -62.64 -6.50 -26.89
N MET G 53 -62.48 -7.71 -27.41
CA MET G 53 -63.18 -8.89 -26.91
C MET G 53 -62.64 -9.32 -25.56
N ALA G 54 -61.41 -8.93 -25.26
CA ALA G 54 -60.73 -9.28 -24.01
C ALA G 54 -61.29 -8.55 -22.79
N ILE G 55 -61.95 -7.43 -23.01
CA ILE G 55 -62.54 -6.65 -21.92
C ILE G 55 -64.02 -6.98 -21.69
N SER G 56 -64.77 -7.16 -22.78
CA SER G 56 -66.23 -7.27 -22.77
C SER G 56 -66.81 -8.27 -21.74
N GLU G 57 -66.88 -9.55 -22.11
CA GLU G 57 -67.46 -10.56 -21.23
C GLU G 57 -66.77 -11.93 -21.31
N GLY G 58 -66.39 -12.45 -20.15
CA GLY G 58 -65.76 -13.76 -20.04
C GLY G 58 -64.38 -13.84 -20.65
N GLY G 59 -63.71 -12.69 -20.75
CA GLY G 59 -62.38 -12.59 -21.35
C GLY G 59 -62.33 -13.23 -22.73
N LEU G 60 -61.36 -14.11 -22.92
CA LEU G 60 -61.19 -14.82 -24.19
C LEU G 60 -61.60 -16.29 -24.08
N LEU G 61 -62.41 -16.58 -23.07
CA LEU G 61 -63.09 -17.86 -22.89
C LEU G 61 -62.20 -19.09 -22.61
N THR G 62 -61.48 -19.55 -23.63
CA THR G 62 -60.68 -20.79 -23.52
C THR G 62 -59.18 -20.52 -23.65
N ASP G 63 -58.39 -21.29 -22.90
CA ASP G 63 -56.92 -21.19 -22.93
C ASP G 63 -56.33 -21.57 -24.30
N GLU G 64 -56.87 -22.64 -24.90
CA GLU G 64 -56.46 -23.09 -26.24
C GLU G 64 -56.52 -21.94 -27.24
N ILE G 65 -57.53 -21.07 -27.08
CA ILE G 65 -57.63 -19.81 -27.80
C ILE G 65 -56.38 -18.93 -27.58
N ARG G 66 -56.05 -18.68 -26.32
CA ARG G 66 -55.00 -17.73 -25.93
C ARG G 66 -53.64 -18.09 -26.53
N ARG G 67 -53.44 -19.38 -26.82
CA ARG G 67 -52.23 -19.85 -27.51
C ARG G 67 -52.02 -19.13 -28.84
N LYS G 68 -53.13 -18.63 -29.41
CA LYS G 68 -53.09 -17.88 -30.67
C LYS G 68 -53.25 -16.38 -30.45
N VAL G 69 -54.16 -16.02 -29.54
CA VAL G 69 -54.53 -14.62 -29.30
C VAL G 69 -53.46 -13.84 -28.52
N TRP G 70 -52.89 -14.47 -27.50
CA TRP G 70 -51.96 -13.81 -26.58
C TRP G 70 -50.67 -13.28 -27.22
N PRO G 71 -50.04 -14.04 -28.12
CA PRO G 71 -48.89 -13.47 -28.85
C PRO G 71 -49.25 -12.21 -29.62
N LYS G 72 -50.43 -12.19 -30.25
CA LYS G 72 -50.91 -11.04 -31.00
C LYS G 72 -51.25 -9.86 -30.08
N LEU G 73 -51.62 -10.16 -28.83
CA LEU G 73 -52.02 -9.14 -27.87
C LEU G 73 -50.83 -8.29 -27.43
N LEU G 74 -49.79 -8.96 -26.95
CA LEU G 74 -48.46 -8.38 -26.85
C LEU G 74 -47.95 -8.28 -28.29
N ASN G 75 -46.78 -7.71 -28.51
CA ASN G 75 -46.33 -7.57 -29.88
C ASN G 75 -45.53 -8.78 -30.38
N VAL G 76 -45.38 -9.79 -29.51
CA VAL G 76 -44.61 -11.00 -29.83
C VAL G 76 -45.25 -11.86 -30.93
N ASN G 77 -44.45 -12.73 -31.53
CA ASN G 77 -44.91 -13.63 -32.59
C ASN G 77 -44.77 -15.09 -32.15
N ALA G 78 -45.79 -15.90 -32.44
CA ALA G 78 -45.82 -17.29 -31.97
C ALA G 78 -44.90 -18.22 -32.74
N ASN G 79 -44.88 -18.10 -34.07
CA ASN G 79 -43.99 -18.91 -34.91
C ASN G 79 -42.60 -18.27 -35.10
N ASP G 80 -41.80 -18.33 -34.04
CA ASP G 80 -40.41 -17.85 -34.02
C ASP G 80 -39.49 -18.98 -33.53
N PRO G 81 -38.20 -18.95 -33.95
CA PRO G 81 -37.25 -19.92 -33.41
C PRO G 81 -37.05 -19.73 -31.91
N PRO G 82 -37.14 -20.83 -31.13
CA PRO G 82 -36.99 -20.77 -29.66
C PRO G 82 -35.60 -20.28 -29.25
N PRO G 83 -35.51 -19.60 -28.09
CA PRO G 83 -34.24 -19.06 -27.59
C PRO G 83 -33.21 -20.13 -27.20
N ILE G 84 -31.94 -19.75 -27.22
CA ILE G 84 -30.83 -20.66 -26.88
C ILE G 84 -30.53 -20.70 -25.37
N SER G 85 -30.12 -21.88 -24.88
CA SER G 85 -29.77 -22.07 -23.46
C SER G 85 -28.52 -22.94 -23.29
N GLY G 86 -27.48 -22.39 -22.67
CA GLY G 86 -26.16 -23.06 -22.60
C GLY G 86 -25.70 -23.54 -21.24
N LYS G 87 -24.83 -24.56 -21.24
CA LYS G 87 -24.46 -25.32 -20.03
C LYS G 87 -23.59 -24.61 -18.95
N ASN G 88 -24.17 -24.35 -17.78
CA ASN G 88 -25.57 -24.58 -17.53
C ASN G 88 -26.24 -23.29 -17.08
N LEU G 89 -27.51 -23.14 -17.42
CA LEU G 89 -28.28 -21.96 -17.07
C LEU G 89 -28.23 -21.73 -15.56
N ARG G 90 -28.48 -22.80 -14.80
CA ARG G 90 -28.59 -22.75 -13.35
C ARG G 90 -27.26 -22.41 -12.65
N GLN G 91 -26.17 -22.99 -13.15
CA GLN G 91 -24.84 -22.84 -12.55
C GLN G 91 -24.35 -21.40 -12.45
N MET G 92 -24.70 -20.59 -13.45
CA MET G 92 -24.22 -19.22 -13.52
C MET G 92 -25.18 -18.23 -12.87
N SER G 93 -26.44 -18.62 -12.71
CA SER G 93 -27.48 -17.70 -12.25
C SER G 93 -27.27 -17.22 -10.82
N LYS G 94 -27.39 -15.92 -10.63
CA LYS G 94 -27.33 -15.30 -9.32
C LYS G 94 -28.58 -15.65 -8.52
N ASP G 95 -29.69 -15.85 -9.23
CA ASP G 95 -30.99 -16.00 -8.59
C ASP G 95 -31.51 -17.43 -8.54
N TYR G 96 -30.71 -18.38 -9.00
CA TYR G 96 -31.08 -19.79 -9.00
C TYR G 96 -31.51 -20.34 -7.63
N GLN G 97 -31.00 -19.74 -6.55
CA GLN G 97 -31.37 -20.16 -5.20
C GLN G 97 -32.75 -19.64 -4.78
N GLN G 98 -33.01 -18.37 -5.04
CA GLN G 98 -34.29 -17.76 -4.70
C GLN G 98 -35.41 -18.28 -5.59
N VAL G 99 -35.07 -18.54 -6.86
CA VAL G 99 -36.02 -19.09 -7.82
C VAL G 99 -36.36 -20.55 -7.51
N LEU G 100 -35.35 -21.33 -7.13
CA LEU G 100 -35.55 -22.72 -6.72
C LEU G 100 -36.50 -22.83 -5.51
N LEU G 101 -36.31 -21.96 -4.52
CA LEU G 101 -37.14 -21.96 -3.31
C LEU G 101 -38.59 -21.56 -3.58
N ASP G 102 -38.79 -20.64 -4.53
CA ASP G 102 -40.13 -20.16 -4.88
C ASP G 102 -40.92 -21.16 -5.72
N VAL G 103 -40.23 -21.87 -6.60
CA VAL G 103 -40.85 -22.91 -7.42
C VAL G 103 -41.39 -24.03 -6.52
N ARG G 104 -40.59 -24.43 -5.54
CA ARG G 104 -40.98 -25.43 -4.55
C ARG G 104 -42.20 -24.98 -3.74
N ARG G 105 -42.23 -23.70 -3.39
CA ARG G 105 -43.36 -23.10 -2.69
C ARG G 105 -44.36 -22.53 -3.71
N SER G 106 -44.75 -23.37 -4.67
CA SER G 106 -45.76 -23.02 -5.67
C SER G 106 -46.51 -24.27 -6.12
N LEU G 107 -47.12 -24.95 -5.14
CA LEU G 107 -47.87 -26.19 -5.38
C LEU G 107 -49.38 -25.91 -5.55
N ARG G 108 -49.92 -25.11 -4.63
CA ARG G 108 -51.32 -24.69 -4.66
C ARG G 108 -51.64 -23.89 -5.93
N ARG G 109 -50.58 -23.45 -6.61
CA ARG G 109 -50.69 -22.72 -7.86
C ARG G 109 -51.06 -23.65 -9.03
N PHE G 110 -50.62 -24.90 -8.96
CA PHE G 110 -50.99 -25.93 -9.93
C PHE G 110 -52.41 -26.46 -9.67
N PRO G 111 -53.05 -27.05 -10.71
CA PRO G 111 -54.32 -27.75 -10.48
C PRO G 111 -54.12 -29.03 -9.67
N PRO G 112 -55.10 -29.37 -8.80
CA PRO G 112 -54.98 -30.49 -7.86
C PRO G 112 -54.83 -31.87 -8.49
N GLY G 113 -55.47 -32.09 -9.65
CA GLY G 113 -55.50 -33.41 -10.27
C GLY G 113 -54.18 -33.93 -10.81
N MET G 114 -53.42 -33.03 -11.43
CA MET G 114 -52.16 -33.35 -12.11
C MET G 114 -51.18 -34.14 -11.23
N PRO G 115 -50.71 -35.30 -11.73
CA PRO G 115 -49.81 -36.19 -10.97
C PRO G 115 -48.46 -35.51 -10.68
N GLU G 116 -47.70 -36.07 -9.73
CA GLU G 116 -46.44 -35.44 -9.35
C GLU G 116 -45.36 -35.60 -10.41
N GLU G 117 -45.25 -36.80 -10.99
CA GLU G 117 -44.23 -37.08 -12.02
C GLU G 117 -44.28 -36.08 -13.17
N GLN G 118 -45.48 -35.62 -13.51
CA GLN G 118 -45.69 -34.63 -14.56
C GLN G 118 -45.59 -33.18 -14.06
N ARG G 119 -45.97 -32.93 -12.79
CA ARG G 119 -45.93 -31.59 -12.21
C ARG G 119 -44.50 -31.12 -11.99
N GLU G 120 -43.66 -32.01 -11.44
CA GLU G 120 -42.25 -31.73 -11.22
C GLU G 120 -41.55 -31.37 -12.53
N GLY G 121 -41.84 -32.12 -13.59
CA GLY G 121 -41.38 -31.78 -14.93
C GLY G 121 -41.62 -30.31 -15.25
N LEU G 122 -42.85 -29.86 -15.03
CA LEU G 122 -43.24 -28.46 -15.29
C LEU G 122 -42.61 -27.50 -14.29
N GLN G 123 -42.35 -27.98 -13.07
CA GLN G 123 -41.65 -27.19 -12.06
C GLN G 123 -40.18 -27.00 -12.46
N GLU G 124 -39.58 -28.05 -13.03
CA GLU G 124 -38.24 -27.98 -13.58
C GLU G 124 -38.19 -27.02 -14.77
N GLU G 125 -39.19 -27.15 -15.65
CA GLU G 125 -39.37 -26.25 -16.79
C GLU G 125 -39.56 -24.79 -16.35
N LEU G 126 -40.29 -24.60 -15.25
CA LEU G 126 -40.55 -23.27 -14.69
C LEU G 126 -39.27 -22.56 -14.24
N ILE G 127 -38.37 -23.30 -13.61
CA ILE G 127 -37.07 -22.74 -13.17
C ILE G 127 -36.32 -22.17 -14.36
N ASP G 128 -36.11 -23.00 -15.39
CA ASP G 128 -35.35 -22.63 -16.59
C ASP G 128 -35.99 -21.47 -17.36
N ILE G 129 -37.32 -21.45 -17.40
CA ILE G 129 -38.04 -20.35 -18.04
C ILE G 129 -37.74 -19.01 -17.34
N ILE G 130 -37.88 -18.98 -16.01
CA ILE G 130 -37.62 -17.77 -15.23
C ILE G 130 -36.19 -17.27 -15.41
N LEU G 131 -35.23 -18.21 -15.30
CA LEU G 131 -33.80 -17.88 -15.32
C LEU G 131 -33.27 -17.40 -16.67
N LEU G 132 -33.83 -17.93 -17.76
CA LEU G 132 -33.47 -17.52 -19.12
C LEU G 132 -33.80 -16.04 -19.36
N ILE G 133 -35.05 -15.65 -19.08
CA ILE G 133 -35.48 -14.26 -19.19
C ILE G 133 -34.52 -13.34 -18.44
N LEU G 134 -34.06 -13.80 -17.28
CA LEU G 134 -33.12 -13.06 -16.44
C LEU G 134 -31.71 -12.95 -17.04
N GLU G 135 -31.27 -14.01 -17.73
CA GLU G 135 -29.99 -14.02 -18.41
C GLU G 135 -30.05 -13.09 -19.60
N ARG G 136 -31.02 -13.33 -20.49
CA ARG G 136 -31.17 -12.57 -21.73
C ARG G 136 -31.43 -11.07 -21.48
N ASN G 137 -31.98 -10.75 -20.31
CA ASN G 137 -32.18 -9.37 -19.92
C ASN G 137 -31.50 -9.11 -18.57
N PRO G 138 -30.19 -8.80 -18.57
CA PRO G 138 -29.49 -8.52 -17.31
C PRO G 138 -29.92 -7.19 -16.69
N GLN G 139 -30.88 -6.52 -17.33
CA GLN G 139 -31.48 -5.29 -16.83
C GLN G 139 -32.35 -5.59 -15.59
N LEU G 140 -32.94 -6.79 -15.56
CA LEU G 140 -34.02 -7.14 -14.64
C LEU G 140 -33.60 -7.91 -13.39
N HIS G 141 -34.20 -7.54 -12.26
CA HIS G 141 -33.90 -8.16 -10.98
C HIS G 141 -35.08 -8.99 -10.51
N TYR G 142 -34.83 -10.27 -10.18
CA TYR G 142 -35.88 -11.19 -9.77
C TYR G 142 -36.50 -10.78 -8.43
N TYR G 143 -37.80 -11.06 -8.27
CA TYR G 143 -38.51 -10.78 -7.02
C TYR G 143 -39.47 -11.91 -6.62
N GLN G 144 -39.81 -11.95 -5.33
CA GLN G 144 -40.81 -12.87 -4.80
C GLN G 144 -42.15 -12.64 -5.51
N GLY G 145 -42.67 -13.68 -6.15
CA GLY G 145 -43.98 -13.58 -6.78
C GLY G 145 -43.93 -13.47 -8.29
N TYR G 146 -42.78 -13.05 -8.81
CA TYR G 146 -42.57 -13.05 -10.24
C TYR G 146 -42.76 -14.45 -10.78
N HIS G 147 -42.59 -15.45 -9.92
CA HIS G 147 -42.80 -16.85 -10.28
C HIS G 147 -44.28 -17.14 -10.52
N ASP G 148 -45.15 -16.41 -9.80
CA ASP G 148 -46.60 -16.52 -9.98
C ASP G 148 -47.02 -16.04 -11.35
N ILE G 149 -46.33 -15.02 -11.86
CA ILE G 149 -46.59 -14.52 -13.20
C ILE G 149 -46.22 -15.59 -14.23
N VAL G 150 -44.99 -16.09 -14.14
CA VAL G 150 -44.45 -17.02 -15.12
C VAL G 150 -45.15 -18.39 -15.11
N VAL G 151 -45.63 -18.81 -13.94
CA VAL G 151 -46.35 -20.09 -13.82
C VAL G 151 -47.68 -20.05 -14.58
N THR G 152 -48.37 -18.91 -14.50
CA THR G 152 -49.63 -18.70 -15.22
C THR G 152 -49.42 -18.90 -16.73
N PHE G 153 -48.50 -18.12 -17.30
CA PHE G 153 -48.18 -18.21 -18.72
C PHE G 153 -47.72 -19.60 -19.15
N LEU G 154 -46.97 -20.28 -18.29
CA LEU G 154 -46.46 -21.63 -18.59
C LEU G 154 -47.60 -22.61 -18.76
N LEU G 155 -48.53 -22.59 -17.81
CA LEU G 155 -49.61 -23.56 -17.73
C LEU G 155 -50.56 -23.50 -18.94
N VAL G 156 -50.79 -22.29 -19.45
CA VAL G 156 -51.74 -22.10 -20.53
C VAL G 156 -51.09 -22.14 -21.93
N VAL G 157 -50.00 -21.41 -22.09
CA VAL G 157 -49.40 -21.18 -23.42
C VAL G 157 -48.35 -22.22 -23.85
N GLY G 158 -47.83 -22.97 -22.88
CA GLY G 158 -46.69 -23.88 -23.13
C GLY G 158 -45.38 -23.12 -23.03
N GLU G 159 -44.32 -23.80 -22.60
CA GLU G 159 -43.08 -23.13 -22.24
C GLU G 159 -42.55 -22.18 -23.31
N ARG G 160 -42.46 -22.65 -24.55
CA ARG G 160 -41.86 -21.88 -25.65
C ARG G 160 -42.54 -20.53 -25.87
N LEU G 161 -43.87 -20.54 -25.91
CA LEU G 161 -44.65 -19.32 -26.05
C LEU G 161 -44.67 -18.52 -24.74
N ALA G 162 -44.47 -19.21 -23.62
CA ALA G 162 -44.46 -18.59 -22.29
C ALA G 162 -43.18 -17.78 -22.06
N THR G 163 -42.03 -18.37 -22.37
CA THR G 163 -40.75 -17.68 -22.19
C THR G 163 -40.58 -16.47 -23.12
N SER G 164 -41.30 -16.46 -24.24
CA SER G 164 -41.25 -15.33 -25.17
C SER G 164 -42.22 -14.22 -24.76
N LEU G 165 -43.38 -14.62 -24.25
CA LEU G 165 -44.41 -13.68 -23.83
C LEU G 165 -44.07 -12.96 -22.54
N VAL G 166 -43.47 -13.69 -21.60
CA VAL G 166 -43.12 -13.13 -20.30
C VAL G 166 -41.98 -12.12 -20.46
N GLU G 167 -41.04 -12.42 -21.35
CA GLU G 167 -39.98 -11.47 -21.69
C GLU G 167 -40.61 -10.12 -22.02
N LYS G 168 -41.48 -10.10 -23.03
CA LYS G 168 -42.20 -8.89 -23.45
C LYS G 168 -42.82 -8.16 -22.27
N LEU G 169 -43.42 -8.93 -21.36
CA LEU G 169 -44.09 -8.39 -20.20
C LEU G 169 -43.08 -7.77 -19.24
N SER G 170 -41.93 -8.44 -19.08
CA SER G 170 -40.88 -8.01 -18.17
C SER G 170 -40.22 -6.73 -18.62
N THR G 171 -40.05 -6.57 -19.93
CA THR G 171 -39.44 -5.38 -20.52
C THR G 171 -40.40 -4.18 -20.56
N HIS G 172 -41.70 -4.46 -20.61
CA HIS G 172 -42.70 -3.39 -20.77
C HIS G 172 -43.68 -3.20 -19.61
N HIS G 173 -44.42 -4.26 -19.26
CA HIS G 173 -45.45 -4.16 -18.23
C HIS G 173 -44.91 -4.20 -16.81
N LEU G 174 -44.17 -5.25 -16.50
CA LEU G 174 -43.65 -5.46 -15.15
C LEU G 174 -42.31 -4.75 -14.93
N ARG G 175 -41.88 -4.01 -15.96
CA ARG G 175 -40.57 -3.33 -15.99
C ARG G 175 -40.19 -2.68 -14.66
N ASP G 176 -41.12 -1.91 -14.09
CA ASP G 176 -40.86 -1.16 -12.86
C ASP G 176 -40.75 -2.03 -11.60
N PHE G 177 -41.30 -3.24 -11.65
CA PHE G 177 -41.21 -4.16 -10.52
C PHE G 177 -39.84 -4.80 -10.47
N MET G 178 -39.22 -4.94 -11.66
CA MET G 178 -37.96 -5.66 -11.82
C MET G 178 -36.71 -4.80 -11.63
N ASP G 179 -36.90 -3.61 -11.07
CA ASP G 179 -35.80 -2.72 -10.69
C ASP G 179 -35.00 -3.30 -9.51
N PRO G 180 -33.83 -2.70 -9.19
CA PRO G 180 -33.08 -3.14 -8.02
C PRO G 180 -33.76 -2.78 -6.70
N THR G 181 -34.61 -1.74 -6.73
CA THR G 181 -35.30 -1.27 -5.54
C THR G 181 -36.81 -1.41 -5.69
N MET G 182 -37.53 -1.00 -4.64
CA MET G 182 -38.99 -0.95 -4.67
C MET G 182 -39.47 0.46 -4.99
N ASP G 183 -38.52 1.37 -5.19
CA ASP G 183 -38.81 2.78 -5.46
C ASP G 183 -39.96 2.99 -6.44
N ASN G 184 -39.89 2.30 -7.57
CA ASN G 184 -40.91 2.46 -8.61
C ASN G 184 -42.18 1.68 -8.32
N THR G 185 -42.08 0.55 -7.61
CA THR G 185 -43.27 -0.17 -7.16
C THR G 185 -44.03 0.65 -6.12
N LYS G 186 -43.30 1.24 -5.17
CA LYS G 186 -43.88 2.12 -4.16
C LYS G 186 -44.57 3.34 -4.77
N HIS G 187 -44.01 3.84 -5.87
CA HIS G 187 -44.57 4.99 -6.59
C HIS G 187 -45.88 4.66 -7.31
N ILE G 188 -46.01 3.42 -7.76
CA ILE G 188 -47.25 2.93 -8.39
C ILE G 188 -48.37 2.77 -7.36
N LEU G 189 -48.03 2.11 -6.25
CA LEU G 189 -48.98 1.91 -5.14
C LEU G 189 -49.51 3.24 -4.59
N ASN G 190 -48.72 4.30 -4.72
CA ASN G 190 -49.14 5.64 -4.31
C ASN G 190 -50.33 6.18 -5.08
N TYR G 191 -50.59 5.60 -6.25
CA TYR G 191 -51.74 5.98 -7.08
C TYR G 191 -53.06 5.58 -6.44
N LEU G 192 -53.08 4.40 -5.81
CA LEU G 192 -54.30 3.80 -5.30
C LEU G 192 -55.17 4.72 -4.43
N MET G 193 -54.54 5.57 -3.62
CA MET G 193 -55.30 6.45 -2.72
C MET G 193 -56.00 7.62 -3.42
N PRO G 194 -55.27 8.42 -4.24
CA PRO G 194 -55.95 9.48 -4.99
C PRO G 194 -56.97 9.00 -6.04
N ILE G 195 -56.93 7.71 -6.39
CA ILE G 195 -57.99 7.11 -7.22
C ILE G 195 -59.28 6.99 -6.41
N ILE G 196 -59.16 6.45 -5.19
CA ILE G 196 -60.29 6.35 -4.26
C ILE G 196 -60.84 7.73 -3.93
N ASP G 197 -59.93 8.66 -3.61
CA ASP G 197 -60.27 10.04 -3.23
C ASP G 197 -61.23 10.71 -4.23
N GLN G 198 -61.13 10.31 -5.50
CA GLN G 198 -61.93 10.87 -6.57
C GLN G 198 -63.34 10.30 -6.62
N VAL G 199 -63.51 9.06 -6.16
CA VAL G 199 -64.83 8.42 -6.12
C VAL G 199 -65.45 8.54 -4.73
N ASN G 200 -64.70 8.13 -3.71
CA ASN G 200 -65.22 8.00 -2.35
C ASN G 200 -64.32 8.65 -1.30
N PRO G 201 -64.49 9.97 -1.06
CA PRO G 201 -63.75 10.64 0.01
C PRO G 201 -64.14 10.14 1.42
N GLU G 202 -65.11 9.23 1.49
CA GLU G 202 -65.49 8.61 2.76
C GLU G 202 -64.64 7.38 3.08
N LEU G 203 -64.45 6.52 2.09
CA LEU G 203 -63.63 5.31 2.24
C LEU G 203 -62.15 5.67 2.26
N HIS G 204 -61.80 6.78 1.60
CA HIS G 204 -60.44 7.27 1.51
C HIS G 204 -59.93 7.87 2.82
N ASP G 205 -60.68 8.81 3.38
CA ASP G 205 -60.27 9.56 4.57
C ASP G 205 -60.28 8.73 5.85
N PHE G 206 -61.22 7.78 5.95
CA PHE G 206 -61.27 6.83 7.05
C PHE G 206 -60.05 5.92 7.06
N MET G 207 -59.48 5.70 5.88
CA MET G 207 -58.27 4.89 5.72
C MET G 207 -56.97 5.62 6.07
N GLN G 208 -56.91 6.92 5.76
CA GLN G 208 -55.79 7.77 6.18
C GLN G 208 -55.72 7.88 7.70
N SER G 209 -56.89 7.93 8.33
CA SER G 209 -56.98 7.93 9.79
C SER G 209 -56.63 6.56 10.37
N ALA G 210 -56.97 5.50 9.63
CA ALA G 210 -56.72 4.12 10.06
C ALA G 210 -55.24 3.77 10.11
N GLU G 211 -54.45 4.43 9.25
CA GLU G 211 -53.00 4.22 9.15
C GLU G 211 -52.60 2.88 8.53
N VAL G 212 -53.49 2.29 7.75
CA VAL G 212 -53.14 1.15 6.92
C VAL G 212 -52.42 1.67 5.68
N GLY G 213 -51.36 0.99 5.27
CA GLY G 213 -50.60 1.41 4.09
C GLY G 213 -51.24 0.97 2.80
N THR G 214 -50.43 0.88 1.75
CA THR G 214 -50.87 0.34 0.46
C THR G 214 -50.28 -1.05 0.26
N ILE G 215 -49.54 -1.49 1.26
CA ILE G 215 -48.76 -2.75 1.22
C ILE G 215 -49.65 -3.99 1.07
N PHE G 216 -50.92 -3.86 1.44
CA PHE G 216 -51.87 -4.95 1.26
C PHE G 216 -52.13 -5.25 -0.22
N ALA G 217 -51.86 -4.26 -1.07
CA ALA G 217 -52.08 -4.40 -2.52
C ALA G 217 -50.82 -4.86 -3.25
N LEU G 218 -49.74 -5.04 -2.50
CA LEU G 218 -48.45 -5.45 -3.07
C LEU G 218 -48.54 -6.79 -3.78
N SER G 219 -49.00 -7.81 -3.06
CA SER G 219 -49.30 -9.12 -3.67
C SER G 219 -49.99 -8.96 -5.02
N TRP G 220 -50.91 -7.99 -5.08
CA TRP G 220 -51.79 -7.80 -6.23
C TRP G 220 -51.13 -7.02 -7.37
N LEU G 221 -50.30 -6.06 -7.04
CA LEU G 221 -49.67 -5.26 -8.06
C LEU G 221 -48.72 -6.10 -8.92
N ILE G 222 -47.95 -6.97 -8.26
CA ILE G 222 -46.76 -7.59 -8.87
C ILE G 222 -46.89 -9.08 -9.26
N THR G 223 -48.12 -9.63 -9.30
CA THR G 223 -48.27 -11.08 -9.49
C THR G 223 -49.11 -11.64 -10.69
N TRP G 224 -49.97 -10.86 -11.37
CA TRP G 224 -50.56 -9.63 -10.90
C TRP G 224 -51.42 -10.05 -9.73
N PHE G 225 -52.52 -10.75 -10.02
CA PHE G 225 -53.39 -11.28 -8.98
C PHE G 225 -53.23 -12.80 -8.81
N GLY G 226 -52.30 -13.38 -9.57
CA GLY G 226 -52.06 -14.83 -9.57
C GLY G 226 -51.50 -15.45 -8.30
N HIS G 227 -51.14 -14.61 -7.33
CA HIS G 227 -50.70 -15.10 -6.02
C HIS G 227 -51.86 -15.12 -5.03
N VAL G 228 -52.74 -14.11 -5.14
CA VAL G 228 -53.78 -13.88 -4.15
C VAL G 228 -55.09 -14.65 -4.41
N LEU G 229 -55.32 -15.09 -5.65
CA LEU G 229 -56.57 -15.78 -6.00
C LEU G 229 -56.43 -17.28 -6.21
N SER G 230 -57.42 -18.03 -5.74
CA SER G 230 -57.37 -19.49 -5.69
C SER G 230 -57.73 -20.20 -7.01
N ASP G 231 -58.94 -19.92 -7.53
CA ASP G 231 -59.42 -20.52 -8.78
C ASP G 231 -58.54 -20.10 -9.96
N PHE G 232 -57.96 -21.09 -10.63
CA PHE G 232 -57.03 -20.84 -11.74
C PHE G 232 -57.68 -20.20 -12.96
N ARG G 233 -58.75 -20.82 -13.46
CA ARG G 233 -59.50 -20.32 -14.63
C ARG G 233 -60.08 -18.94 -14.40
N HIS G 234 -60.26 -18.58 -13.12
CA HIS G 234 -60.76 -17.27 -12.72
C HIS G 234 -59.70 -16.18 -12.89
N VAL G 235 -58.47 -16.48 -12.46
CA VAL G 235 -57.38 -15.49 -12.52
C VAL G 235 -56.82 -15.31 -13.94
N VAL G 236 -56.77 -16.39 -14.72
CA VAL G 236 -56.24 -16.36 -16.08
C VAL G 236 -57.05 -15.40 -16.96
N ARG G 237 -58.34 -15.24 -16.63
CA ARG G 237 -59.20 -14.27 -17.29
C ARG G 237 -58.71 -12.83 -17.03
N LEU G 238 -58.27 -12.56 -15.80
CA LEU G 238 -57.70 -11.25 -15.46
C LEU G 238 -56.53 -10.90 -16.37
N TYR G 239 -55.74 -11.93 -16.73
CA TYR G 239 -54.57 -11.77 -17.58
C TYR G 239 -54.96 -11.32 -18.98
N ASP G 240 -56.13 -11.74 -19.44
CA ASP G 240 -56.70 -11.24 -20.69
C ASP G 240 -56.97 -9.75 -20.55
N PHE G 241 -57.66 -9.37 -19.48
CA PHE G 241 -57.97 -7.96 -19.21
C PHE G 241 -56.70 -7.12 -19.18
N PHE G 242 -55.72 -7.55 -18.38
CA PHE G 242 -54.46 -6.81 -18.22
C PHE G 242 -53.63 -6.77 -19.51
N LEU G 243 -53.46 -7.93 -20.16
CA LEU G 243 -52.75 -8.03 -21.44
C LEU G 243 -53.34 -7.15 -22.53
N ALA G 244 -54.60 -6.76 -22.36
CA ALA G 244 -55.29 -5.94 -23.34
C ALA G 244 -54.95 -4.46 -23.20
N CYS G 245 -55.14 -3.92 -22.00
CA CYS G 245 -54.98 -2.48 -21.80
C CYS G 245 -53.69 -2.08 -21.06
N HIS G 246 -53.74 -0.90 -20.45
CA HIS G 246 -52.58 -0.21 -19.88
C HIS G 246 -51.82 -0.98 -18.79
N PRO G 247 -50.49 -0.77 -18.71
CA PRO G 247 -49.63 -1.37 -17.67
C PRO G 247 -49.98 -1.00 -16.22
N LEU G 248 -50.62 0.14 -15.99
CA LEU G 248 -51.01 0.55 -14.63
C LEU G 248 -52.42 0.13 -14.25
N MET G 249 -53.05 -0.65 -15.13
CA MET G 249 -54.42 -1.13 -14.92
C MET G 249 -54.60 -1.88 -13.59
N PRO G 250 -53.60 -2.68 -13.16
CA PRO G 250 -53.82 -3.49 -11.96
C PRO G 250 -54.06 -2.75 -10.64
N ILE G 251 -53.55 -1.53 -10.47
CA ILE G 251 -53.91 -0.75 -9.27
C ILE G 251 -55.29 -0.12 -9.42
N TYR G 252 -55.69 0.15 -10.67
CA TYR G 252 -57.03 0.66 -10.94
C TYR G 252 -58.08 -0.39 -10.59
N PHE G 253 -57.80 -1.63 -10.95
CA PHE G 253 -58.64 -2.76 -10.62
C PHE G 253 -58.59 -3.09 -9.14
N ALA G 254 -57.47 -2.77 -8.50
CA ALA G 254 -57.32 -2.96 -7.06
C ALA G 254 -58.13 -1.92 -6.29
N ALA G 255 -57.94 -0.65 -6.64
CA ALA G 255 -58.64 0.47 -6.00
C ALA G 255 -60.15 0.32 -6.16
N VAL G 256 -60.55 -0.40 -7.20
CA VAL G 256 -61.94 -0.73 -7.45
C VAL G 256 -62.46 -1.77 -6.43
N ILE G 257 -61.62 -2.75 -6.11
CA ILE G 257 -61.95 -3.75 -5.09
C ILE G 257 -62.08 -3.10 -3.71
N VAL G 258 -61.19 -2.15 -3.44
CA VAL G 258 -61.23 -1.36 -2.20
C VAL G 258 -62.49 -0.48 -2.14
N LEU G 259 -63.01 -0.12 -3.31
CA LEU G 259 -64.26 0.63 -3.39
C LEU G 259 -65.49 -0.27 -3.34
N TYR G 260 -65.33 -1.53 -3.77
CA TYR G 260 -66.39 -2.52 -3.63
C TYR G 260 -66.64 -2.86 -2.16
N ARG G 261 -65.57 -2.91 -1.38
CA ARG G 261 -65.65 -3.21 0.06
C ARG G 261 -65.87 -1.94 0.91
N GLU G 262 -66.52 -0.94 0.31
CA GLU G 262 -66.72 0.37 0.94
C GLU G 262 -67.48 0.33 2.27
N GLN G 263 -68.57 -0.44 2.31
CA GLN G 263 -69.41 -0.54 3.51
C GLN G 263 -68.85 -1.56 4.52
N GLU G 264 -67.89 -2.36 4.08
CA GLU G 264 -67.19 -3.30 4.97
C GLU G 264 -66.17 -2.60 5.84
N VAL G 265 -65.19 -1.97 5.19
CA VAL G 265 -64.08 -1.31 5.88
C VAL G 265 -64.49 -0.03 6.59
N LEU G 266 -65.53 0.64 6.08
CA LEU G 266 -66.06 1.86 6.68
C LEU G 266 -66.77 1.57 8.01
N ASP G 267 -67.40 0.39 8.09
CA ASP G 267 -68.07 -0.05 9.31
C ASP G 267 -67.21 -1.03 10.12
N CYS G 268 -66.10 -1.47 9.54
CA CYS G 268 -65.15 -2.35 10.23
C CYS G 268 -64.33 -1.59 11.26
N ASP G 269 -63.47 -2.31 11.98
CA ASP G 269 -62.61 -1.73 13.01
C ASP G 269 -61.66 -0.69 12.40
N CYS G 270 -61.25 0.29 13.20
CA CYS G 270 -60.42 1.40 12.73
C CYS G 270 -59.03 1.47 13.36
N ASP G 271 -58.22 0.44 13.13
CA ASP G 271 -56.79 0.49 13.42
C ASP G 271 -55.95 0.01 12.23
N MET G 272 -54.70 0.48 12.18
CA MET G 272 -53.76 0.11 11.13
C MET G 272 -53.76 -1.40 10.89
N ALA G 273 -53.71 -2.17 11.97
CA ALA G 273 -53.68 -3.62 11.91
C ALA G 273 -54.97 -4.24 11.37
N SER G 274 -56.11 -3.60 11.66
CA SER G 274 -57.42 -4.20 11.40
C SER G 274 -57.95 -4.06 9.98
N VAL G 275 -57.92 -2.84 9.44
CA VAL G 275 -58.34 -2.58 8.06
C VAL G 275 -57.47 -3.38 7.09
N HIS G 276 -56.19 -3.46 7.42
CA HIS G 276 -55.17 -4.16 6.62
C HIS G 276 -55.39 -5.67 6.55
N HIS G 277 -55.72 -6.28 7.69
CA HIS G 277 -55.91 -7.73 7.79
C HIS G 277 -57.10 -8.20 6.93
N LEU G 278 -58.18 -7.42 6.97
CA LEU G 278 -59.41 -7.71 6.23
C LEU G 278 -59.19 -7.64 4.71
N LEU G 279 -58.52 -6.58 4.26
CA LEU G 279 -58.20 -6.39 2.85
C LEU G 279 -57.34 -7.51 2.30
N SER G 280 -56.35 -7.95 3.10
CA SER G 280 -55.44 -9.04 2.74
C SER G 280 -56.18 -10.35 2.45
N GLN G 281 -57.25 -10.61 3.20
CA GLN G 281 -58.18 -11.69 2.86
C GLN G 281 -58.96 -11.26 1.61
N ILE G 282 -58.64 -11.87 0.48
CA ILE G 282 -59.18 -11.46 -0.81
C ILE G 282 -60.41 -12.27 -1.20
N PRO G 283 -61.59 -11.60 -1.26
CA PRO G 283 -62.85 -12.20 -1.68
C PRO G 283 -62.73 -13.10 -2.91
N GLN G 284 -62.73 -14.42 -2.69
CA GLN G 284 -62.65 -15.39 -3.78
C GLN G 284 -63.95 -15.54 -4.57
N ASP G 285 -65.07 -15.14 -3.95
CA ASP G 285 -66.37 -15.04 -4.64
C ASP G 285 -66.58 -13.60 -5.12
N LEU G 286 -65.77 -13.21 -6.10
CA LEU G 286 -65.67 -11.82 -6.54
C LEU G 286 -66.54 -11.52 -7.77
N PRO G 287 -67.18 -10.33 -7.80
CA PRO G 287 -67.98 -9.90 -8.95
C PRO G 287 -67.11 -9.38 -10.11
N TYR G 288 -66.14 -10.20 -10.53
CA TYR G 288 -65.07 -9.79 -11.44
C TYR G 288 -65.51 -8.88 -12.59
N GLU G 289 -66.52 -9.34 -13.35
CA GLU G 289 -66.91 -8.70 -14.60
C GLU G 289 -67.45 -7.27 -14.44
N THR G 290 -68.17 -7.05 -13.35
CA THR G 290 -68.66 -5.70 -13.00
C THR G 290 -67.50 -4.82 -12.53
N LEU G 291 -66.53 -5.43 -11.85
CA LEU G 291 -65.35 -4.73 -11.36
C LEU G 291 -64.43 -4.36 -12.51
N ILE G 292 -64.31 -5.25 -13.50
CA ILE G 292 -63.53 -5.00 -14.73
C ILE G 292 -64.00 -3.73 -15.47
N SER G 293 -65.32 -3.61 -15.63
CA SER G 293 -65.92 -2.44 -16.28
C SER G 293 -65.73 -1.17 -15.43
N ARG G 294 -66.01 -1.28 -14.14
CA ARG G 294 -65.87 -0.16 -13.20
C ARG G 294 -64.44 0.40 -13.24
N ALA G 295 -63.47 -0.51 -13.20
CA ALA G 295 -62.05 -0.17 -13.23
C ALA G 295 -61.66 0.43 -14.57
N GLY G 296 -61.91 -0.33 -15.65
CA GLY G 296 -61.65 0.12 -16.99
C GLY G 296 -62.17 1.52 -17.25
N ASP G 297 -63.44 1.74 -16.91
CA ASP G 297 -64.06 3.07 -17.09
C ASP G 297 -63.43 4.12 -16.17
N LEU G 298 -62.97 3.72 -14.99
CA LEU G 298 -62.33 4.65 -14.06
C LEU G 298 -60.91 5.03 -14.51
N PHE G 299 -60.32 4.20 -15.36
CA PHE G 299 -59.04 4.54 -15.98
C PHE G 299 -59.23 5.73 -16.92
N VAL G 300 -60.15 5.60 -17.88
CA VAL G 300 -60.39 6.66 -18.85
C VAL G 300 -60.97 7.92 -18.20
N GLN G 301 -61.59 7.73 -17.03
CA GLN G 301 -62.10 8.83 -16.22
C GLN G 301 -60.96 9.67 -15.66
N PHE G 302 -60.08 9.01 -14.90
CA PHE G 302 -58.96 9.66 -14.22
C PHE G 302 -57.66 8.88 -14.45
N PRO G 303 -56.97 9.19 -15.55
CA PRO G 303 -55.77 8.48 -15.96
C PRO G 303 -54.53 8.95 -15.19
N PRO G 304 -53.41 8.20 -15.28
CA PRO G 304 -52.16 8.59 -14.61
C PRO G 304 -51.76 10.05 -14.84
N SER G 305 -51.99 10.57 -16.06
CA SER G 305 -51.78 11.98 -16.39
C SER G 305 -52.57 12.37 -17.64
N GLU H 5 -61.48 -8.13 25.58
CA GLU H 5 -61.55 -9.61 25.77
C GLU H 5 -60.26 -10.16 26.39
N TYR H 6 -59.12 -9.66 25.91
CA TYR H 6 -57.79 -10.15 26.29
C TYR H 6 -57.13 -9.26 27.35
N ASP H 7 -56.21 -9.83 28.13
CA ASP H 7 -55.54 -9.12 29.22
C ASP H 7 -54.39 -8.22 28.76
N TYR H 8 -53.52 -8.76 27.91
CA TYR H 8 -52.37 -8.02 27.38
C TYR H 8 -52.28 -8.09 25.86
N LEU H 9 -51.92 -6.97 25.22
CA LEU H 9 -51.83 -6.87 23.76
C LEU H 9 -50.41 -6.50 23.28
N PHE H 10 -49.62 -7.52 22.97
CA PHE H 10 -48.21 -7.34 22.62
C PHE H 10 -47.90 -7.74 21.17
N LYS H 11 -47.51 -6.76 20.36
CA LYS H 11 -47.29 -6.95 18.91
C LYS H 11 -45.89 -7.46 18.56
N LEU H 12 -45.83 -8.54 17.78
CA LEU H 12 -44.56 -9.14 17.38
C LEU H 12 -44.36 -9.15 15.86
N LEU H 13 -43.10 -8.96 15.44
CA LEU H 13 -42.73 -9.00 14.01
C LEU H 13 -41.57 -9.98 13.80
N LEU H 14 -41.67 -10.80 12.75
CA LEU H 14 -40.64 -11.78 12.43
C LEU H 14 -39.78 -11.35 11.23
N ILE H 15 -38.48 -11.64 11.30
CA ILE H 15 -37.54 -11.34 10.21
C ILE H 15 -36.57 -12.48 9.96
N GLY H 16 -36.04 -12.54 8.74
CA GLY H 16 -35.14 -13.61 8.32
C GLY H 16 -35.12 -13.78 6.82
N ASP H 17 -34.12 -14.52 6.32
CA ASP H 17 -33.99 -14.79 4.90
C ASP H 17 -35.07 -15.76 4.45
N SER H 18 -35.33 -15.81 3.14
CA SER H 18 -36.33 -16.69 2.57
C SER H 18 -35.85 -18.15 2.59
N GLY H 19 -36.67 -19.03 3.15
CA GLY H 19 -36.32 -20.44 3.24
C GLY H 19 -36.09 -20.93 4.66
N VAL H 20 -35.99 -19.99 5.60
CA VAL H 20 -35.70 -20.34 7.00
C VAL H 20 -36.85 -21.09 7.68
N GLY H 21 -38.08 -20.64 7.42
CA GLY H 21 -39.27 -21.18 8.07
C GLY H 21 -40.10 -20.12 8.76
N LYS H 22 -39.83 -18.87 8.41
CA LYS H 22 -40.39 -17.69 9.09
C LYS H 22 -41.92 -17.67 9.10
N SER H 23 -42.53 -17.94 7.94
CA SER H 23 -43.99 -18.05 7.85
C SER H 23 -44.44 -19.42 8.32
N CYS H 24 -43.58 -20.42 8.10
CA CYS H 24 -43.87 -21.81 8.44
C CYS H 24 -43.92 -22.06 9.96
N LEU H 25 -43.49 -21.07 10.74
CA LEU H 25 -43.54 -21.15 12.20
C LEU H 25 -44.81 -20.51 12.77
N LEU H 26 -45.61 -19.88 11.91
CA LEU H 26 -46.97 -19.50 12.27
C LEU H 26 -47.92 -20.65 11.93
N LEU H 27 -47.47 -21.53 11.03
CA LEU H 27 -48.19 -22.75 10.69
C LEU H 27 -48.29 -23.71 11.87
N ARG H 28 -47.17 -23.92 12.57
CA ARG H 28 -47.17 -24.81 13.75
C ARG H 28 -47.24 -24.07 15.09
N PHE H 29 -47.73 -22.83 15.07
CA PHE H 29 -47.99 -22.11 16.30
C PHE H 29 -49.47 -21.75 16.41
N ALA H 30 -49.96 -21.00 15.42
CA ALA H 30 -51.34 -20.55 15.42
C ALA H 30 -52.32 -21.60 14.91
N ASP H 31 -51.82 -22.53 14.10
CA ASP H 31 -52.68 -23.50 13.43
C ASP H 31 -52.28 -24.96 13.66
N ASP H 32 -51.31 -25.20 14.53
CA ASP H 32 -50.82 -26.55 14.83
C ASP H 32 -50.57 -27.43 13.59
N THR H 33 -50.42 -26.77 12.44
CA THR H 33 -50.27 -27.46 11.15
C THR H 33 -48.88 -27.29 10.54
N TYR H 34 -48.64 -27.93 9.41
CA TYR H 34 -47.39 -27.82 8.68
C TYR H 34 -47.55 -28.42 7.29
N THR H 35 -47.42 -27.59 6.27
CA THR H 35 -47.50 -28.05 4.88
C THR H 35 -46.17 -27.87 4.15
N GLU H 36 -45.63 -28.98 3.67
CA GLU H 36 -44.26 -29.07 3.14
C GLU H 36 -43.89 -27.98 2.14
N SER H 37 -44.91 -27.45 1.45
CA SER H 37 -44.71 -26.42 0.45
C SER H 37 -45.18 -25.06 0.96
N TYR H 38 -46.42 -25.02 1.43
CA TYR H 38 -47.10 -23.76 1.76
C TYR H 38 -47.02 -22.76 0.59
N ILE H 39 -46.48 -21.56 0.85
CA ILE H 39 -46.45 -20.48 -0.14
C ILE H 39 -45.43 -19.43 0.24
N SER H 40 -44.89 -18.74 -0.76
CA SER H 40 -43.96 -17.64 -0.54
C SER H 40 -44.72 -16.39 -0.09
N THR H 41 -44.25 -15.79 0.99
CA THR H 41 -44.89 -14.61 1.56
C THR H 41 -44.47 -13.34 0.81
N ILE H 42 -45.47 -12.60 0.34
CA ILE H 42 -45.24 -11.29 -0.26
C ILE H 42 -45.94 -10.27 0.62
N GLY H 43 -45.33 -9.10 0.78
CA GLY H 43 -45.87 -8.06 1.63
C GLY H 43 -45.66 -8.43 3.09
N VAL H 44 -46.60 -8.01 3.94
CA VAL H 44 -46.49 -8.22 5.38
C VAL H 44 -47.88 -8.28 6.04
N ASP H 45 -48.27 -9.48 6.48
CA ASP H 45 -49.57 -9.69 7.11
C ASP H 45 -49.48 -10.65 8.29
N PHE H 46 -50.20 -10.33 9.37
CA PHE H 46 -50.14 -11.08 10.63
C PHE H 46 -51.26 -12.11 10.83
N LYS H 47 -50.93 -13.17 11.55
CA LYS H 47 -51.92 -14.05 12.16
C LYS H 47 -51.86 -13.79 13.68
N ILE H 48 -52.92 -14.19 14.39
CA ILE H 48 -53.00 -13.96 15.84
C ILE H 48 -53.63 -15.14 16.60
N ARG H 49 -52.90 -15.64 17.59
CA ARG H 49 -53.44 -16.63 18.54
C ARG H 49 -53.26 -16.14 19.98
N THR H 50 -54.09 -16.65 20.89
CA THR H 50 -54.09 -16.20 22.28
C THR H 50 -53.63 -17.30 23.24
N ILE H 51 -52.63 -16.97 24.06
CA ILE H 51 -52.09 -17.89 25.06
C ILE H 51 -51.93 -17.21 26.42
N GLU H 52 -52.36 -17.90 27.47
CA GLU H 52 -52.22 -17.41 28.85
C GLU H 52 -50.96 -17.94 29.51
N LEU H 53 -50.24 -17.07 30.23
CA LEU H 53 -48.97 -17.42 30.87
C LEU H 53 -48.64 -16.56 32.10
N ASP H 54 -48.14 -17.22 33.15
CA ASP H 54 -47.70 -16.56 34.40
C ASP H 54 -48.83 -15.91 35.21
N GLY H 55 -50.08 -16.19 34.83
CA GLY H 55 -51.24 -15.63 35.52
C GLY H 55 -52.15 -14.82 34.61
N LYS H 56 -51.55 -13.95 33.80
CA LYS H 56 -52.31 -13.09 32.90
C LYS H 56 -52.35 -13.64 31.46
N THR H 57 -53.48 -13.42 30.79
CA THR H 57 -53.68 -13.87 29.42
C THR H 57 -53.12 -12.84 28.42
N ILE H 58 -52.45 -13.31 27.38
CA ILE H 58 -51.84 -12.42 26.38
C ILE H 58 -52.25 -12.73 24.95
N LYS H 59 -52.86 -11.76 24.29
CA LYS H 59 -53.21 -11.87 22.87
C LYS H 59 -52.13 -11.20 22.02
N LEU H 60 -51.17 -12.00 21.57
CA LEU H 60 -50.08 -11.54 20.74
C LEU H 60 -50.53 -11.44 19.29
N GLN H 61 -50.04 -10.41 18.59
CA GLN H 61 -50.23 -10.26 17.14
C GLN H 61 -48.89 -10.44 16.45
N ILE H 62 -48.68 -11.62 15.86
CA ILE H 62 -47.42 -11.96 15.22
C ILE H 62 -47.43 -11.66 13.71
N TRP H 63 -46.86 -10.51 13.35
CA TRP H 63 -46.69 -10.10 11.94
C TRP H 63 -45.70 -11.01 11.20
N ASP H 64 -45.92 -11.19 9.89
CA ASP H 64 -45.13 -12.10 9.08
C ASP H 64 -44.59 -11.38 7.85
N THR H 65 -43.28 -11.47 7.62
CA THR H 65 -42.61 -10.66 6.58
C THR H 65 -42.07 -11.46 5.39
N ALA H 66 -41.46 -10.73 4.46
CA ALA H 66 -40.82 -11.29 3.26
C ALA H 66 -39.29 -11.33 3.41
N GLY H 67 -38.71 -12.42 2.94
CA GLY H 67 -37.27 -12.70 3.12
C GLY H 67 -36.31 -11.83 2.33
N GLN H 68 -36.57 -11.67 1.03
CA GLN H 68 -35.68 -10.98 0.11
C GLN H 68 -35.20 -9.61 0.58
N GLU H 69 -33.96 -9.29 0.24
CA GLU H 69 -33.33 -8.02 0.60
C GLU H 69 -34.09 -6.82 0.06
N ARG H 70 -34.72 -6.99 -1.11
CA ARG H 70 -35.39 -5.88 -1.79
C ARG H 70 -36.72 -5.48 -1.14
N PHE H 71 -37.27 -6.39 -0.33
CA PHE H 71 -38.50 -6.12 0.40
C PHE H 71 -38.27 -5.41 1.74
N ARG H 72 -37.01 -5.39 2.17
CA ARG H 72 -36.61 -4.77 3.44
C ARG H 72 -37.07 -3.32 3.60
N THR H 73 -37.14 -2.59 2.50
CA THR H 73 -37.54 -1.18 2.54
C THR H 73 -39.05 -1.01 2.67
N ILE H 74 -39.79 -1.93 2.05
CA ILE H 74 -41.26 -1.93 2.15
C ILE H 74 -41.69 -2.45 3.52
N THR H 75 -40.95 -3.42 4.05
CA THR H 75 -41.24 -3.99 5.36
C THR H 75 -40.56 -3.26 6.54
N SER H 76 -39.91 -2.13 6.26
CA SER H 76 -39.28 -1.31 7.29
C SER H 76 -40.33 -0.59 8.11
N SER H 77 -41.40 -0.17 7.44
CA SER H 77 -42.49 0.60 8.03
C SER H 77 -43.08 -0.05 9.29
N TYR H 78 -43.12 -1.38 9.32
CA TYR H 78 -43.74 -2.16 10.39
C TYR H 78 -42.72 -2.57 11.47
N TYR H 79 -41.91 -1.59 11.91
CA TYR H 79 -40.88 -1.82 12.92
C TYR H 79 -41.08 -0.99 14.19
N ARG H 80 -41.36 0.30 14.00
CA ARG H 80 -41.45 1.27 15.11
C ARG H 80 -42.41 0.84 16.22
N GLY H 81 -43.55 0.26 15.82
CA GLY H 81 -44.64 -0.07 16.76
C GLY H 81 -44.55 -1.41 17.47
N ALA H 82 -43.75 -2.33 16.93
CA ALA H 82 -43.58 -3.67 17.52
C ALA H 82 -42.78 -3.62 18.82
N HIS H 83 -43.26 -4.35 19.82
CA HIS H 83 -42.60 -4.41 21.14
C HIS H 83 -41.58 -5.55 21.19
N GLY H 84 -41.79 -6.58 20.38
CA GLY H 84 -40.89 -7.72 20.30
C GLY H 84 -40.61 -8.18 18.88
N ILE H 85 -39.35 -8.54 18.60
CA ILE H 85 -38.93 -8.97 17.27
C ILE H 85 -38.13 -10.28 17.33
N ILE H 86 -38.43 -11.19 16.40
CA ILE H 86 -37.72 -12.48 16.31
C ILE H 86 -36.96 -12.60 14.98
N VAL H 87 -35.65 -12.78 15.08
CA VAL H 87 -34.80 -12.98 13.91
C VAL H 87 -34.62 -14.47 13.66
N VAL H 88 -35.02 -14.91 12.49
CA VAL H 88 -35.02 -16.34 12.17
C VAL H 88 -33.94 -16.70 11.15
N TYR H 89 -33.19 -17.77 11.44
CA TYR H 89 -32.23 -18.32 10.49
C TYR H 89 -32.39 -19.83 10.35
N ASP H 90 -31.98 -20.34 9.19
CA ASP H 90 -31.96 -21.76 8.90
C ASP H 90 -30.63 -22.35 9.39
N VAL H 91 -30.69 -23.48 10.07
CA VAL H 91 -29.46 -24.14 10.55
C VAL H 91 -28.78 -24.97 9.46
N THR H 92 -29.52 -25.28 8.39
CA THR H 92 -29.01 -26.10 7.29
C THR H 92 -28.39 -25.24 6.18
N ASP H 93 -28.63 -23.94 6.25
CA ASP H 93 -28.14 -22.97 5.28
C ASP H 93 -27.31 -21.97 6.04
N GLN H 94 -26.00 -21.98 5.80
CA GLN H 94 -25.08 -21.11 6.55
C GLN H 94 -25.26 -19.63 6.21
N GLU H 95 -25.64 -19.34 4.97
CA GLU H 95 -25.79 -17.96 4.49
C GLU H 95 -26.83 -17.18 5.30
N SER H 96 -27.87 -17.88 5.76
CA SER H 96 -28.88 -17.26 6.60
C SER H 96 -28.29 -16.83 7.95
N TYR H 97 -27.39 -17.65 8.49
CA TYR H 97 -26.77 -17.35 9.79
C TYR H 97 -25.83 -16.15 9.70
N ALA H 98 -25.13 -16.04 8.57
CA ALA H 98 -24.24 -14.90 8.33
C ALA H 98 -25.03 -13.60 8.28
N ASN H 99 -26.18 -13.64 7.62
CA ASN H 99 -27.04 -12.47 7.46
C ASN H 99 -27.84 -12.07 8.71
N VAL H 100 -27.71 -12.84 9.79
CA VAL H 100 -28.31 -12.46 11.07
C VAL H 100 -27.78 -11.11 11.51
N LYS H 101 -26.48 -10.87 11.28
CA LYS H 101 -25.85 -9.58 11.53
C LYS H 101 -26.51 -8.46 10.73
N GLN H 102 -26.94 -8.80 9.52
CA GLN H 102 -27.62 -7.85 8.62
C GLN H 102 -29.02 -7.52 9.13
N TRP H 103 -29.75 -8.54 9.57
CA TRP H 103 -31.11 -8.36 10.09
C TRP H 103 -31.12 -7.58 11.38
N LEU H 104 -30.10 -7.81 12.21
CA LEU H 104 -29.91 -7.11 13.47
C LEU H 104 -29.69 -5.62 13.22
N GLN H 105 -28.93 -5.31 12.18
CA GLN H 105 -28.69 -3.92 11.76
C GLN H 105 -30.01 -3.20 11.50
N GLU H 106 -30.94 -3.91 10.83
CA GLU H 106 -32.25 -3.36 10.50
C GLU H 106 -33.02 -2.94 11.75
N ILE H 107 -32.87 -3.71 12.83
CA ILE H 107 -33.59 -3.45 14.08
C ILE H 107 -33.10 -2.17 14.80
N ASP H 108 -31.78 -1.99 14.85
CA ASP H 108 -31.18 -0.80 15.48
C ASP H 108 -31.47 0.51 14.73
N ARG H 109 -31.98 0.41 13.50
CA ARG H 109 -32.21 1.58 12.64
C ARG H 109 -33.69 1.93 12.45
N TYR H 110 -34.57 0.95 12.67
CA TYR H 110 -35.99 1.13 12.40
C TYR H 110 -36.92 0.87 13.59
N ALA H 111 -36.48 0.01 14.51
CA ALA H 111 -37.31 -0.35 15.68
C ALA H 111 -37.16 0.62 16.85
N SER H 112 -38.07 0.53 17.82
CA SER H 112 -38.04 1.36 19.02
C SER H 112 -36.82 1.06 19.89
N GLU H 113 -36.38 2.07 20.64
CA GLU H 113 -35.11 2.07 21.39
C GLU H 113 -34.72 0.77 22.11
N ASN H 114 -35.68 0.11 22.73
CA ASN H 114 -35.40 -1.11 23.51
C ASN H 114 -36.38 -2.25 23.22
N VAL H 115 -36.59 -2.54 21.93
CA VAL H 115 -37.47 -3.63 21.51
C VAL H 115 -36.87 -5.00 21.84
N ASN H 116 -37.65 -5.84 22.51
CA ASN H 116 -37.20 -7.17 22.89
C ASN H 116 -36.91 -8.05 21.67
N LYS H 117 -35.77 -8.73 21.69
CA LYS H 117 -35.27 -9.51 20.55
C LYS H 117 -35.23 -11.02 20.85
N LEU H 118 -35.11 -11.84 19.82
CA LEU H 118 -35.00 -13.31 19.99
C LEU H 118 -34.40 -13.97 18.76
N LEU H 119 -33.50 -14.92 18.97
CA LEU H 119 -32.90 -15.67 17.87
C LEU H 119 -33.40 -17.11 17.81
N VAL H 120 -34.14 -17.43 16.76
CA VAL H 120 -34.54 -18.80 16.49
C VAL H 120 -33.73 -19.36 15.33
N GLY H 121 -33.20 -20.57 15.52
CA GLY H 121 -32.50 -21.28 14.46
C GLY H 121 -33.37 -22.44 14.04
N ASN H 122 -34.14 -22.24 12.97
CA ASN H 122 -35.13 -23.22 12.54
C ASN H 122 -34.53 -24.46 11.88
N LYS H 123 -35.35 -25.49 11.69
CA LYS H 123 -35.00 -26.71 10.96
C LYS H 123 -34.13 -27.72 11.74
N SER H 124 -34.41 -27.89 13.03
CA SER H 124 -33.70 -28.84 13.91
C SER H 124 -33.65 -30.27 13.35
N ASP H 125 -34.76 -30.68 12.73
CA ASP H 125 -34.99 -32.06 12.29
C ASP H 125 -33.95 -32.64 11.31
N LEU H 126 -33.22 -31.76 10.63
CA LEU H 126 -32.26 -32.20 9.60
C LEU H 126 -30.85 -32.26 10.15
N THR H 127 -30.53 -33.37 10.80
CA THR H 127 -29.23 -33.50 11.49
C THR H 127 -28.05 -33.76 10.55
N THR H 128 -28.27 -34.52 9.48
CA THR H 128 -27.21 -34.83 8.52
C THR H 128 -26.93 -33.69 7.53
N LYS H 129 -27.76 -32.64 7.58
CA LYS H 129 -27.59 -31.48 6.69
C LYS H 129 -27.33 -30.18 7.47
N LYS H 130 -27.07 -30.30 8.77
CA LYS H 130 -26.86 -29.15 9.64
C LYS H 130 -25.44 -28.55 9.47
N VAL H 131 -25.40 -27.28 9.04
CA VAL H 131 -24.15 -26.58 8.79
C VAL H 131 -23.77 -25.59 9.90
N VAL H 132 -24.78 -24.97 10.53
CA VAL H 132 -24.56 -24.00 11.60
C VAL H 132 -24.51 -24.68 12.97
N ASP H 133 -23.33 -24.64 13.58
CA ASP H 133 -23.08 -25.27 14.88
C ASP H 133 -23.88 -24.62 16.01
N ASN H 134 -24.51 -25.47 16.83
CA ASN H 134 -25.29 -25.07 17.99
C ASN H 134 -24.52 -24.11 18.91
N THR H 135 -23.31 -24.53 19.32
CA THR H 135 -22.52 -23.82 20.34
C THR H 135 -22.11 -22.40 19.95
N THR H 136 -21.71 -22.22 18.69
CA THR H 136 -21.22 -20.91 18.21
C THR H 136 -22.34 -19.88 18.12
N ALA H 137 -23.56 -20.35 17.86
CA ALA H 137 -24.73 -19.48 17.76
C ALA H 137 -25.21 -18.97 19.12
N LYS H 138 -25.23 -19.87 20.11
CA LYS H 138 -25.61 -19.52 21.48
C LYS H 138 -24.63 -18.49 22.05
N GLU H 139 -23.33 -18.77 21.90
CA GLU H 139 -22.28 -17.87 22.35
C GLU H 139 -22.43 -16.48 21.73
N PHE H 140 -22.89 -16.43 20.47
CA PHE H 140 -23.16 -15.18 19.78
C PHE H 140 -24.36 -14.46 20.43
N ALA H 141 -25.42 -15.21 20.69
CA ALA H 141 -26.65 -14.66 21.24
C ALA H 141 -26.47 -14.19 22.69
N ASP H 142 -25.72 -14.96 23.46
CA ASP H 142 -25.37 -14.61 24.83
C ASP H 142 -24.46 -13.39 24.83
N SER H 143 -23.66 -13.25 23.77
CA SER H 143 -22.74 -12.11 23.59
C SER H 143 -23.45 -10.76 23.41
N LEU H 144 -24.74 -10.80 23.08
CA LEU H 144 -25.49 -9.59 22.77
C LEU H 144 -26.53 -9.27 23.82
N GLY H 145 -26.93 -10.28 24.59
CA GLY H 145 -27.98 -10.17 25.60
C GLY H 145 -29.33 -10.54 25.02
N ILE H 146 -29.34 -11.57 24.19
CA ILE H 146 -30.53 -12.00 23.46
C ILE H 146 -30.73 -13.50 23.66
N PRO H 147 -31.97 -13.93 23.99
CA PRO H 147 -32.24 -15.36 24.18
C PRO H 147 -32.20 -16.14 22.87
N PHE H 148 -32.01 -17.44 22.95
CA PHE H 148 -31.79 -18.28 21.77
C PHE H 148 -32.39 -19.69 21.92
N LEU H 149 -33.03 -20.16 20.85
CA LEU H 149 -33.65 -21.49 20.84
C LEU H 149 -33.62 -22.13 19.46
N GLU H 150 -33.32 -23.43 19.41
CA GLU H 150 -33.39 -24.20 18.18
C GLU H 150 -34.77 -24.83 17.98
N THR H 151 -35.44 -24.41 16.91
CA THR H 151 -36.82 -24.83 16.64
C THR H 151 -36.91 -25.70 15.39
N SER H 152 -38.01 -26.45 15.28
CA SER H 152 -38.37 -27.11 14.02
C SER H 152 -39.89 -27.15 13.85
N ALA H 153 -40.35 -26.66 12.70
CA ALA H 153 -41.78 -26.62 12.40
C ALA H 153 -42.33 -27.99 11.99
N LYS H 154 -41.49 -28.80 11.36
CA LYS H 154 -41.90 -30.12 10.86
C LYS H 154 -42.36 -31.03 12.02
N ASN H 155 -41.48 -31.23 13.00
CA ASN H 155 -41.85 -31.87 14.26
C ASN H 155 -41.62 -30.83 15.35
N ALA H 156 -42.71 -30.36 15.97
CA ALA H 156 -42.62 -29.29 16.98
C ALA H 156 -41.50 -29.56 17.98
N THR H 157 -40.32 -28.98 17.72
CA THR H 157 -39.12 -29.24 18.51
C THR H 157 -38.93 -28.22 19.63
N ASN H 158 -39.28 -26.97 19.33
CA ASN H 158 -39.36 -25.92 20.33
C ASN H 158 -40.32 -24.86 19.80
N VAL H 159 -41.09 -25.27 18.78
CA VAL H 159 -42.03 -24.39 18.08
C VAL H 159 -42.99 -23.69 19.04
N GLU H 160 -43.55 -24.44 19.97
CA GLU H 160 -44.45 -23.88 21.00
C GLU H 160 -43.66 -23.17 22.11
N GLN H 161 -42.53 -23.76 22.50
CA GLN H 161 -41.65 -23.21 23.53
C GLN H 161 -41.05 -21.85 23.16
N ALA H 162 -40.79 -21.66 21.86
CA ALA H 162 -40.11 -20.47 21.34
C ALA H 162 -40.87 -19.15 21.54
N PHE H 163 -42.13 -19.14 21.12
CA PHE H 163 -42.98 -17.95 21.22
C PHE H 163 -43.34 -17.65 22.67
N MET H 164 -43.60 -18.71 23.43
CA MET H 164 -43.93 -18.58 24.85
C MET H 164 -42.74 -18.03 25.63
N THR H 165 -41.53 -18.45 25.27
CA THR H 165 -40.31 -17.95 25.91
C THR H 165 -40.04 -16.48 25.56
N MET H 166 -40.38 -16.11 24.33
CA MET H 166 -40.29 -14.73 23.87
C MET H 166 -41.31 -13.85 24.58
N ALA H 167 -42.58 -14.24 24.48
CA ALA H 167 -43.68 -13.48 25.07
C ALA H 167 -43.43 -13.09 26.53
N ALA H 168 -42.77 -13.99 27.26
CA ALA H 168 -42.46 -13.79 28.68
C ALA H 168 -41.56 -12.58 28.90
N GLU H 169 -40.52 -12.45 28.08
CA GLU H 169 -39.57 -11.34 28.19
C GLU H 169 -40.28 -9.99 28.08
N ILE H 170 -41.29 -9.94 27.21
CA ILE H 170 -42.10 -8.74 27.03
C ILE H 170 -42.74 -8.28 28.35
N LYS H 171 -43.26 -9.23 29.13
CA LYS H 171 -43.93 -8.94 30.40
C LYS H 171 -42.99 -8.36 31.46
N LYS H 172 -41.71 -8.72 31.39
CA LYS H 172 -40.68 -8.17 32.28
C LYS H 172 -40.46 -6.66 32.03
N ARG H 173 -41.04 -6.15 30.94
CA ARG H 173 -41.11 -4.72 30.66
C ARG H 173 -42.58 -4.30 30.52
N MET H 174 -43.12 -3.68 31.57
CA MET H 174 -44.52 -3.27 31.60
C MET H 174 -44.69 -1.76 31.71
N PHE I 25 34.86 4.19 -7.87
CA PHE I 25 34.84 3.21 -9.01
C PHE I 25 36.23 2.64 -9.29
N ASN I 26 37.23 3.53 -9.40
CA ASN I 26 38.61 3.12 -9.69
C ASN I 26 39.32 2.41 -8.53
N ALA I 27 38.75 2.49 -7.34
CA ALA I 27 39.24 1.72 -6.18
C ALA I 27 38.87 0.25 -6.33
N LYS I 28 37.73 -0.01 -6.97
CA LYS I 28 37.23 -1.36 -7.21
C LYS I 28 37.95 -2.08 -8.35
N ARG I 29 38.29 -1.33 -9.40
CA ARG I 29 38.95 -1.93 -10.56
C ARG I 29 40.45 -2.13 -10.31
N LYS I 30 41.05 -1.27 -9.50
CA LYS I 30 42.47 -1.42 -9.13
C LYS I 30 42.71 -2.74 -8.41
N LYS I 31 41.77 -3.11 -7.53
CA LYS I 31 41.80 -4.39 -6.83
C LYS I 31 41.62 -5.57 -7.78
N LYS I 32 40.82 -5.38 -8.83
CA LYS I 32 40.59 -6.45 -9.79
C LYS I 32 41.80 -6.65 -10.72
N VAL I 33 42.50 -5.56 -11.04
CA VAL I 33 43.69 -5.63 -11.88
C VAL I 33 44.78 -6.40 -11.15
N ALA I 34 44.88 -6.15 -9.85
CA ALA I 34 45.86 -6.81 -9.01
C ALA I 34 45.54 -8.29 -8.81
N GLU I 35 44.24 -8.60 -8.78
CA GLU I 35 43.76 -9.95 -8.52
C GLU I 35 43.94 -10.85 -9.74
N ILE I 36 43.82 -10.27 -10.93
CA ILE I 36 44.04 -11.00 -12.19
C ILE I 36 45.52 -11.39 -12.36
N HIS I 37 46.42 -10.47 -12.02
CA HIS I 37 47.86 -10.73 -12.08
C HIS I 37 48.24 -11.79 -11.07
N GLN I 38 47.75 -11.63 -9.85
CA GLN I 38 47.99 -12.56 -8.74
C GLN I 38 47.54 -13.98 -9.11
N ALA I 39 46.45 -14.06 -9.87
CA ALA I 39 45.90 -15.33 -10.33
C ALA I 39 46.60 -15.85 -11.59
N LEU I 40 47.28 -14.98 -12.31
CA LEU I 40 48.11 -15.39 -13.44
C LEU I 40 49.49 -15.84 -12.97
N ASN I 41 50.08 -15.07 -12.06
CA ASN I 41 51.44 -15.30 -11.62
C ASN I 41 51.60 -16.47 -10.65
N SER I 42 50.50 -17.11 -10.27
CA SER I 42 50.56 -18.30 -9.43
C SER I 42 50.96 -19.53 -10.26
N ASP I 43 51.55 -20.53 -9.60
CA ASP I 43 51.96 -21.77 -10.25
C ASP I 43 51.36 -22.97 -9.51
N PRO I 44 50.45 -23.71 -10.17
CA PRO I 44 50.02 -23.48 -11.55
C PRO I 44 49.15 -22.23 -11.65
N THR I 45 48.91 -21.76 -12.86
CA THR I 45 48.01 -20.62 -13.09
C THR I 45 46.62 -20.89 -12.48
N ASP I 46 46.02 -19.85 -11.93
CA ASP I 46 44.73 -19.97 -11.23
C ASP I 46 43.59 -19.69 -12.20
N VAL I 47 43.33 -20.64 -13.09
CA VAL I 47 42.33 -20.47 -14.17
C VAL I 47 40.93 -20.18 -13.62
N ALA I 48 40.51 -20.98 -12.65
CA ALA I 48 39.19 -20.85 -12.02
C ALA I 48 38.97 -19.47 -11.40
N ALA I 49 40.05 -18.86 -10.90
CA ALA I 49 40.00 -17.50 -10.37
C ALA I 49 39.85 -16.46 -11.47
N LEU I 50 40.50 -16.71 -12.61
CA LEU I 50 40.39 -15.83 -13.77
C LEU I 50 39.00 -15.91 -14.39
N ARG I 51 38.39 -17.09 -14.33
CA ARG I 51 37.05 -17.31 -14.86
C ARG I 51 36.03 -16.44 -14.15
N ARG I 52 36.09 -16.43 -12.82
CA ARG I 52 35.26 -15.54 -12.03
C ARG I 52 35.47 -14.09 -12.41
N MET I 53 36.74 -13.73 -12.66
CA MET I 53 37.11 -12.38 -13.08
C MET I 53 36.47 -11.97 -14.41
N ALA I 54 36.27 -12.94 -15.31
CA ALA I 54 35.59 -12.70 -16.57
C ALA I 54 34.10 -12.44 -16.34
N ILE I 55 33.55 -13.17 -15.37
CA ILE I 55 32.14 -13.07 -14.97
C ILE I 55 31.88 -11.84 -14.12
N SER I 56 32.88 -11.45 -13.32
CA SER I 56 32.84 -10.26 -12.47
C SER I 56 32.54 -8.99 -13.26
N GLU I 57 32.09 -7.96 -12.56
CA GLU I 57 31.82 -6.66 -13.17
C GLU I 57 33.01 -6.10 -13.94
N GLY I 58 32.79 -5.76 -15.20
CA GLY I 58 33.81 -5.17 -16.05
C GLY I 58 34.56 -6.18 -16.90
N GLY I 59 34.43 -7.45 -16.53
CA GLY I 59 35.11 -8.54 -17.23
C GLY I 59 36.61 -8.50 -17.03
N LEU I 60 37.35 -8.82 -18.10
CA LEU I 60 38.81 -8.71 -18.11
C LEU I 60 39.17 -7.36 -18.72
N LEU I 61 39.13 -6.34 -17.86
CA LEU I 61 38.96 -4.92 -18.24
C LEU I 61 39.58 -4.38 -19.54
N THR I 62 40.84 -4.73 -19.81
CA THR I 62 41.53 -4.21 -21.01
C THR I 62 41.97 -5.31 -21.96
N ASP I 63 42.28 -4.92 -23.21
CA ASP I 63 42.83 -5.84 -24.21
C ASP I 63 44.17 -6.42 -23.76
N GLU I 64 45.00 -5.54 -23.20
CA GLU I 64 46.30 -5.91 -22.65
C GLU I 64 46.22 -7.12 -21.72
N ILE I 65 45.20 -7.13 -20.84
CA ILE I 65 44.96 -8.26 -19.93
C ILE I 65 44.36 -9.45 -20.69
N ARG I 66 43.37 -9.18 -21.53
CA ARG I 66 42.70 -10.23 -22.31
C ARG I 66 43.71 -11.09 -23.07
N ARG I 67 44.73 -10.44 -23.63
CA ARG I 67 45.76 -11.12 -24.39
C ARG I 67 46.44 -12.22 -23.57
N LYS I 68 46.63 -11.96 -22.29
CA LYS I 68 47.27 -12.91 -21.37
C LYS I 68 46.30 -13.96 -20.82
N VAL I 69 45.03 -13.57 -20.68
CA VAL I 69 44.03 -14.42 -20.02
C VAL I 69 43.26 -15.33 -20.99
N TRP I 70 42.89 -14.82 -22.16
CA TRP I 70 42.11 -15.63 -23.13
C TRP I 70 42.74 -16.97 -23.48
N PRO I 71 44.07 -17.02 -23.73
CA PRO I 71 44.70 -18.32 -23.99
C PRO I 71 44.64 -19.27 -22.80
N LYS I 72 44.59 -18.72 -21.59
CA LYS I 72 44.47 -19.51 -20.37
C LYS I 72 43.06 -20.06 -20.20
N LEU I 73 42.07 -19.26 -20.58
CA LEU I 73 40.65 -19.64 -20.51
C LEU I 73 40.34 -20.76 -21.47
N LEU I 74 40.97 -20.74 -22.65
CA LEU I 74 40.71 -21.73 -23.70
C LEU I 74 41.66 -22.92 -23.66
N ASN I 75 42.66 -22.85 -22.78
CA ASN I 75 43.65 -23.92 -22.59
C ASN I 75 44.56 -24.17 -23.80
N VAL I 76 44.81 -23.13 -24.58
CA VAL I 76 45.83 -23.17 -25.63
C VAL I 76 47.01 -22.35 -25.12
N ASN I 77 48.18 -22.98 -25.11
CA ASN I 77 49.40 -22.30 -24.66
C ASN I 77 49.78 -21.16 -25.60
N ALA I 78 50.14 -20.01 -25.01
CA ALA I 78 50.49 -18.82 -25.79
C ALA I 78 51.95 -18.83 -26.28
N ASN I 79 52.78 -19.65 -25.64
CA ASN I 79 54.22 -19.68 -25.92
C ASN I 79 54.65 -20.41 -27.21
N ASP I 80 53.92 -21.45 -27.61
CA ASP I 80 54.35 -22.33 -28.71
C ASP I 80 54.19 -21.71 -30.11
N PRO I 81 54.92 -22.26 -31.11
CA PRO I 81 55.07 -21.63 -32.43
C PRO I 81 53.82 -21.63 -33.31
N PRO I 82 53.61 -20.55 -34.09
CA PRO I 82 52.44 -20.40 -34.96
C PRO I 82 52.38 -21.42 -36.10
N PRO I 83 51.15 -21.70 -36.60
CA PRO I 83 50.89 -22.61 -37.72
C PRO I 83 51.54 -22.17 -39.03
N ILE I 84 52.08 -23.13 -39.78
CA ILE I 84 52.94 -22.86 -40.96
C ILE I 84 52.26 -22.10 -42.10
N SER I 85 51.10 -22.57 -42.55
CA SER I 85 50.31 -21.91 -43.62
C SER I 85 51.08 -21.78 -44.95
N GLY I 86 51.91 -22.79 -45.26
CA GLY I 86 52.94 -22.71 -46.30
C GLY I 86 52.49 -22.48 -47.74
N LYS I 87 51.58 -23.33 -48.21
CA LYS I 87 50.98 -23.19 -49.54
C LYS I 87 50.14 -21.92 -49.61
N ASN I 88 49.69 -21.53 -50.81
CA ASN I 88 48.68 -20.49 -50.89
C ASN I 88 47.29 -21.05 -50.66
N LEU I 89 46.73 -20.74 -49.49
CA LEU I 89 45.41 -21.22 -49.07
C LEU I 89 44.36 -20.87 -50.11
N ARG I 90 44.35 -19.59 -50.48
CA ARG I 90 43.30 -18.99 -51.30
C ARG I 90 42.98 -19.77 -52.58
N GLN I 91 44.02 -20.33 -53.21
CA GLN I 91 43.88 -21.14 -54.43
C GLN I 91 43.04 -22.40 -54.23
N MET I 92 43.16 -22.99 -53.05
CA MET I 92 42.71 -24.36 -52.83
C MET I 92 41.69 -24.54 -51.71
N SER I 93 41.30 -23.43 -51.09
CA SER I 93 40.27 -23.46 -50.06
C SER I 93 38.92 -23.26 -50.70
N LYS I 94 38.05 -24.27 -50.60
CA LYS I 94 36.71 -24.23 -51.18
C LYS I 94 35.91 -22.96 -50.83
N ASP I 95 36.19 -22.39 -49.66
CA ASP I 95 35.41 -21.30 -49.09
C ASP I 95 35.97 -19.90 -49.38
N TYR I 96 36.92 -19.82 -50.32
CA TYR I 96 37.58 -18.55 -50.62
C TYR I 96 36.61 -17.45 -51.03
N GLN I 97 35.77 -17.75 -52.01
CA GLN I 97 34.84 -16.76 -52.56
C GLN I 97 33.84 -16.25 -51.52
N GLN I 98 33.45 -17.13 -50.61
CA GLN I 98 32.54 -16.77 -49.53
C GLN I 98 33.20 -15.89 -48.47
N VAL I 99 34.43 -16.22 -48.09
CA VAL I 99 35.19 -15.48 -47.07
C VAL I 99 35.57 -14.10 -47.59
N LEU I 100 36.04 -14.04 -48.83
CA LEU I 100 36.40 -12.78 -49.47
C LEU I 100 35.21 -11.82 -49.48
N LEU I 101 34.03 -12.40 -49.69
CA LEU I 101 32.77 -11.67 -49.72
C LEU I 101 32.42 -11.04 -48.36
N ASP I 102 32.54 -11.83 -47.30
CA ASP I 102 32.14 -11.42 -45.95
C ASP I 102 33.06 -10.40 -45.31
N VAL I 103 34.36 -10.54 -45.54
CA VAL I 103 35.36 -9.66 -44.94
C VAL I 103 35.23 -8.22 -45.47
N ARG I 104 34.96 -8.09 -46.77
CA ARG I 104 34.72 -6.77 -47.38
C ARG I 104 33.62 -5.99 -46.67
N ARG I 105 32.61 -6.72 -46.19
CA ARG I 105 31.47 -6.12 -45.51
C ARG I 105 31.67 -6.06 -43.99
N SER I 106 32.88 -6.40 -43.55
CA SER I 106 33.27 -6.31 -42.15
C SER I 106 33.79 -4.91 -41.78
N LEU I 107 33.62 -3.96 -42.70
CA LEU I 107 34.14 -2.59 -42.53
C LEU I 107 33.61 -1.90 -41.27
N ARG I 108 32.31 -2.06 -41.02
CA ARG I 108 31.67 -1.44 -39.86
C ARG I 108 32.15 -2.01 -38.51
N ARG I 109 32.91 -3.10 -38.53
CA ARG I 109 33.44 -3.70 -37.29
C ARG I 109 34.66 -2.97 -36.74
N PHE I 110 35.53 -2.52 -37.63
CA PHE I 110 36.78 -1.85 -37.27
C PHE I 110 36.53 -0.44 -36.73
N PRO I 111 37.48 0.11 -35.94
CA PRO I 111 37.31 1.49 -35.47
C PRO I 111 37.25 2.49 -36.63
N PRO I 112 36.26 3.39 -36.61
CA PRO I 112 36.13 4.37 -37.71
C PRO I 112 37.35 5.27 -37.86
N GLY I 113 38.04 5.53 -36.74
CA GLY I 113 39.24 6.37 -36.72
C GLY I 113 40.50 5.72 -37.25
N MET I 114 40.46 4.40 -37.47
CA MET I 114 41.58 3.65 -38.05
C MET I 114 41.84 4.13 -39.48
N PRO I 115 43.13 4.35 -39.81
CA PRO I 115 43.52 4.69 -41.18
C PRO I 115 43.08 3.63 -42.18
N GLU I 116 42.67 4.07 -43.37
CA GLU I 116 42.22 3.17 -44.43
C GLU I 116 43.28 2.13 -44.79
N GLU I 117 44.55 2.54 -44.76
CA GLU I 117 45.66 1.68 -45.13
C GLU I 117 45.88 0.53 -44.16
N GLN I 118 45.64 0.78 -42.87
CA GLN I 118 45.86 -0.24 -41.84
C GLN I 118 44.77 -1.32 -41.88
N ARG I 119 43.51 -0.89 -41.97
CA ARG I 119 42.38 -1.82 -42.05
C ARG I 119 42.54 -2.78 -43.23
N GLU I 120 42.88 -2.24 -44.40
CA GLU I 120 43.14 -3.05 -45.60
C GLU I 120 44.03 -4.24 -45.30
N GLY I 121 45.17 -3.97 -44.67
CA GLY I 121 46.13 -4.99 -44.25
C GLY I 121 45.51 -6.01 -43.30
N LEU I 122 44.85 -5.49 -42.25
CA LEU I 122 44.17 -6.34 -41.28
C LEU I 122 43.12 -7.23 -41.94
N GLN I 123 42.44 -6.71 -42.96
CA GLN I 123 41.42 -7.46 -43.66
C GLN I 123 42.05 -8.64 -44.41
N GLU I 124 43.24 -8.42 -44.96
CA GLU I 124 44.01 -9.50 -45.61
C GLU I 124 44.55 -10.49 -44.58
N GLU I 125 44.78 -10.02 -43.36
CA GLU I 125 45.09 -10.89 -42.23
C GLU I 125 43.90 -11.79 -41.95
N LEU I 126 42.75 -11.15 -41.73
CA LEU I 126 41.49 -11.80 -41.38
C LEU I 126 41.14 -12.96 -42.33
N ILE I 127 41.23 -12.71 -43.63
CA ILE I 127 40.95 -13.74 -44.65
C ILE I 127 41.84 -14.97 -44.40
N ASP I 128 43.12 -14.73 -44.17
CA ASP I 128 44.09 -15.80 -44.02
C ASP I 128 43.97 -16.57 -42.71
N ILE I 129 43.49 -15.91 -41.65
CA ILE I 129 43.21 -16.59 -40.39
C ILE I 129 42.09 -17.61 -40.59
N ILE I 130 40.96 -17.13 -41.13
CA ILE I 130 39.75 -17.94 -41.36
C ILE I 130 40.06 -19.12 -42.29
N LEU I 131 40.74 -18.84 -43.39
CA LEU I 131 41.10 -19.88 -44.37
C LEU I 131 41.97 -20.97 -43.75
N LEU I 132 42.92 -20.54 -42.91
CA LEU I 132 43.86 -21.46 -42.27
C LEU I 132 43.17 -22.37 -41.24
N ILE I 133 42.29 -21.79 -40.42
CA ILE I 133 41.52 -22.53 -39.44
C ILE I 133 40.68 -23.61 -40.12
N LEU I 134 40.06 -23.25 -41.23
CA LEU I 134 39.27 -24.19 -42.03
C LEU I 134 40.12 -25.29 -42.65
N GLU I 135 41.34 -24.95 -43.07
CA GLU I 135 42.25 -25.90 -43.72
C GLU I 135 42.74 -26.97 -42.75
N ARG I 136 43.00 -26.55 -41.51
CA ARG I 136 43.46 -27.41 -40.44
C ARG I 136 42.38 -28.40 -40.04
N ASN I 137 41.14 -27.91 -40.04
CA ASN I 137 40.00 -28.68 -39.56
C ASN I 137 38.96 -28.88 -40.67
N PRO I 138 39.19 -29.88 -41.54
CA PRO I 138 38.32 -30.09 -42.71
C PRO I 138 36.82 -30.20 -42.35
N GLN I 139 36.53 -30.83 -41.22
CA GLN I 139 35.16 -31.05 -40.75
C GLN I 139 34.36 -29.78 -40.38
N LEU I 140 35.05 -28.65 -40.29
CA LEU I 140 34.37 -27.36 -40.06
C LEU I 140 33.87 -26.76 -41.36
N HIS I 141 32.69 -26.17 -41.30
CA HIS I 141 32.05 -25.57 -42.46
C HIS I 141 31.77 -24.09 -42.18
N TYR I 142 32.37 -23.23 -43.00
CA TYR I 142 32.21 -21.79 -42.85
C TYR I 142 30.77 -21.36 -43.01
N TYR I 143 30.32 -20.49 -42.12
CA TYR I 143 29.00 -19.88 -42.19
C TYR I 143 29.14 -18.38 -42.17
N GLN I 144 28.25 -17.69 -42.88
CA GLN I 144 28.16 -16.22 -42.81
C GLN I 144 28.00 -15.75 -41.36
N GLY I 145 29.00 -15.03 -40.86
CA GLY I 145 29.00 -14.57 -39.48
C GLY I 145 30.21 -15.03 -38.70
N TYR I 146 30.86 -16.08 -39.18
CA TYR I 146 32.08 -16.58 -38.57
C TYR I 146 33.14 -15.49 -38.50
N HIS I 147 33.24 -14.72 -39.59
CA HIS I 147 34.14 -13.57 -39.69
C HIS I 147 33.94 -12.56 -38.55
N ASP I 148 32.70 -12.45 -38.06
CA ASP I 148 32.36 -11.53 -36.97
C ASP I 148 33.03 -11.91 -35.66
N ILE I 149 33.19 -13.20 -35.43
CA ILE I 149 33.91 -13.70 -34.27
C ILE I 149 35.43 -13.50 -34.42
N VAL I 150 35.95 -13.90 -35.57
CA VAL I 150 37.38 -13.84 -35.85
C VAL I 150 37.93 -12.40 -35.80
N VAL I 151 37.16 -11.44 -36.30
CA VAL I 151 37.61 -10.03 -36.36
C VAL I 151 37.73 -9.42 -34.96
N THR I 152 36.94 -9.95 -34.01
CA THR I 152 36.97 -9.48 -32.64
C THR I 152 38.22 -9.98 -31.93
N PHE I 153 38.57 -11.25 -32.17
CA PHE I 153 39.82 -11.83 -31.67
C PHE I 153 41.02 -11.16 -32.34
N LEU I 154 40.90 -10.88 -33.63
CA LEU I 154 41.99 -10.23 -34.37
C LEU I 154 42.33 -8.87 -33.78
N LEU I 155 41.32 -8.10 -33.41
CA LEU I 155 41.53 -6.77 -32.85
C LEU I 155 41.96 -6.78 -31.38
N VAL I 156 41.81 -7.93 -30.72
CA VAL I 156 42.11 -8.07 -29.30
C VAL I 156 43.39 -8.88 -29.05
N VAL I 157 43.51 -10.02 -29.73
CA VAL I 157 44.65 -10.91 -29.54
C VAL I 157 45.79 -10.72 -30.58
N GLY I 158 45.43 -10.26 -31.77
CA GLY I 158 46.41 -10.11 -32.86
C GLY I 158 46.24 -11.25 -33.86
N GLU I 159 47.18 -11.41 -34.77
CA GLU I 159 47.07 -12.46 -35.79
C GLU I 159 47.45 -13.83 -35.25
N ARG I 160 48.69 -13.97 -34.78
CA ARG I 160 49.22 -15.24 -34.30
C ARG I 160 48.41 -15.79 -33.13
N LEU I 161 47.87 -14.91 -32.30
CA LEU I 161 47.13 -15.33 -31.13
C LEU I 161 45.68 -15.69 -31.49
N ALA I 162 45.06 -14.88 -32.34
CA ALA I 162 43.69 -15.17 -32.80
C ALA I 162 43.60 -16.47 -33.59
N THR I 163 44.55 -16.70 -34.49
CA THR I 163 44.55 -17.92 -35.30
C THR I 163 44.62 -19.16 -34.42
N SER I 164 45.31 -19.03 -33.27
CA SER I 164 45.53 -20.11 -32.33
C SER I 164 44.30 -20.33 -31.43
N LEU I 165 43.67 -19.23 -31.01
CA LEU I 165 42.53 -19.30 -30.10
C LEU I 165 41.22 -19.72 -30.79
N VAL I 166 40.90 -19.06 -31.89
CA VAL I 166 39.66 -19.30 -32.62
C VAL I 166 39.55 -20.76 -33.09
N GLU I 167 40.69 -21.40 -33.32
CA GLU I 167 40.72 -22.83 -33.66
C GLU I 167 40.15 -23.67 -32.51
N LYS I 168 40.62 -23.42 -31.29
CA LYS I 168 40.09 -24.10 -30.10
C LYS I 168 38.60 -23.84 -29.93
N LEU I 169 38.23 -22.56 -30.05
CA LEU I 169 36.84 -22.12 -29.94
C LEU I 169 35.96 -22.74 -31.00
N SER I 170 36.51 -22.91 -32.19
CA SER I 170 35.76 -23.46 -33.32
C SER I 170 35.48 -24.95 -33.18
N THR I 171 36.44 -25.72 -32.70
CA THR I 171 36.21 -27.14 -32.49
C THR I 171 35.44 -27.46 -31.19
N HIS I 172 35.35 -26.48 -30.30
CA HIS I 172 34.69 -26.69 -29.00
C HIS I 172 33.39 -25.90 -28.85
N HIS I 173 33.49 -24.64 -28.42
CA HIS I 173 32.31 -23.78 -28.24
C HIS I 173 31.43 -23.70 -29.49
N LEU I 174 32.04 -23.35 -30.61
CA LEU I 174 31.30 -23.03 -31.83
C LEU I 174 31.08 -24.22 -32.75
N ARG I 175 31.37 -25.44 -32.26
CA ARG I 175 31.39 -26.62 -33.13
C ARG I 175 30.09 -26.88 -33.87
N ASP I 176 28.97 -26.83 -33.16
CA ASP I 176 27.65 -27.15 -33.73
C ASP I 176 27.16 -26.12 -34.76
N PHE I 177 27.72 -24.91 -34.70
CA PHE I 177 27.43 -23.87 -35.70
C PHE I 177 28.07 -24.16 -37.05
N MET I 178 29.12 -24.98 -37.05
CA MET I 178 29.91 -25.26 -38.25
C MET I 178 29.67 -26.68 -38.75
N ASP I 179 28.50 -27.22 -38.44
CA ASP I 179 28.08 -28.51 -38.95
C ASP I 179 27.60 -28.34 -40.39
N PRO I 180 27.69 -29.41 -41.21
CA PRO I 180 27.22 -29.39 -42.59
C PRO I 180 25.91 -28.62 -42.79
N THR I 181 24.92 -28.90 -41.93
CA THR I 181 23.61 -28.26 -41.99
C THR I 181 23.40 -27.39 -40.76
N MET I 182 22.47 -26.44 -40.85
CA MET I 182 22.13 -25.57 -39.71
C MET I 182 21.18 -26.25 -38.71
N ASP I 183 21.05 -27.57 -38.81
CA ASP I 183 20.13 -28.35 -37.97
C ASP I 183 20.44 -28.20 -36.48
N ASN I 184 21.70 -28.33 -36.10
CA ASN I 184 22.13 -28.15 -34.72
C ASN I 184 21.97 -26.72 -34.23
N THR I 185 22.23 -25.76 -35.10
CA THR I 185 22.02 -24.35 -34.77
C THR I 185 20.54 -24.10 -34.43
N LYS I 186 19.65 -24.63 -35.27
CA LYS I 186 18.20 -24.54 -35.05
C LYS I 186 17.80 -25.06 -33.68
N HIS I 187 18.37 -26.19 -33.28
CA HIS I 187 18.07 -26.79 -31.98
C HIS I 187 18.57 -25.94 -30.81
N ILE I 188 19.76 -25.35 -30.95
CA ILE I 188 20.28 -24.48 -29.89
C ILE I 188 19.24 -23.40 -29.60
N LEU I 189 18.65 -22.86 -30.67
CA LEU I 189 17.70 -21.75 -30.60
C LEU I 189 16.38 -22.14 -29.95
N ASN I 190 15.97 -23.40 -30.11
CA ASN I 190 14.76 -23.91 -29.47
C ASN I 190 14.80 -23.89 -27.95
N TYR I 191 16.00 -23.79 -27.38
CA TYR I 191 16.17 -23.67 -25.94
C TYR I 191 15.60 -22.34 -25.45
N LEU I 192 15.70 -21.32 -26.32
CA LEU I 192 15.25 -19.95 -26.01
C LEU I 192 13.83 -19.90 -25.43
N MET I 193 12.94 -20.73 -25.99
CA MET I 193 11.54 -20.74 -25.62
C MET I 193 11.25 -21.32 -24.22
N PRO I 194 11.61 -22.60 -23.97
CA PRO I 194 11.54 -23.16 -22.61
C PRO I 194 12.12 -22.29 -21.48
N ILE I 195 13.21 -21.58 -21.75
CA ILE I 195 13.84 -20.73 -20.74
C ILE I 195 12.91 -19.59 -20.32
N ILE I 196 12.28 -18.95 -21.30
CA ILE I 196 11.37 -17.82 -21.05
C ILE I 196 10.12 -18.28 -20.31
N ASP I 197 9.62 -19.47 -20.66
CA ASP I 197 8.46 -20.07 -20.02
C ASP I 197 8.65 -20.24 -18.52
N GLN I 198 9.91 -20.26 -18.10
CA GLN I 198 10.28 -20.48 -16.72
C GLN I 198 10.29 -19.18 -15.90
N VAL I 199 10.38 -18.04 -16.60
CA VAL I 199 10.52 -16.73 -15.95
C VAL I 199 9.23 -15.92 -16.05
N ASN I 200 8.61 -15.94 -17.24
CA ASN I 200 7.38 -15.19 -17.49
C ASN I 200 6.47 -15.96 -18.45
N PRO I 201 5.57 -16.78 -17.90
CA PRO I 201 4.71 -17.66 -18.70
C PRO I 201 3.77 -16.92 -19.66
N GLU I 202 3.30 -15.74 -19.27
CA GLU I 202 2.50 -14.93 -20.18
C GLU I 202 3.31 -14.57 -21.42
N LEU I 203 4.57 -14.17 -21.22
CA LEU I 203 5.46 -13.84 -22.34
C LEU I 203 5.67 -15.05 -23.24
N HIS I 204 5.92 -16.21 -22.65
CA HIS I 204 6.06 -17.46 -23.39
C HIS I 204 4.84 -17.71 -24.26
N ASP I 205 3.67 -17.64 -23.64
CA ASP I 205 2.41 -17.92 -24.33
C ASP I 205 2.11 -16.89 -25.42
N PHE I 206 2.53 -15.65 -25.19
CA PHE I 206 2.31 -14.56 -26.15
C PHE I 206 3.12 -14.76 -27.42
N MET I 207 4.38 -15.14 -27.28
CA MET I 207 5.28 -15.30 -28.43
C MET I 207 4.96 -16.54 -29.26
N GLN I 208 4.18 -17.45 -28.67
CA GLN I 208 3.74 -18.65 -29.36
C GLN I 208 2.46 -18.43 -30.14
N SER I 209 1.54 -17.64 -29.57
CA SER I 209 0.32 -17.22 -30.26
C SER I 209 0.69 -16.37 -31.48
N ALA I 210 1.66 -15.49 -31.30
CA ALA I 210 2.17 -14.65 -32.37
C ALA I 210 2.93 -15.46 -33.42
N GLU I 211 3.43 -16.63 -33.02
CA GLU I 211 4.30 -17.50 -33.85
C GLU I 211 5.53 -16.76 -34.38
N VAL I 212 6.37 -16.30 -33.45
CA VAL I 212 7.55 -15.48 -33.78
C VAL I 212 8.74 -16.31 -34.22
N GLY I 213 8.84 -17.53 -33.69
CA GLY I 213 9.99 -18.39 -33.97
C GLY I 213 11.22 -17.99 -33.18
N THR I 214 12.38 -18.43 -33.66
CA THR I 214 13.64 -18.24 -32.95
C THR I 214 14.67 -17.52 -33.83
N ILE I 215 14.27 -17.24 -35.06
CA ILE I 215 15.18 -16.75 -36.10
C ILE I 215 15.62 -15.32 -35.88
N PHE I 216 14.99 -14.62 -34.94
CA PHE I 216 15.41 -13.26 -34.60
C PHE I 216 16.77 -13.26 -33.88
N ALA I 217 17.05 -14.34 -33.17
CA ALA I 217 18.26 -14.45 -32.36
C ALA I 217 19.32 -15.33 -33.03
N LEU I 218 19.26 -15.46 -34.35
CA LEU I 218 20.25 -16.23 -35.09
C LEU I 218 21.62 -15.53 -35.14
N SER I 219 21.66 -14.33 -35.70
CA SER I 219 22.89 -13.53 -35.76
C SER I 219 23.49 -13.38 -34.36
N TRP I 220 22.61 -13.24 -33.36
CA TRP I 220 22.98 -13.16 -31.95
C TRP I 220 23.83 -14.35 -31.53
N LEU I 221 23.27 -15.55 -31.71
CA LEU I 221 23.88 -16.80 -31.30
C LEU I 221 25.11 -17.13 -32.15
N ILE I 222 24.99 -16.88 -33.45
CA ILE I 222 26.01 -17.22 -34.45
C ILE I 222 27.29 -16.42 -34.36
N THR I 223 27.18 -15.15 -33.96
CA THR I 223 28.35 -14.28 -33.91
C THR I 223 28.73 -13.86 -32.49
N TRP I 224 28.05 -14.44 -31.49
CA TRP I 224 28.19 -14.03 -30.09
C TRP I 224 27.92 -12.53 -29.96
N PHE I 225 26.83 -12.09 -30.59
CA PHE I 225 26.39 -10.69 -30.57
C PHE I 225 27.33 -9.72 -31.30
N GLY I 226 28.33 -10.26 -32.00
CA GLY I 226 29.30 -9.44 -32.74
C GLY I 226 28.70 -8.65 -33.89
N HIS I 227 27.76 -9.29 -34.59
CA HIS I 227 27.07 -8.71 -35.73
C HIS I 227 26.12 -7.57 -35.35
N VAL I 228 25.55 -7.64 -34.15
CA VAL I 228 24.41 -6.80 -33.77
C VAL I 228 24.73 -5.69 -32.75
N LEU I 229 25.87 -5.81 -32.07
CA LEU I 229 26.29 -4.78 -31.11
C LEU I 229 27.29 -3.79 -31.70
N SER I 230 27.05 -2.51 -31.45
CA SER I 230 27.73 -1.43 -32.13
C SER I 230 29.03 -1.03 -31.43
N ASP I 231 28.99 -0.96 -30.10
CA ASP I 231 30.17 -0.58 -29.32
C ASP I 231 31.10 -1.76 -29.07
N PHE I 232 32.27 -1.71 -29.69
CA PHE I 232 33.26 -2.80 -29.64
C PHE I 232 33.75 -3.14 -28.24
N ARG I 233 33.85 -2.13 -27.37
CA ARG I 233 34.25 -2.32 -25.98
C ARG I 233 33.24 -3.19 -25.23
N HIS I 234 31.96 -2.94 -25.45
CA HIS I 234 30.89 -3.71 -24.82
C HIS I 234 30.79 -5.13 -25.39
N VAL I 235 31.09 -5.27 -26.68
CA VAL I 235 31.08 -6.57 -27.36
C VAL I 235 32.12 -7.52 -26.77
N VAL I 236 33.34 -7.01 -26.57
CA VAL I 236 34.44 -7.80 -26.06
C VAL I 236 34.24 -8.22 -24.59
N ARG I 237 33.62 -7.34 -23.80
CA ARG I 237 33.26 -7.68 -22.41
C ARG I 237 32.31 -8.87 -22.38
N LEU I 238 31.45 -8.96 -23.38
CA LEU I 238 30.53 -10.08 -23.53
C LEU I 238 31.31 -11.34 -23.88
N TYR I 239 32.37 -11.18 -24.66
CA TYR I 239 33.26 -12.30 -25.02
C TYR I 239 33.99 -12.86 -23.80
N ASP I 240 34.45 -11.97 -22.91
CA ASP I 240 35.03 -12.42 -21.64
C ASP I 240 34.08 -13.42 -21.01
N PHE I 241 32.83 -12.98 -20.85
CA PHE I 241 31.74 -13.74 -20.24
C PHE I 241 31.47 -15.10 -20.91
N PHE I 242 31.28 -15.10 -22.22
CA PHE I 242 30.98 -16.35 -22.94
C PHE I 242 32.12 -17.37 -22.93
N LEU I 243 33.36 -16.86 -22.95
CA LEU I 243 34.56 -17.68 -22.89
C LEU I 243 34.67 -18.44 -21.58
N ALA I 244 34.28 -17.79 -20.49
CA ALA I 244 34.35 -18.36 -19.15
C ALA I 244 33.28 -19.42 -18.93
N CYS I 245 32.14 -19.27 -19.60
CA CYS I 245 30.97 -20.09 -19.33
C CYS I 245 30.77 -21.27 -20.30
N HIS I 246 29.62 -21.92 -20.17
CA HIS I 246 29.19 -23.03 -21.03
C HIS I 246 28.98 -22.56 -22.48
N PRO I 247 29.25 -23.44 -23.47
CA PRO I 247 29.03 -23.15 -24.90
C PRO I 247 27.62 -22.69 -25.27
N LEU I 248 26.64 -22.97 -24.42
CA LEU I 248 25.25 -22.60 -24.69
C LEU I 248 24.85 -21.29 -24.01
N MET I 249 25.82 -20.61 -23.42
CA MET I 249 25.55 -19.39 -22.66
C MET I 249 24.85 -18.25 -23.45
N PRO I 250 25.11 -18.16 -24.78
CA PRO I 250 24.51 -17.04 -25.52
C PRO I 250 22.97 -17.03 -25.65
N ILE I 251 22.32 -18.18 -25.80
CA ILE I 251 20.84 -18.17 -25.83
C ILE I 251 20.23 -17.81 -24.48
N TYR I 252 20.89 -18.20 -23.39
CA TYR I 252 20.47 -17.77 -22.06
C TYR I 252 20.58 -16.26 -21.93
N PHE I 253 21.62 -15.68 -22.52
CA PHE I 253 21.75 -14.25 -22.58
C PHE I 253 20.74 -13.64 -23.56
N ALA I 254 20.43 -14.37 -24.64
CA ALA I 254 19.40 -13.98 -25.58
C ALA I 254 18.04 -13.98 -24.88
N ALA I 255 17.77 -15.04 -24.14
CA ALA I 255 16.53 -15.22 -23.39
C ALA I 255 16.32 -14.10 -22.37
N VAL I 256 17.39 -13.73 -21.68
CA VAL I 256 17.35 -12.63 -20.72
C VAL I 256 17.02 -11.31 -21.41
N ILE I 257 17.58 -11.09 -22.61
CA ILE I 257 17.33 -9.87 -23.38
C ILE I 257 15.85 -9.70 -23.70
N VAL I 258 15.22 -10.77 -24.18
CA VAL I 258 13.79 -10.75 -24.46
C VAL I 258 13.02 -10.42 -23.17
N LEU I 259 13.33 -11.14 -22.11
CA LEU I 259 12.67 -10.95 -20.82
C LEU I 259 12.89 -9.56 -20.25
N TYR I 260 14.04 -8.97 -20.53
CA TYR I 260 14.31 -7.59 -20.14
C TYR I 260 13.33 -6.68 -20.87
N ARG I 261 13.07 -7.03 -22.14
CA ARG I 261 12.23 -6.21 -23.01
C ARG I 261 10.78 -6.69 -23.09
N GLU I 262 10.35 -7.41 -22.05
CA GLU I 262 9.02 -8.05 -22.01
C GLU I 262 7.87 -7.11 -22.37
N GLN I 263 7.81 -5.95 -21.72
CA GLN I 263 6.68 -5.04 -21.89
C GLN I 263 6.74 -4.21 -23.17
N GLU I 264 7.72 -4.52 -24.02
CA GLU I 264 7.75 -4.00 -25.39
C GLU I 264 7.17 -5.07 -26.30
N VAL I 265 7.48 -6.32 -25.99
CA VAL I 265 6.96 -7.47 -26.73
C VAL I 265 5.47 -7.66 -26.47
N LEU I 266 5.03 -7.36 -25.25
CA LEU I 266 3.62 -7.49 -24.90
C LEU I 266 2.78 -6.36 -25.51
N ASP I 267 3.14 -5.11 -25.23
CA ASP I 267 2.42 -3.94 -25.76
C ASP I 267 2.38 -3.92 -27.29
N CYS I 268 3.23 -4.75 -27.88
CA CYS I 268 3.37 -4.91 -29.33
C CYS I 268 2.13 -5.54 -29.97
N ASP I 269 1.99 -5.36 -31.28
CA ASP I 269 0.96 -6.03 -32.09
C ASP I 269 1.27 -7.52 -32.06
N CYS I 270 0.25 -8.38 -32.16
CA CYS I 270 0.49 -9.83 -32.04
C CYS I 270 0.79 -10.58 -33.34
N ASP I 271 1.02 -9.86 -34.44
CA ASP I 271 1.51 -10.50 -35.67
C ASP I 271 3.01 -10.78 -35.52
N MET I 272 3.50 -11.83 -36.15
CA MET I 272 4.92 -12.17 -36.04
C MET I 272 5.81 -11.14 -36.75
N ALA I 273 5.26 -10.46 -37.74
CA ALA I 273 5.99 -9.42 -38.46
C ALA I 273 6.51 -8.31 -37.53
N SER I 274 5.69 -7.91 -36.56
CA SER I 274 6.06 -6.84 -35.63
C SER I 274 6.87 -7.31 -34.42
N VAL I 275 6.57 -8.52 -33.93
CA VAL I 275 7.29 -9.08 -32.79
C VAL I 275 8.71 -9.43 -33.19
N HIS I 276 8.88 -9.80 -34.46
CA HIS I 276 10.18 -10.14 -35.02
C HIS I 276 11.04 -8.89 -35.20
N HIS I 277 10.53 -7.94 -36.00
CA HIS I 277 11.24 -6.71 -36.31
C HIS I 277 11.70 -5.95 -35.06
N LEU I 278 10.84 -5.95 -34.03
CA LEU I 278 11.14 -5.29 -32.76
C LEU I 278 12.31 -5.95 -32.06
N LEU I 279 12.21 -7.27 -31.86
CA LEU I 279 13.27 -8.03 -31.18
C LEU I 279 14.60 -8.03 -31.95
N SER I 280 14.51 -7.93 -33.27
CA SER I 280 15.68 -7.79 -34.13
C SER I 280 16.44 -6.48 -33.89
N GLN I 281 15.71 -5.39 -33.70
CA GLN I 281 16.31 -4.10 -33.36
C GLN I 281 16.75 -4.05 -31.90
N ILE I 282 17.85 -4.76 -31.62
CA ILE I 282 18.43 -4.88 -30.30
C ILE I 282 18.95 -3.52 -29.83
N PRO I 283 18.73 -3.17 -28.55
CA PRO I 283 19.25 -1.91 -28.02
C PRO I 283 20.75 -1.95 -27.71
N GLN I 284 21.37 -0.78 -27.72
CA GLN I 284 22.80 -0.66 -27.39
C GLN I 284 23.04 -0.23 -25.94
N ASP I 285 22.01 0.35 -25.31
CA ASP I 285 22.09 0.79 -23.92
C ASP I 285 21.76 -0.32 -22.91
N LEU I 286 21.67 -1.56 -23.39
CA LEU I 286 21.39 -2.72 -22.54
C LEU I 286 22.22 -2.71 -21.26
N PRO I 287 21.59 -3.05 -20.11
CA PRO I 287 22.34 -3.13 -18.85
C PRO I 287 23.13 -4.43 -18.72
N TYR I 288 24.27 -4.49 -19.43
CA TYR I 288 25.04 -5.74 -19.59
C TYR I 288 25.34 -6.48 -18.30
N GLU I 289 25.73 -5.75 -17.25
CA GLU I 289 26.18 -6.35 -16.01
C GLU I 289 25.09 -7.13 -15.29
N THR I 290 23.88 -6.54 -15.22
CA THR I 290 22.72 -7.19 -14.60
C THR I 290 22.13 -8.32 -15.46
N LEU I 291 22.23 -8.18 -16.78
CA LEU I 291 21.79 -9.24 -17.68
C LEU I 291 22.71 -10.46 -17.59
N ILE I 292 24.00 -10.20 -17.38
CA ILE I 292 25.00 -11.26 -17.21
C ILE I 292 24.80 -12.02 -15.89
N SER I 293 24.38 -11.30 -14.85
CA SER I 293 24.01 -11.94 -13.59
C SER I 293 22.78 -12.80 -13.84
N ARG I 294 21.72 -12.17 -14.37
CA ARG I 294 20.48 -12.87 -14.71
C ARG I 294 20.75 -14.14 -15.51
N ALA I 295 21.54 -13.99 -16.58
CA ALA I 295 21.81 -15.05 -17.54
C ALA I 295 22.49 -16.25 -16.90
N GLY I 296 23.49 -15.99 -16.07
CA GLY I 296 24.21 -17.04 -15.36
C GLY I 296 23.35 -17.74 -14.33
N ASP I 297 22.61 -16.96 -13.55
CA ASP I 297 21.66 -17.48 -12.58
C ASP I 297 20.62 -18.36 -13.25
N LEU I 298 20.15 -17.92 -14.41
CA LEU I 298 19.17 -18.67 -15.18
C LEU I 298 19.73 -20.02 -15.60
N PHE I 299 20.99 -20.00 -16.04
CA PHE I 299 21.67 -21.19 -16.53
C PHE I 299 21.82 -22.26 -15.45
N VAL I 300 22.35 -21.86 -14.30
CA VAL I 300 22.56 -22.78 -13.19
C VAL I 300 21.26 -23.37 -12.64
N GLN I 301 20.18 -22.58 -12.65
CA GLN I 301 18.91 -23.01 -12.09
C GLN I 301 18.18 -23.97 -13.01
N PHE I 302 18.15 -23.63 -14.30
CA PHE I 302 17.51 -24.48 -15.31
C PHE I 302 18.48 -24.77 -16.44
N PRO I 303 19.42 -25.71 -16.23
CA PRO I 303 20.45 -26.01 -17.20
C PRO I 303 19.90 -26.75 -18.41
N PRO I 304 20.69 -26.81 -19.50
CA PRO I 304 20.33 -27.68 -20.63
C PRO I 304 20.65 -29.15 -20.35
N SER I 305 19.87 -30.03 -20.98
CA SER I 305 19.93 -31.51 -20.81
C SER I 305 18.87 -32.01 -19.83
N GLU J 5 -2.91 3.75 -42.11
CA GLU J 5 -3.99 3.47 -43.10
C GLU J 5 -3.40 3.19 -44.49
N TYR J 6 -3.76 2.03 -45.04
CA TYR J 6 -3.25 1.57 -46.33
C TYR J 6 -4.25 0.66 -47.01
N ASP J 7 -4.41 0.82 -48.32
CA ASP J 7 -5.37 0.04 -49.11
C ASP J 7 -5.04 -1.46 -49.12
N TYR J 8 -3.75 -1.79 -49.24
CA TYR J 8 -3.29 -3.18 -49.22
C TYR J 8 -1.92 -3.28 -48.55
N LEU J 9 -1.61 -4.46 -48.02
CA LEU J 9 -0.29 -4.72 -47.45
C LEU J 9 0.34 -5.95 -48.10
N PHE J 10 1.25 -5.70 -49.04
CA PHE J 10 1.90 -6.76 -49.79
C PHE J 10 3.19 -7.22 -49.11
N LYS J 11 3.28 -8.53 -48.87
CA LYS J 11 4.44 -9.14 -48.25
C LYS J 11 5.26 -9.90 -49.28
N LEU J 12 6.33 -9.27 -49.74
CA LEU J 12 7.28 -9.89 -50.67
C LEU J 12 8.66 -10.10 -50.01
N LEU J 13 9.35 -11.15 -50.42
CA LEU J 13 10.72 -11.40 -49.96
C LEU J 13 11.68 -11.68 -51.12
N LEU J 14 12.90 -11.17 -51.01
CA LEU J 14 13.91 -11.39 -52.06
C LEU J 14 14.96 -12.44 -51.69
N ILE J 15 15.05 -13.49 -52.51
CA ILE J 15 16.02 -14.57 -52.35
C ILE J 15 17.13 -14.49 -53.41
N GLY J 16 18.00 -15.50 -53.46
CA GLY J 16 19.14 -15.52 -54.39
C GLY J 16 20.46 -15.71 -53.69
N ASP J 17 21.49 -16.08 -54.44
CA ASP J 17 22.83 -16.38 -53.90
C ASP J 17 23.42 -15.28 -53.00
N SER J 18 24.48 -15.66 -52.27
CA SER J 18 25.17 -14.73 -51.37
C SER J 18 26.07 -13.75 -52.13
N GLY J 19 25.97 -12.48 -51.76
CA GLY J 19 26.73 -11.41 -52.41
C GLY J 19 26.30 -11.18 -53.85
N VAL J 20 24.99 -11.24 -54.08
CA VAL J 20 24.43 -11.05 -55.40
C VAL J 20 23.96 -9.61 -55.57
N GLY J 21 23.41 -9.03 -54.52
CA GLY J 21 22.95 -7.64 -54.56
C GLY J 21 21.61 -7.34 -53.90
N LYS J 22 21.06 -8.31 -53.17
CA LYS J 22 19.74 -8.17 -52.53
C LYS J 22 19.64 -7.01 -51.55
N SER J 23 20.53 -6.98 -50.56
CA SER J 23 20.49 -5.97 -49.50
C SER J 23 20.73 -4.55 -50.01
N CYS J 24 21.45 -4.44 -51.12
CA CYS J 24 21.72 -3.14 -51.75
C CYS J 24 20.56 -2.69 -52.64
N LEU J 25 19.84 -3.66 -53.20
CA LEU J 25 18.59 -3.38 -53.90
C LEU J 25 17.52 -2.88 -52.93
N LEU J 26 17.41 -3.56 -51.79
CA LEU J 26 16.45 -3.20 -50.75
C LEU J 26 16.73 -1.80 -50.21
N LEU J 27 17.95 -1.57 -49.72
CA LEU J 27 18.36 -0.25 -49.24
C LEU J 27 18.23 0.86 -50.28
N ARG J 28 18.39 0.51 -51.56
CA ARG J 28 18.15 1.46 -52.66
C ARG J 28 16.69 1.87 -52.75
N PHE J 29 15.78 0.91 -52.63
CA PHE J 29 14.36 1.16 -52.75
C PHE J 29 13.73 1.75 -51.47
N ALA J 30 14.19 1.26 -50.32
CA ALA J 30 13.65 1.72 -49.04
C ALA J 30 14.28 3.02 -48.57
N ASP J 31 15.60 3.06 -48.52
CA ASP J 31 16.34 4.18 -47.93
C ASP J 31 16.92 5.15 -48.96
N ASP J 32 16.95 4.73 -50.22
CA ASP J 32 17.49 5.53 -51.34
C ASP J 32 19.00 5.80 -51.20
N THR J 33 19.70 4.87 -50.55
CA THR J 33 21.16 5.00 -50.32
C THR J 33 21.93 3.81 -50.90
N TYR J 34 23.24 4.01 -51.09
CA TYR J 34 24.13 2.94 -51.52
C TYR J 34 25.50 3.06 -50.84
N THR J 35 25.77 2.12 -49.95
CA THR J 35 27.08 2.02 -49.30
C THR J 35 27.88 0.87 -49.90
N GLU J 36 29.20 1.02 -49.92
CA GLU J 36 30.08 0.05 -50.59
C GLU J 36 30.18 -1.31 -49.87
N SER J 37 30.24 -1.28 -48.54
CA SER J 37 30.27 -2.52 -47.77
C SER J 37 28.86 -2.88 -47.26
N TYR J 38 28.24 -1.95 -46.57
CA TYR J 38 27.04 -2.20 -45.77
C TYR J 38 27.32 -3.27 -44.69
N ILE J 39 26.78 -4.48 -44.87
CA ILE J 39 26.92 -5.57 -43.89
C ILE J 39 26.44 -6.88 -44.49
N SER J 40 27.08 -7.98 -44.10
CA SER J 40 26.62 -9.32 -44.47
C SER J 40 25.30 -9.54 -43.75
N THR J 41 24.33 -10.15 -44.43
CA THR J 41 23.01 -10.36 -43.82
C THR J 41 22.85 -11.77 -43.26
N ILE J 42 22.69 -11.83 -41.95
CA ILE J 42 22.52 -13.09 -41.24
C ILE J 42 21.10 -13.14 -40.69
N GLY J 43 20.43 -14.27 -40.87
CA GLY J 43 19.04 -14.40 -40.46
C GLY J 43 18.13 -13.72 -41.47
N VAL J 44 17.01 -13.19 -40.98
CA VAL J 44 16.01 -12.54 -41.84
C VAL J 44 15.40 -11.31 -41.18
N ASP J 45 15.14 -10.27 -41.97
CA ASP J 45 14.30 -9.15 -41.53
C ASP J 45 13.79 -8.36 -42.72
N PHE J 46 13.09 -7.25 -42.45
CA PHE J 46 12.47 -6.45 -43.50
C PHE J 46 12.60 -4.95 -43.30
N LYS J 47 12.37 -4.20 -44.37
CA LYS J 47 12.27 -2.74 -44.32
C LYS J 47 10.96 -2.30 -44.98
N ILE J 48 10.55 -1.07 -44.73
CA ILE J 48 9.19 -0.61 -45.05
C ILE J 48 9.16 0.46 -46.16
N ARG J 49 8.09 0.46 -46.95
CA ARG J 49 7.91 1.40 -48.06
C ARG J 49 6.44 1.47 -48.50
N THR J 50 5.88 2.66 -48.52
CA THR J 50 4.50 2.86 -48.95
C THR J 50 4.45 3.66 -50.25
N ILE J 51 3.94 3.04 -51.31
CA ILE J 51 3.76 3.71 -52.61
C ILE J 51 2.37 3.46 -53.24
N GLU J 52 1.90 4.41 -54.04
CA GLU J 52 0.60 4.31 -54.68
C GLU J 52 0.68 3.71 -56.09
N LEU J 53 0.01 2.59 -56.28
CA LEU J 53 -0.13 1.96 -57.59
C LEU J 53 -1.58 2.05 -58.03
N ASP J 54 -1.82 2.78 -59.14
CA ASP J 54 -3.15 3.07 -59.67
C ASP J 54 -4.06 3.81 -58.67
N GLY J 55 -3.46 4.71 -57.89
CA GLY J 55 -4.20 5.58 -56.98
C GLY J 55 -4.51 5.02 -55.59
N LYS J 56 -4.12 3.78 -55.34
CA LYS J 56 -4.37 3.13 -54.05
C LYS J 56 -3.11 3.10 -53.17
N THR J 57 -3.27 3.51 -51.90
CA THR J 57 -2.15 3.57 -50.95
C THR J 57 -1.69 2.19 -50.49
N ILE J 58 -0.57 1.73 -51.05
CA ILE J 58 -0.07 0.38 -50.81
C ILE J 58 1.29 0.33 -50.07
N LYS J 59 1.27 -0.20 -48.85
CA LYS J 59 2.51 -0.39 -48.07
C LYS J 59 3.08 -1.78 -48.31
N LEU J 60 4.30 -1.81 -48.85
CA LEU J 60 5.03 -3.04 -49.08
C LEU J 60 6.03 -3.22 -47.96
N GLN J 61 6.02 -4.40 -47.35
CA GLN J 61 7.11 -4.79 -46.48
C GLN J 61 7.93 -5.83 -47.21
N ILE J 62 9.23 -5.56 -47.34
CA ILE J 62 10.13 -6.40 -48.15
C ILE J 62 11.14 -7.13 -47.27
N TRP J 63 10.99 -8.44 -47.21
CA TRP J 63 11.85 -9.30 -46.39
C TRP J 63 13.16 -9.61 -47.12
N ASP J 64 14.27 -9.50 -46.39
CA ASP J 64 15.62 -9.76 -46.91
C ASP J 64 16.20 -11.07 -46.33
N THR J 65 16.70 -11.92 -47.21
CA THR J 65 17.19 -13.24 -46.82
C THR J 65 18.72 -13.31 -46.78
N ALA J 66 19.24 -14.34 -46.12
CA ALA J 66 20.66 -14.69 -46.19
C ALA J 66 20.89 -15.65 -47.36
N GLY J 67 21.77 -15.26 -48.28
CA GLY J 67 21.97 -15.98 -49.52
C GLY J 67 22.63 -17.34 -49.46
N GLN J 68 23.44 -17.59 -48.44
CA GLN J 68 24.23 -18.82 -48.37
C GLN J 68 23.34 -20.07 -48.35
N GLU J 69 23.85 -21.14 -48.94
CA GLU J 69 23.10 -22.37 -49.18
C GLU J 69 22.77 -23.15 -47.90
N ARG J 70 23.32 -22.71 -46.77
CA ARG J 70 23.07 -23.38 -45.50
C ARG J 70 21.91 -22.73 -44.76
N PHE J 71 21.57 -21.50 -45.15
CA PHE J 71 20.49 -20.75 -44.50
C PHE J 71 19.12 -21.05 -45.12
N ARG J 72 19.12 -21.88 -46.17
CA ARG J 72 17.91 -22.34 -46.85
C ARG J 72 16.87 -22.89 -45.87
N THR J 73 17.30 -23.79 -44.99
CA THR J 73 16.40 -24.44 -44.04
C THR J 73 15.89 -23.48 -42.95
N ILE J 74 16.42 -22.27 -42.90
CA ILE J 74 15.90 -21.23 -42.01
C ILE J 74 14.97 -20.30 -42.78
N THR J 75 15.39 -19.93 -43.99
CA THR J 75 14.59 -19.07 -44.87
C THR J 75 13.25 -19.73 -45.25
N SER J 76 13.24 -21.06 -45.33
CA SER J 76 12.09 -21.83 -45.83
C SER J 76 10.74 -21.50 -45.20
N SER J 77 10.74 -21.04 -43.95
CA SER J 77 9.51 -20.70 -43.24
C SER J 77 8.80 -19.45 -43.80
N TYR J 78 9.58 -18.50 -44.30
CA TYR J 78 9.05 -17.19 -44.70
C TYR J 78 8.52 -17.19 -46.14
N TYR J 79 8.81 -18.25 -46.87
CA TYR J 79 8.25 -18.48 -48.20
C TYR J 79 6.73 -18.63 -48.11
N ARG J 80 6.29 -19.40 -47.10
CA ARG J 80 4.90 -19.78 -46.90
C ARG J 80 3.87 -18.67 -47.19
N GLY J 81 4.03 -17.52 -46.53
CA GLY J 81 3.04 -16.45 -46.61
C GLY J 81 3.42 -15.23 -47.43
N ALA J 82 4.26 -15.45 -48.43
CA ALA J 82 4.73 -14.36 -49.30
C ALA J 82 3.78 -14.09 -50.47
N HIS J 83 3.43 -12.81 -50.66
CA HIS J 83 2.65 -12.38 -51.81
C HIS J 83 3.48 -12.41 -53.09
N GLY J 84 4.76 -12.06 -52.97
CA GLY J 84 5.70 -12.10 -54.11
C GLY J 84 7.11 -12.49 -53.72
N ILE J 85 7.88 -12.98 -54.70
CA ILE J 85 9.27 -13.37 -54.46
C ILE J 85 10.17 -12.82 -55.57
N ILE J 86 11.32 -12.27 -55.19
CA ILE J 86 12.29 -11.73 -56.15
C ILE J 86 13.56 -12.56 -56.15
N VAL J 87 13.81 -13.27 -57.24
CA VAL J 87 15.02 -14.07 -57.36
C VAL J 87 16.12 -13.20 -57.97
N VAL J 88 17.18 -12.95 -57.20
CA VAL J 88 18.27 -12.05 -57.61
C VAL J 88 19.54 -12.83 -57.98
N TYR J 89 20.08 -12.55 -59.16
CA TYR J 89 21.35 -13.11 -59.56
C TYR J 89 22.32 -12.01 -60.02
N ASP J 90 23.61 -12.22 -59.75
CA ASP J 90 24.66 -11.28 -60.14
C ASP J 90 25.13 -11.62 -61.56
N VAL J 91 25.14 -10.62 -62.44
CA VAL J 91 25.60 -10.81 -63.83
C VAL J 91 27.12 -11.06 -63.91
N THR J 92 27.84 -10.67 -62.86
CA THR J 92 29.27 -10.92 -62.73
C THR J 92 29.56 -12.38 -62.38
N ASP J 93 28.75 -12.95 -61.50
CA ASP J 93 28.90 -14.33 -61.07
C ASP J 93 28.03 -15.27 -61.90
N GLN J 94 28.65 -16.09 -62.74
CA GLN J 94 27.90 -17.01 -63.60
C GLN J 94 27.21 -18.10 -62.79
N GLU J 95 27.74 -18.37 -61.59
CA GLU J 95 27.17 -19.39 -60.71
C GLU J 95 25.91 -18.91 -60.01
N SER J 96 25.73 -17.59 -59.91
CA SER J 96 24.48 -17.05 -59.37
C SER J 96 23.31 -17.31 -60.32
N TYR J 97 23.57 -17.25 -61.63
CA TYR J 97 22.58 -17.64 -62.63
C TYR J 97 22.43 -19.17 -62.69
N ALA J 98 23.53 -19.88 -62.54
CA ALA J 98 23.49 -21.35 -62.54
C ALA J 98 22.60 -21.86 -61.41
N ASN J 99 22.71 -21.18 -60.27
CA ASN J 99 21.93 -21.50 -59.07
C ASN J 99 20.48 -21.02 -59.10
N VAL J 100 20.13 -20.22 -60.11
CA VAL J 100 18.77 -19.71 -60.24
C VAL J 100 17.74 -20.84 -60.33
N LYS J 101 18.13 -21.94 -61.00
CA LYS J 101 17.28 -23.14 -61.08
C LYS J 101 16.99 -23.67 -59.68
N GLN J 102 18.00 -23.62 -58.80
CA GLN J 102 17.90 -24.10 -57.42
C GLN J 102 16.96 -23.27 -56.55
N TRP J 103 17.03 -21.95 -56.68
CA TRP J 103 16.16 -21.05 -55.93
C TRP J 103 14.69 -21.25 -56.33
N LEU J 104 14.48 -21.60 -57.59
CA LEU J 104 13.12 -21.84 -58.11
C LEU J 104 12.51 -23.11 -57.55
N GLN J 105 13.35 -24.08 -57.18
CA GLN J 105 12.88 -25.27 -56.45
C GLN J 105 12.36 -24.87 -55.07
N GLU J 106 13.00 -23.87 -54.48
CA GLU J 106 12.69 -23.44 -53.12
C GLU J 106 11.36 -22.70 -53.06
N ILE J 107 10.93 -22.15 -54.19
CA ILE J 107 9.60 -21.56 -54.31
C ILE J 107 8.52 -22.63 -54.58
N ASP J 108 8.88 -23.65 -55.37
CA ASP J 108 8.00 -24.78 -55.66
C ASP J 108 7.59 -25.54 -54.40
N ARG J 109 8.47 -25.56 -53.41
CA ARG J 109 8.28 -26.41 -52.24
C ARG J 109 7.58 -25.70 -51.08
N TYR J 110 8.10 -24.54 -50.69
CA TYR J 110 7.72 -23.92 -49.42
C TYR J 110 6.79 -22.73 -49.55
N ALA J 111 6.56 -22.27 -50.79
CA ALA J 111 5.79 -21.05 -51.03
C ALA J 111 4.40 -21.31 -51.61
N SER J 112 3.58 -20.25 -51.65
CA SER J 112 2.23 -20.26 -52.19
C SER J 112 2.17 -20.89 -53.58
N GLU J 113 1.10 -21.63 -53.84
CA GLU J 113 0.90 -22.34 -55.10
C GLU J 113 0.83 -21.39 -56.30
N ASN J 114 0.17 -20.26 -56.11
CA ASN J 114 0.01 -19.26 -57.17
C ASN J 114 0.71 -17.91 -56.86
N VAL J 115 1.90 -18.00 -56.28
CA VAL J 115 2.65 -16.82 -55.87
C VAL J 115 3.15 -16.00 -57.07
N ASN J 116 3.38 -14.71 -56.83
CA ASN J 116 4.06 -13.84 -57.79
C ASN J 116 5.58 -14.07 -57.79
N LYS J 117 6.17 -14.12 -58.97
CA LYS J 117 7.61 -14.36 -59.12
C LYS J 117 8.26 -13.29 -59.99
N LEU J 118 9.53 -12.98 -59.71
CA LEU J 118 10.31 -12.04 -60.50
C LEU J 118 11.79 -12.43 -60.53
N LEU J 119 12.41 -12.32 -61.70
CA LEU J 119 13.84 -12.57 -61.86
C LEU J 119 14.56 -11.26 -62.09
N VAL J 120 15.55 -10.96 -61.23
CA VAL J 120 16.33 -9.73 -61.33
C VAL J 120 17.83 -10.00 -61.46
N GLY J 121 18.43 -9.46 -62.53
CA GLY J 121 19.88 -9.46 -62.67
C GLY J 121 20.47 -8.17 -62.11
N ASN J 122 21.31 -8.30 -61.09
CA ASN J 122 21.88 -7.12 -60.45
C ASN J 122 23.34 -6.88 -60.84
N LYS J 123 23.75 -5.61 -60.75
CA LYS J 123 25.07 -5.11 -61.17
C LYS J 123 25.15 -4.90 -62.69
N SER J 124 24.12 -4.23 -63.22
CA SER J 124 24.05 -3.87 -64.64
C SER J 124 25.06 -2.79 -65.02
N ASP J 125 25.70 -2.19 -64.02
CA ASP J 125 26.68 -1.13 -64.25
C ASP J 125 28.03 -1.68 -64.74
N LEU J 126 28.43 -2.84 -64.20
CA LEU J 126 29.72 -3.45 -64.53
C LEU J 126 29.71 -4.07 -65.93
N THR J 127 29.70 -3.21 -66.94
CA THR J 127 29.61 -3.61 -68.34
C THR J 127 30.76 -4.50 -68.81
N THR J 128 31.95 -4.28 -68.25
CA THR J 128 33.14 -5.02 -68.66
C THR J 128 33.19 -6.46 -68.11
N LYS J 129 32.77 -6.63 -66.86
CA LYS J 129 32.89 -7.91 -66.17
C LYS J 129 31.61 -8.77 -66.18
N LYS J 130 30.63 -8.41 -67.00
CA LYS J 130 29.38 -9.18 -67.14
C LYS J 130 29.62 -10.51 -67.84
N VAL J 131 29.05 -11.58 -67.29
CA VAL J 131 29.24 -12.91 -67.83
C VAL J 131 27.91 -13.59 -68.20
N VAL J 132 26.80 -12.98 -67.79
CA VAL J 132 25.46 -13.54 -68.04
C VAL J 132 24.74 -12.75 -69.13
N ASP J 133 24.50 -13.43 -70.25
CA ASP J 133 23.90 -12.81 -71.44
C ASP J 133 22.45 -12.41 -71.20
N ASN J 134 22.19 -11.11 -71.40
CA ASN J 134 20.87 -10.51 -71.28
C ASN J 134 19.78 -11.23 -72.09
N THR J 135 20.06 -11.44 -73.38
CA THR J 135 19.13 -12.09 -74.31
C THR J 135 18.74 -13.53 -73.91
N THR J 136 19.67 -14.24 -73.28
CA THR J 136 19.44 -15.64 -72.91
C THR J 136 18.77 -15.82 -71.54
N ALA J 137 18.96 -14.84 -70.66
CA ALA J 137 18.27 -14.85 -69.36
C ALA J 137 16.81 -14.45 -69.53
N LYS J 138 16.57 -13.51 -70.46
CA LYS J 138 15.22 -13.06 -70.78
C LYS J 138 14.39 -14.18 -71.36
N GLU J 139 15.04 -15.09 -72.09
CA GLU J 139 14.36 -16.24 -72.68
C GLU J 139 13.95 -17.27 -71.65
N PHE J 140 14.88 -17.66 -70.79
CA PHE J 140 14.60 -18.58 -69.70
C PHE J 140 13.47 -18.07 -68.81
N ALA J 141 13.51 -16.78 -68.48
CA ALA J 141 12.49 -16.14 -67.65
C ALA J 141 11.11 -16.17 -68.30
N ASP J 142 11.09 -15.96 -69.62
CA ASP J 142 9.87 -16.07 -70.42
C ASP J 142 9.46 -17.51 -70.64
N SER J 143 10.39 -18.43 -70.38
CA SER J 143 10.14 -19.87 -70.52
C SER J 143 9.15 -20.38 -69.47
N LEU J 144 9.21 -19.81 -68.27
CA LEU J 144 8.31 -20.20 -67.18
C LEU J 144 7.30 -19.09 -66.85
N GLY J 145 7.18 -18.10 -67.74
CA GLY J 145 6.21 -17.02 -67.61
C GLY J 145 6.51 -16.01 -66.52
N ILE J 146 7.79 -15.70 -66.33
CA ILE J 146 8.26 -14.82 -65.25
C ILE J 146 8.80 -13.50 -65.82
N PRO J 147 8.39 -12.36 -65.22
CA PRO J 147 8.92 -11.04 -65.59
C PRO J 147 10.40 -10.90 -65.26
N PHE J 148 11.15 -10.21 -66.13
CA PHE J 148 12.60 -10.08 -65.96
C PHE J 148 13.13 -8.67 -66.18
N LEU J 149 13.80 -8.13 -65.16
CA LEU J 149 14.47 -6.85 -65.25
C LEU J 149 15.93 -6.99 -64.83
N GLU J 150 16.81 -6.29 -65.54
CA GLU J 150 18.23 -6.24 -65.20
C GLU J 150 18.54 -4.84 -64.66
N THR J 151 19.14 -4.78 -63.48
CA THR J 151 19.32 -3.53 -62.77
C THR J 151 20.61 -3.47 -61.97
N SER J 152 21.08 -2.24 -61.70
CA SER J 152 22.17 -2.03 -60.77
C SER J 152 21.65 -1.29 -59.54
N ALA J 153 22.33 -1.45 -58.42
CA ALA J 153 22.02 -0.69 -57.21
C ALA J 153 23.01 0.45 -57.03
N LYS J 154 24.28 0.22 -57.35
CA LYS J 154 25.33 1.24 -57.27
C LYS J 154 24.83 2.53 -57.91
N ASN J 155 24.29 2.40 -59.12
CA ASN J 155 23.50 3.44 -59.77
C ASN J 155 22.04 3.05 -59.62
N ALA J 156 21.16 4.05 -59.55
CA ALA J 156 19.74 3.82 -59.27
C ALA J 156 18.97 3.11 -60.40
N THR J 157 19.58 3.06 -61.59
CA THR J 157 18.93 2.55 -62.82
C THR J 157 18.13 1.26 -62.67
N ASN J 158 16.82 1.36 -62.92
CA ASN J 158 15.86 0.23 -62.94
C ASN J 158 15.49 -0.40 -61.60
N VAL J 159 16.06 0.09 -60.50
CA VAL J 159 15.81 -0.49 -59.17
C VAL J 159 14.38 -0.29 -58.69
N GLU J 160 13.79 0.86 -59.03
CA GLU J 160 12.40 1.15 -58.69
C GLU J 160 11.41 0.36 -59.53
N GLN J 161 11.64 0.33 -60.85
CA GLN J 161 10.75 -0.37 -61.77
C GLN J 161 10.56 -1.83 -61.40
N ALA J 162 11.62 -2.48 -60.92
CA ALA J 162 11.58 -3.88 -60.51
C ALA J 162 10.55 -4.14 -59.40
N PHE J 163 10.54 -3.28 -58.40
CA PHE J 163 9.58 -3.37 -57.29
C PHE J 163 8.17 -2.94 -57.70
N MET J 164 8.07 -1.86 -58.48
CA MET J 164 6.78 -1.35 -58.96
C MET J 164 6.05 -2.38 -59.81
N THR J 165 6.78 -3.07 -60.69
CA THR J 165 6.20 -4.08 -61.57
C THR J 165 5.64 -5.28 -60.79
N MET J 166 6.39 -5.74 -59.79
CA MET J 166 5.92 -6.83 -58.92
C MET J 166 4.68 -6.42 -58.13
N ALA J 167 4.69 -5.20 -57.60
CA ALA J 167 3.54 -4.64 -56.89
C ALA J 167 2.32 -4.49 -57.80
N ALA J 168 2.58 -4.14 -59.07
CA ALA J 168 1.54 -4.01 -60.08
C ALA J 168 0.98 -5.38 -60.48
N GLU J 169 1.87 -6.33 -60.73
CA GLU J 169 1.47 -7.69 -61.11
C GLU J 169 0.90 -8.47 -59.92
N ILE J 170 1.11 -7.96 -58.71
CA ILE J 170 0.53 -8.54 -57.50
C ILE J 170 -0.85 -7.95 -57.18
N LYS J 171 -1.05 -6.67 -57.52
CA LYS J 171 -2.36 -6.02 -57.37
C LYS J 171 -3.41 -6.69 -58.25
N LYS J 172 -2.97 -7.25 -59.36
CA LYS J 172 -3.82 -8.02 -60.27
C LYS J 172 -4.28 -9.33 -59.63
N ARG J 173 -3.33 -10.10 -59.09
CA ARG J 173 -3.62 -11.39 -58.47
C ARG J 173 -4.62 -11.28 -57.31
N MET J 174 -4.42 -10.27 -56.46
CA MET J 174 -5.29 -10.04 -55.32
C MET J 174 -6.26 -8.90 -55.60
N GLY J 175 -7.53 -9.24 -55.84
CA GLY J 175 -8.57 -8.26 -56.14
C GLY J 175 -9.06 -7.54 -54.90
S SO4 K . -17.27 17.26 29.73
O1 SO4 K . -18.37 18.22 29.67
O2 SO4 K . -16.36 17.54 28.64
O3 SO4 K . -16.54 17.39 31.00
O4 SO4 K . -17.81 15.90 29.63
MG MG L . 13.73 10.23 44.04
PB GDP M . 12.26 10.36 46.76
O1B GDP M . 11.46 9.14 46.74
O2B GDP M . 12.51 10.95 45.43
O3B GDP M . 13.41 10.32 47.65
O3A GDP M . 11.32 11.44 47.44
PA GDP M . 11.47 12.99 47.05
O1A GDP M . 12.78 13.51 47.49
O2A GDP M . 11.07 13.17 45.64
O5' GDP M . 10.36 13.61 47.99
C5' GDP M . 9.78 14.83 47.52
C4' GDP M . 8.72 15.30 48.51
O4' GDP M . 9.04 14.91 49.86
C3' GDP M . 8.77 16.81 48.46
O3' GDP M . 7.70 17.26 47.59
C2' GDP M . 8.58 17.27 49.91
O2' GDP M . 7.20 17.49 50.20
C1' GDP M . 9.04 16.09 50.72
N9 GDP M . 10.38 16.25 51.35
C8 GDP M . 11.52 15.74 50.88
N7 GDP M . 12.50 16.05 51.71
C5 GDP M . 11.98 16.75 52.71
C6 GDP M . 12.55 17.28 53.79
O6 GDP M . 13.77 17.17 53.99
N1 GDP M . 11.75 17.98 54.71
C2 GDP M . 10.38 18.10 54.44
N2 GDP M . 9.60 18.76 55.29
N3 GDP M . 9.87 17.53 53.35
C4 GDP M . 10.66 16.87 52.49
BE BEF N . 11.16 8.44 44.87
F1 BEF N . 11.30 6.92 45.05
F2 BEF N . 9.74 8.85 44.36
F3 BEF N . 12.17 8.90 43.81
S SO4 O . 28.22 25.19 23.95
O1 SO4 O . 27.37 26.24 23.40
O2 SO4 O . 28.58 25.52 25.34
O3 SO4 O . 27.51 23.91 23.93
O4 SO4 O . 29.44 25.09 23.15
MG MG P . 8.45 40.07 -3.15
PB GDP Q . 7.17 42.46 -5.34
O1B GDP Q . 6.82 41.25 -6.08
O2B GDP Q . 6.50 43.67 -5.84
O3B GDP Q . 8.59 42.64 -5.05
O3A GDP Q . 6.50 42.27 -3.90
PA GDP Q . 4.91 42.38 -3.67
O1A GDP Q . 4.24 41.61 -4.72
O2A GDP Q . 4.66 42.03 -2.25
O5' GDP Q . 4.55 43.92 -3.86
C5' GDP Q . 4.74 44.84 -2.78
C4' GDP Q . 3.46 45.63 -2.44
O4' GDP Q . 2.75 45.97 -3.65
C3' GDP Q . 2.46 44.77 -1.69
O3' GDP Q . 2.83 44.68 -0.31
C2' GDP Q . 1.22 45.62 -1.85
O2' GDP Q . 1.27 46.76 -0.96
C1' GDP Q . 1.37 46.17 -3.26
N9 GDP Q . 0.52 45.43 -4.23
C8 GDP Q . 0.84 44.29 -4.83
N7 GDP Q . -0.16 43.96 -5.64
C5 GDP Q . -1.09 44.90 -5.54
C6 GDP Q . -2.26 45.03 -6.15
O6 GDP Q . -2.64 44.17 -6.95
N1 GDP Q . -3.07 46.13 -5.88
C2 GDP Q . -2.61 47.08 -4.96
N2 GDP Q . -3.35 48.15 -4.67
N3 GDP Q . -1.41 46.90 -4.37
C4 GDP Q . -0.67 45.83 -4.66
BE BEF R . 9.96 41.84 -4.86
F1 BEF R . 9.64 40.33 -4.96
F2 BEF R . 10.99 42.35 -5.92
F3 BEF R . 10.54 42.23 -3.48
S SO4 S . -2.55 -1.00 -15.79
O1 SO4 S . -2.49 0.38 -15.29
O2 SO4 S . -1.95 -1.90 -14.82
O3 SO4 S . -3.96 -1.37 -16.01
O4 SO4 S . -1.83 -1.07 -17.06
S SO4 T . -21.21 -5.69 6.18
O1 SO4 T . -20.24 -5.34 7.21
O2 SO4 T . -21.63 -7.08 6.36
O3 SO4 T . -22.38 -4.82 6.30
O4 SO4 T . -20.60 -5.53 4.86
MG MG U . 4.30 -22.08 10.60
PB GDP V . 5.83 -20.05 12.11
O1B GDP V . 6.60 -20.07 13.37
O2B GDP V . 4.66 -19.13 12.14
O3B GDP V . 5.57 -21.35 11.49
O3A GDP V . 6.78 -19.31 11.07
PA GDP V . 8.06 -20.04 10.41
O1A GDP V . 8.55 -21.10 11.32
O2A GDP V . 7.67 -20.37 9.02
O5' GDP V . 9.15 -18.87 10.37
C5' GDP V . 9.15 -17.98 9.24
C4' GDP V . 10.43 -17.18 9.21
O4' GDP V . 11.04 -17.26 10.49
C3' GDP V . 11.44 -17.84 8.27
O3' GDP V . 11.24 -17.34 6.91
C2' GDP V . 12.76 -17.37 8.81
O2' GDP V . 13.04 -16.06 8.27
C1' GDP V . 12.48 -17.19 10.30
N9 GDP V . 13.12 -18.23 11.17
C8 GDP V . 12.53 -19.33 11.65
N7 GDP V . 13.41 -19.96 12.42
C5 GDP V . 14.54 -19.26 12.42
C6 GDP V . 15.72 -19.47 13.03
O6 GDP V . 15.92 -20.46 13.74
N1 GDP V . 16.76 -18.54 12.85
C2 GDP V . 16.53 -17.43 12.03
N2 GDP V . 17.49 -16.53 11.84
N3 GDP V . 15.33 -17.28 11.46
C4 GDP V . 14.35 -18.19 11.65
BE BEF W . 3.18 -19.45 11.22
F1 BEF W . 2.43 -18.13 11.07
F2 BEF W . 3.18 -20.25 9.87
F3 BEF W . 2.50 -20.34 12.29
MG MG X . -42.75 -17.22 3.83
PB GDP Y . -40.35 -17.75 5.11
O1B GDP Y . -39.06 -17.87 5.81
O2B GDP Y . -40.24 -17.79 3.64
O3B GDP Y . -41.27 -16.70 5.61
O3A GDP Y . -41.10 -19.13 5.46
PA GDP Y . -40.94 -20.37 4.43
O1A GDP Y . -41.99 -20.23 3.39
O2A GDP Y . -39.52 -20.40 4.05
O5' GDP Y . -41.26 -21.67 5.31
C5' GDP Y . -40.25 -22.67 5.50
C4' GDP Y . -39.87 -23.40 4.20
O4' GDP Y . -38.60 -24.04 4.39
C3' GDP Y . -40.86 -24.49 3.90
O3' GDP Y . -41.32 -24.33 2.56
C2' GDP Y . -40.10 -25.82 4.09
O2' GDP Y . -39.77 -26.44 2.83
C1' GDP Y . -38.82 -25.43 4.80
N9 GDP Y . -38.87 -25.67 6.30
C8 GDP Y . -39.16 -24.81 7.29
N7 GDP Y . -39.08 -25.44 8.45
C5 GDP Y . -38.72 -26.71 8.20
C6 GDP Y . -38.51 -27.74 9.03
O6 GDP Y . -38.62 -27.61 10.25
N1 GDP Y . -38.14 -28.98 8.50
C2 GDP Y . -38.02 -29.10 7.10
N2 GDP Y . -37.69 -30.27 6.55
N3 GDP Y . -38.25 -28.03 6.33
C4 GDP Y . -38.59 -26.85 6.87
BE BEF Z . -40.47 -15.77 3.23
F1 BEF Z . -41.34 -15.79 1.97
F2 BEF Z . -40.58 -14.43 4.01
F3 BEF Z . -38.99 -15.92 2.80
S SO4 AA . 24.89 -2.30 -16.01
O1 SO4 AA . 24.26 -1.05 -16.39
O2 SO4 AA . 25.66 -2.11 -14.78
O3 SO4 AA . 23.88 -3.33 -15.77
O4 SO4 AA . 25.78 -2.72 -17.10
MG MG BA . 22.26 -9.30 -47.72
PB GDP CA . 23.28 -10.01 -50.51
O1B GDP CA . 22.31 -9.05 -51.03
O2B GDP CA . 23.84 -10.90 -51.54
O3B GDP CA . 22.88 -10.68 -49.27
O3A GDP CA . 24.53 -9.11 -50.12
PA GDP CA . 24.73 -7.70 -50.88
O1A GDP CA . 24.12 -7.86 -52.21
O2A GDP CA . 24.28 -6.59 -50.00
O5' GDP CA . 26.29 -7.55 -51.12
C5' GDP CA . 26.60 -6.58 -52.12
C4' GDP CA . 28.01 -6.71 -52.68
O4' GDP CA . 27.97 -6.53 -54.12
C3' GDP CA . 28.82 -5.55 -52.13
O3' GDP CA . 30.21 -5.87 -52.17
C2' GDP CA . 28.48 -4.42 -53.08
O2' GDP CA . 29.59 -3.51 -53.14
C1' GDP CA . 28.27 -5.13 -54.44
N9 GDP CA . 27.17 -4.49 -55.27
C8 GDP CA . 25.89 -4.35 -54.92
N7 GDP CA . 25.24 -3.75 -55.92
C5 GDP CA . 26.12 -3.52 -56.90
C6 GDP CA . 25.96 -2.93 -58.10
O6 GDP CA . 24.87 -2.51 -58.46
N1 GDP CA . 27.07 -2.81 -58.95
C2 GDP CA . 28.31 -3.30 -58.51
N2 GDP CA . 29.39 -3.20 -59.29
N3 GDP CA . 28.38 -3.87 -57.30
C4 GDP CA . 27.31 -3.98 -56.49
BE BEF DA . 24.00 -12.15 -48.73
F1 BEF DA . 24.12 -13.67 -48.80
F2 BEF DA . 23.50 -11.70 -47.32
F3 BEF DA . 25.40 -11.55 -48.95
#